data_3A50
#
_entry.id   3A50
#
_cell.length_a   77.384
_cell.length_b   172.266
_cell.length_c   189.063
_cell.angle_alpha   90.00
_cell.angle_beta   90.00
_cell.angle_gamma   90.00
#
_symmetry.space_group_name_H-M   'P 21 21 21'
#
loop_
_entity.id
_entity.type
_entity.pdbx_description
1 polymer 'Vitamin D hydroxylase'
2 non-polymer 'PROTOPORPHYRIN IX CONTAINING FE'
3 non-polymer '(1S,3Z)-3-[(2E)-2-[(1R,3AR,7AS)-7A-METHYL-1-[(2R)-6-METHYLHEPTAN-2-YL]-2,3,3A,5,6,7-HEXAHYDRO-1H-INDEN-4-YLIDENE]ETHYLI DENE]-4-METHYLIDENE-CYCLOHEXAN-1-OL'
4 non-polymer 'ACETATE ION'
5 non-polymer 'CALCIUM ION'
6 non-polymer GLYCEROL
7 water water
#
_entity_poly.entity_id   1
_entity_poly.type   'polypeptide(L)'
_entity_poly.pdbx_seq_one_letter_code
;MALTTTGTEQHDLFSGTFWQNPHPAYAALRAEDPVRKLALPDGPVWLLTRYADVREAFVDPRLSKDWRHRLPEDQRADMP
ATPTPMMILMDPPDHTRLRKLVGRSFTVRRMNELEPRITEIADGLLAGLPTDGPVDLMREYAFQIPVQVICELLGLPAED
RDDFSAWSSVLVDDSPADDKNAAMGKLHGYLSDLLERKRTEPDDALLSSLLAVSDMDGDRLSQEELVAMAMLLLIAGHET
TVNLIGNGVLALLTHPDQRKLLAEDPSLISSAVEEFLRFDSPVSQAPIRFTAEDVTYSGVTIPAGEMVMLGLAAANRDAD
WMPEPDRLDITRDASGGVFFGHGIHFCLGAQLARLEGRVAIGRLFADRPELALAVGLDELVYRRSTLVRGLSRMPVTMGP
RSALEHHHHHH
;
_entity_poly.pdbx_strand_id   A,B,C,D,E
#
loop_
_chem_comp.id
_chem_comp.type
_chem_comp.name
_chem_comp.formula
ACT non-polymer 'ACETATE ION' 'C2 H3 O2 -1'
CA non-polymer 'CALCIUM ION' 'Ca 2'
GOL non-polymer GLYCEROL 'C3 H8 O3'
HEM non-polymer 'PROTOPORPHYRIN IX CONTAINING FE' 'C34 H32 Fe N4 O4'
VD3 non-polymer '(1S,3Z)-3-[(2E)-2-[(1R,3AR,7AS)-7A-METHYL-1-[(2R)-6-METHYLHEPTAN-2-YL]-2,3,3A,5,6,7-HEXAHYDRO-1H-INDEN-4-YLIDENE]ETHYLI DENE]-4-METHYLIDENE-CYCLOHEXAN-1-OL' 'C27 H44 O'
#
# COMPACT_ATOMS: atom_id res chain seq x y z
N ALA A 2 -43.63 -45.01 -6.66
CA ALA A 2 -42.52 -44.41 -5.88
C ALA A 2 -42.20 -43.02 -6.39
N LEU A 3 -41.35 -42.31 -5.66
CA LEU A 3 -41.03 -40.91 -5.92
C LEU A 3 -39.98 -40.74 -6.98
N THR A 4 -40.15 -39.72 -7.82
CA THR A 4 -39.19 -39.38 -8.85
C THR A 4 -39.06 -37.87 -8.96
N THR A 5 -37.95 -37.40 -9.50
CA THR A 5 -37.75 -35.97 -9.73
C THR A 5 -38.66 -35.47 -10.87
N THR A 6 -39.21 -34.28 -10.67
CA THR A 6 -40.03 -33.64 -11.69
C THR A 6 -39.15 -32.85 -12.61
N GLY A 7 -39.69 -32.50 -13.77
CA GLY A 7 -38.98 -31.63 -14.71
C GLY A 7 -38.47 -32.45 -15.88
N THR A 8 -37.39 -31.98 -16.46
CA THR A 8 -36.82 -32.57 -17.68
C THR A 8 -36.27 -34.00 -17.51
N GLU A 9 -35.78 -34.33 -16.31
CA GLU A 9 -35.21 -35.66 -16.03
C GLU A 9 -35.89 -36.36 -14.88
N GLN A 10 -36.33 -37.60 -15.09
CA GLN A 10 -36.96 -38.38 -14.01
C GLN A 10 -35.97 -39.37 -13.38
N HIS A 11 -35.67 -39.13 -12.11
CA HIS A 11 -34.79 -39.99 -11.28
C HIS A 11 -35.52 -40.42 -10.03
N ASP A 12 -35.32 -41.68 -9.65
CA ASP A 12 -35.90 -42.22 -8.44
C ASP A 12 -35.39 -41.44 -7.23
N LEU A 13 -36.28 -41.28 -6.25
CA LEU A 13 -35.95 -40.57 -5.03
C LEU A 13 -36.22 -41.45 -3.82
N PHE A 14 -35.17 -41.74 -3.06
CA PHE A 14 -35.27 -42.53 -1.83
C PHE A 14 -35.95 -43.90 -2.10
N SER A 15 -35.61 -44.48 -3.25
CA SER A 15 -36.02 -45.82 -3.68
C SER A 15 -35.30 -46.08 -4.98
N GLY A 16 -35.36 -47.33 -5.45
CA GLY A 16 -34.87 -47.68 -6.79
C GLY A 16 -33.40 -47.37 -6.98
N THR A 17 -33.07 -46.61 -8.02
CA THR A 17 -31.69 -46.29 -8.34
C THR A 17 -31.04 -45.28 -7.37
N PHE A 18 -31.84 -44.61 -6.54
CA PHE A 18 -31.32 -43.55 -5.65
C PHE A 18 -30.25 -44.05 -4.69
N TRP A 19 -30.44 -45.24 -4.12
CA TRP A 19 -29.50 -45.74 -3.14
C TRP A 19 -28.11 -46.00 -3.68
N GLN A 20 -28.06 -46.52 -4.92
CA GLN A 20 -26.83 -46.82 -5.61
C GLN A 20 -26.03 -45.55 -5.92
N ASN A 21 -26.70 -44.54 -6.48
CA ASN A 21 -26.09 -43.27 -6.82
C ASN A 21 -27.16 -42.18 -6.84
N PRO A 22 -27.22 -41.39 -5.75
CA PRO A 22 -28.27 -40.35 -5.62
C PRO A 22 -27.91 -39.04 -6.30
N HIS A 23 -26.69 -38.94 -6.82
CA HIS A 23 -26.15 -37.68 -7.25
C HIS A 23 -26.85 -37.07 -8.47
N PRO A 24 -27.17 -37.90 -9.49
CA PRO A 24 -28.06 -37.36 -10.54
C PRO A 24 -29.42 -36.82 -10.06
N ALA A 25 -30.11 -37.54 -9.16
CA ALA A 25 -31.37 -37.07 -8.58
C ALA A 25 -31.19 -35.72 -7.84
N TYR A 26 -30.16 -35.62 -7.00
CA TYR A 26 -29.81 -34.36 -6.35
C TYR A 26 -29.62 -33.22 -7.34
N ALA A 27 -28.95 -33.50 -8.46
CA ALA A 27 -28.69 -32.46 -9.44
C ALA A 27 -30.00 -32.00 -10.08
N ALA A 28 -30.91 -32.93 -10.33
CA ALA A 28 -32.21 -32.59 -10.94
C ALA A 28 -33.09 -31.81 -9.96
N LEU A 29 -33.04 -32.17 -8.69
CA LEU A 29 -33.61 -31.36 -7.61
C LEU A 29 -33.06 -29.96 -7.57
N ARG A 30 -31.75 -29.80 -7.47
CA ARG A 30 -31.15 -28.47 -7.48
C ARG A 30 -31.59 -27.63 -8.69
N ALA A 31 -31.59 -28.22 -9.89
CA ALA A 31 -31.84 -27.45 -11.12
C ALA A 31 -33.31 -27.04 -11.22
N GLU A 32 -34.20 -27.96 -10.90
CA GLU A 32 -35.59 -27.83 -11.25
C GLU A 32 -36.60 -28.02 -10.10
N ASP A 33 -36.14 -28.42 -8.90
CA ASP A 33 -37.06 -28.58 -7.76
C ASP A 33 -36.35 -28.42 -6.39
N PRO A 34 -35.74 -27.24 -6.14
CA PRO A 34 -34.77 -27.11 -5.03
C PRO A 34 -35.40 -27.11 -3.63
N VAL A 35 -36.72 -26.98 -3.56
CA VAL A 35 -37.42 -27.05 -2.31
C VAL A 35 -38.55 -28.04 -2.47
N ARG A 36 -38.23 -29.30 -2.23
CA ARG A 36 -39.08 -30.42 -2.66
C ARG A 36 -39.81 -31.06 -1.50
N LYS A 37 -41.14 -31.19 -1.59
CA LYS A 37 -41.90 -31.98 -0.62
C LYS A 37 -41.90 -33.45 -1.07
N LEU A 38 -41.40 -34.32 -0.20
CA LEU A 38 -41.31 -35.75 -0.50
C LEU A 38 -42.45 -36.48 0.22
N ALA A 39 -43.34 -37.12 -0.55
CA ALA A 39 -44.44 -37.89 0.06
C ALA A 39 -43.92 -39.26 0.46
N LEU A 40 -43.25 -39.31 1.61
CA LEU A 40 -42.62 -40.53 2.07
C LEU A 40 -43.60 -41.32 2.96
N PRO A 41 -43.41 -42.65 3.08
CA PRO A 41 -44.37 -43.51 3.78
C PRO A 41 -44.78 -43.05 5.20
N ASP A 42 -43.83 -42.63 6.03
CA ASP A 42 -44.16 -42.15 7.38
C ASP A 42 -44.60 -40.69 7.44
N GLY A 43 -44.84 -40.07 6.28
CA GLY A 43 -45.29 -38.67 6.28
C GLY A 43 -44.38 -37.81 5.43
N PRO A 44 -44.88 -36.64 4.98
CA PRO A 44 -44.11 -35.81 4.06
C PRO A 44 -42.93 -35.12 4.73
N VAL A 45 -41.84 -35.03 3.97
CA VAL A 45 -40.64 -34.36 4.46
C VAL A 45 -40.10 -33.55 3.30
N TRP A 46 -39.72 -32.30 3.60
CA TRP A 46 -39.22 -31.40 2.58
C TRP A 46 -37.73 -31.58 2.44
N LEU A 47 -37.20 -31.24 1.28
CA LEU A 47 -35.77 -31.36 1.06
C LEU A 47 -35.25 -30.11 0.34
N LEU A 48 -34.31 -29.42 0.98
CA LEU A 48 -33.56 -28.30 0.39
C LEU A 48 -32.25 -28.80 -0.17
N THR A 49 -31.95 -28.50 -1.44
CA THR A 49 -30.76 -28.99 -2.10
C THR A 49 -29.75 -27.94 -2.59
N ARG A 50 -30.15 -26.66 -2.71
CA ARG A 50 -29.21 -25.63 -3.20
C ARG A 50 -28.31 -25.15 -2.09
N TYR A 51 -27.03 -24.92 -2.39
CA TYR A 51 -26.04 -24.59 -1.36
C TYR A 51 -26.41 -23.33 -0.57
N ALA A 52 -26.79 -22.27 -1.27
CA ALA A 52 -27.16 -21.00 -0.60
C ALA A 52 -28.36 -21.15 0.31
N ASP A 53 -29.35 -21.93 -0.11
CA ASP A 53 -30.49 -22.23 0.77
C ASP A 53 -30.09 -23.06 1.98
N VAL A 54 -29.35 -24.14 1.73
CA VAL A 54 -28.94 -25.04 2.82
C VAL A 54 -28.10 -24.33 3.88
N ARG A 55 -27.07 -23.61 3.45
CA ARG A 55 -26.16 -22.98 4.41
C ARG A 55 -26.91 -21.95 5.28
N GLU A 56 -27.74 -21.11 4.63
CA GLU A 56 -28.54 -20.13 5.39
C GLU A 56 -29.59 -20.77 6.30
N ALA A 57 -30.27 -21.81 5.83
CA ALA A 57 -31.24 -22.57 6.65
C ALA A 57 -30.70 -23.04 7.99
N PHE A 58 -29.41 -23.37 8.01
CA PHE A 58 -28.69 -23.83 9.22
C PHE A 58 -28.66 -22.75 10.32
N VAL A 59 -28.75 -21.49 9.96
CA VAL A 59 -28.76 -20.39 10.94
C VAL A 59 -30.11 -19.66 11.02
N ASP A 60 -31.15 -20.31 10.50
CA ASP A 60 -32.50 -19.74 10.46
C ASP A 60 -33.28 -20.37 11.60
N PRO A 61 -33.55 -19.60 12.68
CA PRO A 61 -34.18 -20.22 13.84
C PRO A 61 -35.65 -20.67 13.62
N ARG A 62 -36.28 -20.28 12.51
CA ARG A 62 -37.62 -20.75 12.12
C ARG A 62 -37.56 -22.23 11.76
N LEU A 63 -36.37 -22.69 11.43
CA LEU A 63 -36.09 -24.12 11.24
C LEU A 63 -35.49 -24.70 12.50
N SER A 64 -36.40 -25.16 13.36
CA SER A 64 -36.14 -25.51 14.75
C SER A 64 -35.87 -27.02 14.93
N LYS A 65 -35.24 -27.44 16.03
CA LYS A 65 -35.10 -28.86 16.32
C LYS A 65 -36.22 -29.38 17.23
N ASP A 66 -37.11 -28.48 17.66
CA ASP A 66 -38.19 -28.82 18.58
C ASP A 66 -39.32 -29.49 17.80
N TRP A 67 -39.43 -30.80 17.97
CA TRP A 67 -40.42 -31.60 17.29
C TRP A 67 -41.88 -31.25 17.62
N ARG A 68 -42.10 -30.43 18.65
CA ARG A 68 -43.47 -30.02 19.05
C ARG A 68 -44.06 -29.05 18.06
N HIS A 69 -43.22 -28.44 17.22
CA HIS A 69 -43.73 -27.61 16.13
C HIS A 69 -44.64 -28.33 15.11
N ARG A 70 -44.55 -29.66 15.03
CA ARG A 70 -45.50 -30.46 14.21
C ARG A 70 -46.95 -30.41 14.75
N LEU A 71 -47.07 -30.14 16.04
CA LEU A 71 -48.35 -30.13 16.76
C LEU A 71 -49.05 -28.79 16.74
N PRO A 72 -50.38 -28.78 16.77
CA PRO A 72 -51.03 -27.48 16.92
C PRO A 72 -50.69 -27.02 18.35
N GLU A 73 -50.68 -25.71 18.59
CA GLU A 73 -50.43 -25.19 19.95
C GLU A 73 -51.26 -25.91 21.03
N ASP A 74 -52.48 -26.33 20.69
CA ASP A 74 -53.41 -27.04 21.61
C ASP A 74 -52.83 -28.31 22.26
N GLN A 75 -51.64 -28.72 21.80
CA GLN A 75 -51.20 -30.08 21.97
C GLN A 75 -49.74 -30.10 22.45
N ARG A 76 -49.13 -28.93 22.59
CA ARG A 76 -47.69 -28.85 22.83
C ARG A 76 -47.35 -28.80 24.32
N ALA A 77 -48.31 -28.32 25.12
CA ALA A 77 -48.08 -28.01 26.54
C ALA A 77 -47.50 -29.18 27.31
N ASP A 78 -48.15 -30.33 27.13
CA ASP A 78 -47.91 -31.50 27.92
C ASP A 78 -46.79 -32.40 27.39
N MET A 79 -46.22 -31.98 26.26
CA MET A 79 -45.30 -32.84 25.51
C MET A 79 -43.85 -32.51 25.85
N PRO A 80 -43.00 -33.55 25.98
CA PRO A 80 -41.56 -33.31 26.19
C PRO A 80 -40.90 -32.67 24.97
N ALA A 81 -39.84 -31.92 25.21
CA ALA A 81 -39.17 -31.16 24.18
C ALA A 81 -38.50 -32.03 23.11
N THR A 82 -38.37 -33.31 23.44
CA THR A 82 -37.40 -34.22 22.84
C THR A 82 -37.88 -35.68 23.06
N PRO A 83 -37.65 -36.60 22.07
CA PRO A 83 -37.89 -38.01 22.37
C PRO A 83 -36.85 -38.60 23.32
N THR A 84 -35.66 -38.01 23.33
CA THR A 84 -34.55 -38.37 24.22
C THR A 84 -33.73 -37.08 24.32
N PRO A 85 -33.34 -36.65 25.54
CA PRO A 85 -32.80 -35.29 25.72
C PRO A 85 -31.35 -35.04 25.17
N MET A 86 -31.12 -35.35 23.89
CA MET A 86 -29.85 -35.08 23.21
C MET A 86 -29.84 -33.66 22.69
N MET A 87 -28.67 -33.03 22.71
CA MET A 87 -28.57 -31.61 22.31
C MET A 87 -28.85 -31.38 20.83
N ILE A 88 -28.62 -32.40 19.99
CA ILE A 88 -28.88 -32.29 18.56
C ILE A 88 -30.39 -32.18 18.27
N LEU A 89 -31.22 -32.47 19.28
CA LEU A 89 -32.69 -32.41 19.18
C LEU A 89 -33.29 -31.18 19.90
N MET A 90 -32.43 -30.22 20.25
CA MET A 90 -32.80 -29.05 21.04
C MET A 90 -32.41 -27.75 20.36
N ASP A 91 -33.12 -26.69 20.73
CA ASP A 91 -32.84 -25.31 20.41
C ASP A 91 -32.20 -24.68 21.66
N PRO A 92 -31.66 -23.44 21.54
CA PRO A 92 -31.26 -22.65 22.71
C PRO A 92 -32.48 -22.37 23.60
N PRO A 93 -32.27 -22.19 24.92
CA PRO A 93 -31.00 -22.22 25.64
C PRO A 93 -30.46 -23.58 26.04
N ASP A 94 -31.28 -24.65 26.03
CA ASP A 94 -30.77 -25.92 26.50
C ASP A 94 -29.64 -26.42 25.59
N HIS A 95 -29.78 -26.22 24.27
CA HIS A 95 -28.72 -26.64 23.34
C HIS A 95 -27.41 -25.93 23.72
N THR A 96 -27.51 -24.61 23.95
CA THR A 96 -26.34 -23.79 24.26
C THR A 96 -25.59 -24.33 25.49
N ARG A 97 -26.34 -24.62 26.54
CA ARG A 97 -25.76 -25.13 27.78
C ARG A 97 -25.05 -26.46 27.60
N LEU A 98 -25.74 -27.41 26.97
CA LEU A 98 -25.19 -28.76 26.83
C LEU A 98 -23.99 -28.79 25.89
N ARG A 99 -24.05 -28.01 24.80
CA ARG A 99 -22.93 -27.93 23.82
C ARG A 99 -21.69 -27.29 24.43
N LYS A 100 -21.89 -26.18 25.16
CA LYS A 100 -20.82 -25.50 25.84
C LYS A 100 -20.15 -26.46 26.78
N LEU A 101 -20.94 -27.26 27.50
CA LEU A 101 -20.42 -28.21 28.49
C LEU A 101 -19.56 -29.31 27.84
N VAL A 102 -20.11 -30.02 26.86
CA VAL A 102 -19.38 -31.13 26.25
C VAL A 102 -18.22 -30.64 25.35
N GLY A 103 -18.36 -29.43 24.80
CA GLY A 103 -17.35 -28.82 23.96
C GLY A 103 -16.02 -28.67 24.67
N ARG A 104 -16.06 -28.53 25.99
CA ARG A 104 -14.85 -28.40 26.85
C ARG A 104 -13.97 -29.64 26.82
N SER A 105 -14.54 -30.79 26.41
CA SER A 105 -13.82 -32.07 26.32
C SER A 105 -13.34 -32.40 24.89
N PHE A 106 -13.69 -31.53 23.94
CA PHE A 106 -13.32 -31.74 22.54
C PHE A 106 -12.48 -30.56 22.05
N THR A 107 -11.62 -30.02 22.94
CA THR A 107 -10.69 -28.92 22.60
C THR A 107 -9.66 -29.37 21.59
N VAL A 108 -9.09 -28.42 20.84
CA VAL A 108 -8.14 -28.74 19.76
C VAL A 108 -6.97 -29.60 20.27
N ARG A 109 -6.39 -29.20 21.41
CA ARG A 109 -5.28 -29.95 22.03
C ARG A 109 -5.63 -31.41 22.33
N ARG A 110 -6.84 -31.67 22.83
CA ARG A 110 -7.24 -33.03 23.23
C ARG A 110 -7.39 -33.99 22.07
N MET A 111 -8.04 -33.58 21.00
CA MET A 111 -8.28 -34.52 19.91
C MET A 111 -6.97 -34.92 19.21
N ASN A 112 -6.08 -33.95 19.03
CA ASN A 112 -4.82 -34.23 18.37
C ASN A 112 -3.92 -35.17 19.12
N GLU A 113 -3.95 -35.14 20.45
CA GLU A 113 -3.14 -36.08 21.20
C GLU A 113 -3.67 -37.50 21.11
N LEU A 114 -4.80 -37.67 20.43
CA LEU A 114 -5.31 -38.98 20.05
C LEU A 114 -4.60 -39.56 18.82
N GLU A 115 -3.87 -38.75 18.07
CA GLU A 115 -3.27 -39.27 16.81
C GLU A 115 -2.38 -40.50 17.00
N PRO A 116 -1.44 -40.48 18.00
CA PRO A 116 -0.66 -41.72 18.16
C PRO A 116 -1.48 -43.01 18.36
N ARG A 117 -2.51 -42.96 19.21
CA ARG A 117 -3.36 -44.12 19.42
C ARG A 117 -4.20 -44.51 18.18
N ILE A 118 -4.82 -43.53 17.52
CA ILE A 118 -5.60 -43.80 16.31
C ILE A 118 -4.73 -44.50 15.26
N THR A 119 -3.50 -44.01 15.11
CA THR A 119 -2.52 -44.62 14.22
C THR A 119 -2.16 -46.06 14.62
N GLU A 120 -1.94 -46.36 15.91
CA GLU A 120 -1.72 -47.76 16.35
C GLU A 120 -2.92 -48.65 15.96
N ILE A 121 -4.12 -48.16 16.21
CA ILE A 121 -5.33 -48.93 15.90
C ILE A 121 -5.39 -49.25 14.40
N ALA A 122 -5.18 -48.23 13.56
CA ALA A 122 -5.23 -48.39 12.11
C ALA A 122 -4.12 -49.37 11.68
N ASP A 123 -2.90 -49.13 12.17
CA ASP A 123 -1.73 -49.97 11.85
C ASP A 123 -1.93 -51.43 12.25
N GLY A 124 -2.53 -51.63 13.43
CA GLY A 124 -2.87 -52.97 13.92
C GLY A 124 -3.89 -53.67 13.05
N LEU A 125 -4.96 -52.95 12.70
CA LEU A 125 -5.92 -53.50 11.73
C LEU A 125 -5.32 -53.89 10.38
N LEU A 126 -4.50 -53.00 9.81
CA LEU A 126 -3.81 -53.26 8.54
C LEU A 126 -2.91 -54.50 8.59
N ALA A 127 -2.14 -54.63 9.67
CA ALA A 127 -1.27 -55.79 9.90
C ALA A 127 -2.10 -57.09 9.94
N GLY A 128 -3.32 -57.00 10.45
CA GLY A 128 -4.20 -58.16 10.54
C GLY A 128 -4.93 -58.59 9.28
N LEU A 129 -4.86 -57.79 8.22
CA LEU A 129 -5.61 -58.07 6.97
C LEU A 129 -4.83 -58.99 6.02
N PRO A 130 -5.54 -59.93 5.38
CA PRO A 130 -4.89 -60.92 4.50
C PRO A 130 -4.44 -60.30 3.17
N THR A 131 -3.45 -60.91 2.55
CA THR A 131 -2.94 -60.44 1.25
C THR A 131 -3.92 -60.65 0.10
N ASP A 132 -4.53 -61.83 -0.05
CA ASP A 132 -5.56 -61.95 -1.10
C ASP A 132 -6.91 -62.62 -0.84
N GLY A 133 -7.12 -63.29 0.29
CA GLY A 133 -8.51 -63.75 0.57
C GLY A 133 -9.51 -62.59 0.64
N PRO A 134 -10.82 -62.91 0.68
CA PRO A 134 -11.85 -61.85 0.74
C PRO A 134 -11.72 -60.95 1.97
N VAL A 135 -11.85 -59.64 1.73
CA VAL A 135 -11.97 -58.67 2.81
C VAL A 135 -13.15 -57.74 2.49
N ASP A 136 -14.08 -57.66 3.43
CA ASP A 136 -15.04 -56.57 3.47
C ASP A 136 -14.42 -55.36 4.19
N LEU A 137 -14.01 -54.36 3.42
CA LEU A 137 -13.23 -53.25 3.99
C LEU A 137 -14.08 -52.42 4.94
N MET A 138 -15.40 -52.45 4.77
CA MET A 138 -16.30 -51.81 5.75
C MET A 138 -16.20 -52.47 7.14
N ARG A 139 -16.70 -53.69 7.30
CA ARG A 139 -16.70 -54.34 8.62
C ARG A 139 -15.29 -54.50 9.22
N GLU A 140 -14.28 -54.75 8.38
CA GLU A 140 -12.93 -55.06 8.85
C GLU A 140 -11.95 -53.89 9.02
N TYR A 141 -12.32 -52.70 8.56
CA TYR A 141 -11.39 -51.58 8.66
C TYR A 141 -12.09 -50.27 8.92
N ALA A 142 -12.94 -49.88 7.97
CA ALA A 142 -13.65 -48.58 8.00
C ALA A 142 -14.53 -48.45 9.23
N PHE A 143 -15.26 -49.51 9.56
CA PHE A 143 -16.12 -49.53 10.74
C PHE A 143 -15.31 -49.58 12.05
N GLN A 144 -14.22 -50.37 12.05
CA GLN A 144 -13.46 -50.69 13.29
C GLN A 144 -12.75 -49.50 13.89
N ILE A 145 -12.10 -48.69 13.06
CA ILE A 145 -11.40 -47.50 13.55
C ILE A 145 -12.27 -46.54 14.40
N PRO A 146 -13.33 -45.95 13.80
CA PRO A 146 -14.12 -45.01 14.60
C PRO A 146 -14.76 -45.66 15.85
N VAL A 147 -15.13 -46.92 15.73
CA VAL A 147 -15.81 -47.63 16.83
C VAL A 147 -14.82 -47.85 17.97
N GLN A 148 -13.60 -48.32 17.69
CA GLN A 148 -12.58 -48.48 18.75
C GLN A 148 -12.23 -47.13 19.41
N VAL A 149 -12.09 -46.09 18.58
CA VAL A 149 -11.80 -44.75 19.05
C VAL A 149 -12.93 -44.25 19.97
N ILE A 150 -14.20 -44.42 19.56
CA ILE A 150 -15.27 -43.87 20.39
C ILE A 150 -15.40 -44.65 21.72
N CYS A 151 -15.21 -45.96 21.65
CA CYS A 151 -15.21 -46.83 22.84
C CYS A 151 -14.12 -46.43 23.82
N GLU A 152 -12.94 -46.12 23.31
CA GLU A 152 -11.84 -45.69 24.13
C GLU A 152 -12.03 -44.28 24.70
N LEU A 153 -12.50 -43.35 23.86
CA LEU A 153 -12.82 -41.99 24.30
C LEU A 153 -13.89 -41.97 25.39
N LEU A 154 -14.95 -42.74 25.23
CA LEU A 154 -16.07 -42.71 26.18
C LEU A 154 -15.88 -43.61 27.41
N GLY A 155 -15.22 -44.75 27.18
CA GLY A 155 -15.03 -45.78 28.20
C GLY A 155 -16.12 -46.83 28.09
N LEU A 156 -16.36 -47.31 26.86
CA LEU A 156 -17.34 -48.38 26.59
C LEU A 156 -16.64 -49.71 26.62
N PRO A 157 -17.19 -50.67 27.39
CA PRO A 157 -16.63 -52.03 27.44
C PRO A 157 -16.58 -52.71 26.05
N ALA A 158 -15.39 -53.17 25.67
CA ALA A 158 -15.18 -53.91 24.43
C ALA A 158 -16.15 -55.09 24.27
N GLU A 159 -16.40 -55.81 25.36
CA GLU A 159 -17.24 -57.01 25.31
C GLU A 159 -18.71 -56.71 24.97
N ASP A 160 -19.12 -55.45 25.11
CA ASP A 160 -20.49 -55.08 24.77
C ASP A 160 -20.68 -54.51 23.36
N ARG A 161 -19.60 -54.44 22.60
CA ARG A 161 -19.59 -53.75 21.31
C ARG A 161 -20.62 -54.25 20.31
N ASP A 162 -20.81 -55.57 20.27
CA ASP A 162 -21.76 -56.21 19.37
C ASP A 162 -23.21 -55.87 19.69
N ASP A 163 -23.50 -55.71 20.98
CA ASP A 163 -24.84 -55.30 21.41
C ASP A 163 -25.13 -53.87 20.95
N PHE A 164 -24.30 -52.91 21.35
CA PHE A 164 -24.62 -51.49 21.06
C PHE A 164 -24.38 -51.04 19.62
N SER A 165 -23.48 -51.71 18.90
CA SER A 165 -23.37 -51.42 17.46
C SER A 165 -24.63 -51.82 16.70
N ALA A 166 -25.27 -52.91 17.12
CA ALA A 166 -26.53 -53.32 16.48
C ALA A 166 -27.66 -52.33 16.75
N TRP A 167 -27.70 -51.75 17.95
CA TRP A 167 -28.75 -50.81 18.31
C TRP A 167 -28.56 -49.50 17.55
N SER A 168 -27.31 -49.06 17.54
CA SER A 168 -26.91 -47.88 16.80
C SER A 168 -27.33 -47.94 15.30
N SER A 169 -27.08 -49.05 14.62
CA SER A 169 -27.33 -49.09 13.17
C SER A 169 -28.80 -49.00 12.80
N VAL A 170 -29.66 -49.61 13.61
CA VAL A 170 -31.10 -49.59 13.43
C VAL A 170 -31.62 -48.16 13.47
N LEU A 171 -30.98 -47.31 14.28
CA LEU A 171 -31.45 -45.95 14.47
C LEU A 171 -31.17 -45.05 13.26
N VAL A 172 -30.20 -45.41 12.43
CA VAL A 172 -29.83 -44.50 11.33
C VAL A 172 -30.28 -44.93 9.93
N ASP A 173 -30.81 -46.13 9.80
CA ASP A 173 -31.26 -46.59 8.49
C ASP A 173 -32.78 -46.57 8.40
N ASP A 174 -33.33 -47.24 7.38
CA ASP A 174 -34.78 -47.26 7.10
C ASP A 174 -35.61 -48.21 7.97
N SER A 175 -35.10 -48.59 9.14
CA SER A 175 -35.84 -49.46 10.06
C SER A 175 -37.20 -48.88 10.46
N PRO A 176 -38.22 -49.76 10.66
CA PRO A 176 -39.53 -49.31 11.17
C PRO A 176 -39.42 -48.53 12.47
N ALA A 177 -40.31 -47.56 12.65
CA ALA A 177 -40.31 -46.68 13.82
C ALA A 177 -40.34 -47.46 15.14
N ASP A 178 -41.09 -48.57 15.16
CA ASP A 178 -41.15 -49.44 16.34
C ASP A 178 -39.80 -50.05 16.64
N ASP A 179 -39.07 -50.46 15.59
CA ASP A 179 -37.71 -51.06 15.74
C ASP A 179 -36.72 -50.05 16.30
N LYS A 180 -36.87 -48.80 15.87
CA LYS A 180 -36.01 -47.73 16.34
C LYS A 180 -36.28 -47.42 17.81
N ASN A 181 -37.57 -47.32 18.16
CA ASN A 181 -38.00 -47.13 19.53
C ASN A 181 -37.47 -48.20 20.50
N ALA A 182 -37.47 -49.48 20.07
CA ALA A 182 -36.89 -50.59 20.82
C ALA A 182 -35.37 -50.48 20.98
N ALA A 183 -34.68 -50.20 19.87
CA ALA A 183 -33.22 -49.96 19.88
C ALA A 183 -32.80 -48.83 20.83
N MET A 184 -33.50 -47.69 20.75
CA MET A 184 -33.26 -46.54 21.64
C MET A 184 -33.48 -46.91 23.10
N GLY A 185 -34.52 -47.71 23.37
CA GLY A 185 -34.83 -48.24 24.71
C GLY A 185 -33.71 -49.10 25.26
N LYS A 186 -33.23 -50.06 24.47
CA LYS A 186 -32.11 -50.91 24.86
C LYS A 186 -30.82 -50.14 25.07
N LEU A 187 -30.61 -49.10 24.24
CA LEU A 187 -29.41 -48.27 24.34
C LEU A 187 -29.48 -47.38 25.57
N HIS A 188 -30.65 -46.83 25.85
CA HIS A 188 -30.84 -46.02 27.06
C HIS A 188 -30.56 -46.85 28.32
N GLY A 189 -31.17 -48.04 28.40
CA GLY A 189 -30.97 -48.96 29.52
C GLY A 189 -29.54 -49.45 29.73
N TYR A 190 -28.87 -49.78 28.63
CA TYR A 190 -27.48 -50.23 28.69
C TYR A 190 -26.59 -49.12 29.26
N LEU A 191 -26.78 -47.91 28.75
CA LEU A 191 -25.91 -46.80 29.12
C LEU A 191 -26.24 -46.27 30.53
N SER A 192 -27.51 -46.33 30.92
CA SER A 192 -27.92 -46.01 32.30
C SER A 192 -27.28 -47.00 33.29
N ASP A 193 -27.35 -48.30 32.99
CA ASP A 193 -26.71 -49.33 33.82
C ASP A 193 -25.21 -49.16 33.84
N LEU A 194 -24.60 -48.92 32.67
CA LEU A 194 -23.16 -48.62 32.59
C LEU A 194 -22.75 -47.44 33.48
N LEU A 195 -23.51 -46.34 33.44
CA LEU A 195 -23.17 -45.17 34.25
C LEU A 195 -23.27 -45.47 35.76
N GLU A 196 -24.28 -46.26 36.16
CA GLU A 196 -24.40 -46.72 37.55
C GLU A 196 -23.13 -47.44 38.00
N ARG A 197 -22.61 -48.35 37.16
CA ARG A 197 -21.34 -49.04 37.47
C ARG A 197 -20.13 -48.10 37.52
N LYS A 198 -20.08 -47.12 36.62
CA LYS A 198 -19.01 -46.14 36.61
C LYS A 198 -18.96 -45.28 37.87
N ARG A 199 -20.12 -44.96 38.46
CA ARG A 199 -20.14 -44.24 39.73
C ARG A 199 -19.27 -44.98 40.79
N THR A 200 -19.53 -46.29 40.92
CA THR A 200 -18.78 -47.17 41.83
C THR A 200 -17.33 -47.32 41.42
N GLU A 201 -17.06 -47.54 40.12
CA GLU A 201 -15.67 -47.55 39.65
C GLU A 201 -15.39 -46.68 38.44
N PRO A 202 -15.05 -45.40 38.70
CA PRO A 202 -14.74 -44.42 37.66
C PRO A 202 -13.52 -44.81 36.85
N ASP A 203 -13.42 -44.23 35.66
CA ASP A 203 -12.18 -44.27 34.92
C ASP A 203 -11.82 -42.87 34.47
N ASP A 204 -10.80 -42.76 33.64
CA ASP A 204 -10.37 -41.45 33.19
C ASP A 204 -10.99 -40.97 31.90
N ALA A 205 -11.90 -41.76 31.34
CA ALA A 205 -12.51 -41.48 30.05
C ALA A 205 -13.75 -40.56 30.20
N LEU A 206 -14.39 -40.21 29.09
CA LEU A 206 -15.32 -39.10 29.08
C LEU A 206 -16.61 -39.30 29.88
N LEU A 207 -17.20 -40.49 29.83
CA LEU A 207 -18.46 -40.75 30.53
C LEU A 207 -18.33 -40.59 32.06
N SER A 208 -17.22 -41.06 32.62
CA SER A 208 -16.90 -40.81 34.04
C SER A 208 -16.76 -39.34 34.35
N SER A 209 -16.01 -38.63 33.50
CA SER A 209 -15.85 -37.19 33.66
C SER A 209 -17.19 -36.46 33.63
N LEU A 210 -18.05 -36.84 32.69
CA LEU A 210 -19.35 -36.15 32.62
C LEU A 210 -20.31 -36.58 33.76
N LEU A 211 -20.18 -37.82 34.21
CA LEU A 211 -20.98 -38.31 35.35
C LEU A 211 -20.63 -37.48 36.59
N ALA A 212 -19.34 -37.17 36.74
CA ALA A 212 -18.84 -36.36 37.85
C ALA A 212 -19.36 -34.93 37.78
N VAL A 213 -19.36 -34.34 36.57
CA VAL A 213 -19.98 -33.03 36.35
C VAL A 213 -21.45 -33.04 36.78
N SER A 214 -22.18 -34.04 36.33
CA SER A 214 -23.59 -34.19 36.60
C SER A 214 -23.90 -34.36 38.10
N ASP A 215 -23.05 -35.11 38.79
CA ASP A 215 -23.12 -35.36 40.23
C ASP A 215 -22.91 -34.09 41.05
N MET A 216 -21.97 -33.25 40.59
CA MET A 216 -21.63 -32.01 41.23
C MET A 216 -22.63 -30.90 40.95
N ASP A 217 -23.28 -30.94 39.79
CA ASP A 217 -24.10 -29.81 39.37
C ASP A 217 -25.15 -30.30 38.37
N GLY A 218 -26.27 -30.80 38.91
CA GLY A 218 -27.31 -31.44 38.11
C GLY A 218 -28.16 -30.52 37.26
N ASP A 219 -28.06 -29.21 37.49
CA ASP A 219 -28.68 -28.21 36.61
C ASP A 219 -27.80 -27.93 35.38
N ARG A 220 -26.50 -28.14 35.50
CA ARG A 220 -25.61 -28.09 34.35
C ARG A 220 -25.83 -29.35 33.48
N LEU A 221 -25.90 -30.51 34.12
CA LEU A 221 -26.13 -31.76 33.38
C LEU A 221 -26.96 -32.75 34.19
N SER A 222 -28.19 -32.97 33.77
CA SER A 222 -29.06 -33.90 34.49
C SER A 222 -28.67 -35.33 34.16
N GLN A 223 -29.11 -36.26 34.99
CA GLN A 223 -28.81 -37.67 34.75
C GLN A 223 -29.32 -38.17 33.40
N GLU A 224 -30.52 -37.73 33.04
CA GLU A 224 -31.14 -38.12 31.78
C GLU A 224 -30.43 -37.48 30.59
N GLU A 225 -30.02 -36.22 30.74
CA GLU A 225 -29.20 -35.51 29.73
C GLU A 225 -27.86 -36.18 29.52
N LEU A 226 -27.27 -36.65 30.62
CA LEU A 226 -26.03 -37.41 30.61
C LEU A 226 -26.14 -38.73 29.78
N VAL A 227 -27.20 -39.51 30.01
CA VAL A 227 -27.46 -40.74 29.23
C VAL A 227 -27.69 -40.42 27.74
N ALA A 228 -28.45 -39.38 27.46
CA ALA A 228 -28.74 -38.96 26.10
C ALA A 228 -27.45 -38.49 25.40
N MET A 229 -26.59 -37.80 26.14
CA MET A 229 -25.30 -37.37 25.58
C MET A 229 -24.44 -38.57 25.18
N ALA A 230 -24.36 -39.54 26.09
CA ALA A 230 -23.64 -40.78 25.83
C ALA A 230 -24.17 -41.49 24.61
N MET A 231 -25.49 -41.54 24.49
CA MET A 231 -26.14 -42.22 23.37
C MET A 231 -25.80 -41.54 22.04
N LEU A 232 -25.92 -40.21 22.03
CA LEU A 232 -25.56 -39.39 20.88
C LEU A 232 -24.10 -39.58 20.45
N LEU A 233 -23.18 -39.50 21.39
CA LEU A 233 -21.76 -39.65 21.08
C LEU A 233 -21.45 -41.04 20.58
N LEU A 234 -22.13 -42.04 21.14
CA LEU A 234 -21.93 -43.44 20.71
C LEU A 234 -22.39 -43.64 19.26
N ILE A 235 -23.60 -43.17 18.94
CA ILE A 235 -24.17 -43.31 17.60
C ILE A 235 -23.33 -42.57 16.55
N ALA A 236 -22.93 -41.33 16.88
CA ALA A 236 -21.99 -40.55 16.03
C ALA A 236 -20.68 -41.29 15.84
N GLY A 237 -20.19 -41.97 16.88
CA GLY A 237 -18.99 -42.79 16.74
C GLY A 237 -19.13 -44.08 15.93
N HIS A 238 -20.35 -44.54 15.67
CA HIS A 238 -20.59 -45.79 14.91
C HIS A 238 -21.00 -45.54 13.45
N GLU A 239 -21.62 -44.39 13.17
CA GLU A 239 -22.38 -44.21 11.91
C GLU A 239 -21.97 -43.05 11.00
N THR A 240 -20.86 -42.38 11.27
CA THR A 240 -20.49 -41.22 10.46
C THR A 240 -19.14 -41.43 9.77
N THR A 241 -18.08 -41.40 10.57
CA THR A 241 -16.71 -41.47 10.09
C THR A 241 -16.48 -42.74 9.29
N VAL A 242 -17.15 -43.80 9.65
CA VAL A 242 -17.09 -45.05 8.90
C VAL A 242 -17.31 -44.81 7.40
N ASN A 243 -18.22 -43.86 7.10
CA ASN A 243 -18.59 -43.60 5.73
C ASN A 243 -17.76 -42.55 5.03
N LEU A 244 -17.11 -41.69 5.79
CA LEU A 244 -15.96 -40.93 5.25
C LEU A 244 -14.84 -41.88 4.73
N ILE A 245 -14.49 -42.85 5.56
CA ILE A 245 -13.48 -43.85 5.19
C ILE A 245 -13.95 -44.63 3.96
N GLY A 246 -15.14 -45.21 4.01
CA GLY A 246 -15.66 -46.01 2.91
C GLY A 246 -15.82 -45.21 1.61
N ASN A 247 -16.48 -44.05 1.70
CA ASN A 247 -16.67 -43.18 0.54
C ASN A 247 -15.38 -42.61 0.00
N GLY A 248 -14.45 -42.24 0.88
CA GLY A 248 -13.14 -41.71 0.47
C GLY A 248 -12.28 -42.79 -0.16
N VAL A 249 -12.21 -43.94 0.47
CA VAL A 249 -11.50 -45.07 -0.15
C VAL A 249 -12.06 -45.38 -1.55
N LEU A 250 -13.39 -45.55 -1.65
CA LEU A 250 -14.07 -45.77 -2.92
C LEU A 250 -13.73 -44.70 -3.99
N ALA A 251 -13.80 -43.42 -3.62
CA ALA A 251 -13.42 -42.33 -4.52
C ALA A 251 -11.99 -42.53 -5.13
N LEU A 252 -11.02 -42.91 -4.30
CA LEU A 252 -9.66 -43.15 -4.78
C LEU A 252 -9.58 -44.40 -5.67
N LEU A 253 -10.33 -45.46 -5.28
CA LEU A 253 -10.41 -46.70 -6.06
C LEU A 253 -11.01 -46.49 -7.44
N THR A 254 -11.93 -45.53 -7.56
CA THR A 254 -12.60 -45.26 -8.83
C THR A 254 -12.01 -44.10 -9.59
N HIS A 255 -10.99 -43.44 -9.02
CA HIS A 255 -10.33 -42.29 -9.67
C HIS A 255 -8.81 -42.41 -9.66
N PRO A 256 -8.25 -43.27 -10.54
CA PRO A 256 -6.79 -43.54 -10.59
C PRO A 256 -5.92 -42.32 -10.61
N ASP A 257 -6.35 -41.27 -11.29
CA ASP A 257 -5.58 -40.03 -11.36
C ASP A 257 -5.39 -39.40 -9.97
N GLN A 258 -6.44 -39.46 -9.17
CA GLN A 258 -6.39 -38.81 -7.83
C GLN A 258 -5.61 -39.67 -6.85
N ARG A 259 -5.79 -40.98 -6.98
CA ARG A 259 -5.02 -41.96 -6.21
C ARG A 259 -3.50 -41.82 -6.48
N LYS A 260 -3.15 -41.62 -7.75
CA LYS A 260 -1.75 -41.38 -8.13
C LYS A 260 -1.20 -40.10 -7.51
N LEU A 261 -1.95 -38.99 -7.54
CA LEU A 261 -1.52 -37.74 -6.89
C LEU A 261 -1.26 -37.92 -5.38
N LEU A 262 -2.17 -38.64 -4.72
CA LEU A 262 -1.97 -38.96 -3.32
C LEU A 262 -0.73 -39.87 -3.12
N ALA A 263 -0.56 -40.89 -3.96
CA ALA A 263 0.61 -41.76 -3.83
C ALA A 263 1.91 -40.94 -3.96
N GLU A 264 1.91 -39.96 -4.85
CA GLU A 264 3.07 -39.11 -5.12
C GLU A 264 3.28 -37.98 -4.11
N ASP A 265 2.22 -37.58 -3.42
CA ASP A 265 2.32 -36.63 -2.31
C ASP A 265 1.34 -37.02 -1.21
N PRO A 266 1.77 -37.93 -0.32
CA PRO A 266 0.92 -38.43 0.77
C PRO A 266 0.43 -37.27 1.66
N SER A 267 1.12 -36.14 1.66
CA SER A 267 0.71 -34.99 2.43
C SER A 267 -0.57 -34.30 1.87
N LEU A 268 -1.02 -34.72 0.69
CA LEU A 268 -2.31 -34.27 0.16
C LEU A 268 -3.50 -34.85 0.95
N ILE A 269 -3.24 -35.81 1.85
CA ILE A 269 -4.33 -36.52 2.55
C ILE A 269 -5.35 -35.60 3.27
N SER A 270 -4.91 -34.55 3.97
CA SER A 270 -5.93 -33.70 4.65
C SER A 270 -6.78 -32.90 3.66
N SER A 271 -6.16 -32.42 2.57
CA SER A 271 -6.92 -31.78 1.49
C SER A 271 -7.84 -32.78 0.82
N ALA A 272 -7.35 -34.01 0.65
CA ALA A 272 -8.14 -35.11 0.11
C ALA A 272 -9.39 -35.43 0.94
N VAL A 273 -9.22 -35.54 2.26
CA VAL A 273 -10.33 -35.77 3.17
C VAL A 273 -11.41 -34.68 3.05
N GLU A 274 -11.03 -33.40 2.97
CA GLU A 274 -12.01 -32.29 2.77
C GLU A 274 -12.76 -32.51 1.45
N GLU A 275 -12.03 -32.98 0.44
CA GLU A 275 -12.66 -33.26 -0.85
C GLU A 275 -13.58 -34.46 -0.82
N PHE A 276 -13.22 -35.55 -0.11
CA PHE A 276 -14.13 -36.70 0.05
C PHE A 276 -15.41 -36.31 0.78
N LEU A 277 -15.27 -35.50 1.82
CA LEU A 277 -16.43 -34.99 2.56
C LEU A 277 -17.41 -34.24 1.66
N ARG A 278 -16.87 -33.39 0.78
CA ARG A 278 -17.66 -32.63 -0.23
C ARG A 278 -18.27 -33.53 -1.31
N PHE A 279 -17.42 -34.38 -1.89
CA PHE A 279 -17.74 -35.15 -3.13
C PHE A 279 -18.79 -36.25 -2.93
N ASP A 280 -18.81 -36.86 -1.74
CA ASP A 280 -19.72 -37.98 -1.45
C ASP A 280 -20.02 -37.95 0.07
N SER A 281 -20.76 -36.91 0.48
CA SER A 281 -20.91 -36.55 1.88
C SER A 281 -21.53 -37.70 2.66
N PRO A 282 -20.83 -38.16 3.74
CA PRO A 282 -21.28 -39.31 4.57
C PRO A 282 -22.62 -39.10 5.27
N VAL A 283 -22.87 -37.88 5.73
CA VAL A 283 -24.22 -37.49 6.17
C VAL A 283 -24.87 -36.77 5.00
N SER A 284 -25.77 -37.49 4.35
CA SER A 284 -26.32 -37.09 3.04
C SER A 284 -27.40 -36.01 3.24
N GLN A 285 -28.25 -36.22 4.25
CA GLN A 285 -29.21 -35.21 4.69
C GLN A 285 -29.04 -34.99 6.20
N ALA A 286 -28.99 -33.72 6.62
CA ALA A 286 -28.97 -33.43 8.06
C ALA A 286 -30.24 -34.01 8.72
N PRO A 287 -30.14 -34.43 10.01
CA PRO A 287 -31.36 -34.79 10.73
C PRO A 287 -32.37 -33.64 10.72
N ILE A 288 -33.64 -34.02 10.81
CA ILE A 288 -34.78 -33.18 10.53
C ILE A 288 -34.87 -31.91 11.42
N ARG A 289 -35.34 -30.83 10.80
CA ARG A 289 -35.73 -29.60 11.44
C ARG A 289 -37.21 -29.45 11.22
N PHE A 290 -37.84 -28.58 12.02
CA PHE A 290 -39.29 -28.39 11.97
C PHE A 290 -39.54 -26.91 11.77
N THR A 291 -40.41 -26.55 10.83
CA THR A 291 -40.79 -25.15 10.67
C THR A 291 -41.68 -24.66 11.83
N ALA A 292 -41.16 -23.68 12.55
CA ALA A 292 -41.85 -23.02 13.65
C ALA A 292 -42.84 -21.98 13.09
N GLU A 293 -42.53 -21.47 11.90
CA GLU A 293 -43.42 -20.61 11.13
C GLU A 293 -43.16 -20.90 9.69
N ASP A 294 -43.95 -20.32 8.79
CA ASP A 294 -43.74 -20.45 7.34
C ASP A 294 -42.37 -19.93 6.96
N VAL A 295 -41.66 -20.64 6.09
CA VAL A 295 -40.35 -20.14 5.62
C VAL A 295 -40.35 -20.17 4.10
N THR A 296 -39.60 -19.28 3.48
CA THR A 296 -39.54 -19.20 2.01
C THR A 296 -38.09 -19.26 1.52
N TYR A 297 -37.82 -20.25 0.66
CA TYR A 297 -36.51 -20.47 0.07
C TYR A 297 -36.73 -20.76 -1.42
N SER A 298 -35.94 -20.10 -2.26
CA SER A 298 -36.04 -20.30 -3.72
C SER A 298 -37.48 -20.13 -4.23
N GLY A 299 -38.22 -19.16 -3.68
CA GLY A 299 -39.56 -18.85 -4.18
C GLY A 299 -40.65 -19.80 -3.68
N VAL A 300 -40.27 -20.73 -2.80
CA VAL A 300 -41.20 -21.80 -2.38
C VAL A 300 -41.41 -21.67 -0.86
N THR A 301 -42.66 -21.59 -0.42
CA THR A 301 -42.96 -21.46 1.00
C THR A 301 -43.30 -22.81 1.62
N ILE A 302 -42.54 -23.20 2.64
CA ILE A 302 -42.87 -24.39 3.41
C ILE A 302 -43.72 -23.92 4.59
N PRO A 303 -44.96 -24.45 4.75
CA PRO A 303 -45.77 -24.00 5.89
C PRO A 303 -45.19 -24.38 7.25
N ALA A 304 -45.62 -23.66 8.29
CA ALA A 304 -45.34 -24.06 9.66
C ALA A 304 -45.80 -25.50 9.94
N GLY A 305 -45.05 -26.21 10.77
CA GLY A 305 -45.45 -27.55 11.24
C GLY A 305 -44.89 -28.71 10.40
N GLU A 306 -43.99 -28.36 9.49
CA GLU A 306 -43.44 -29.32 8.50
C GLU A 306 -42.04 -29.83 8.88
N MET A 307 -41.69 -31.02 8.41
CA MET A 307 -40.38 -31.60 8.65
C MET A 307 -39.49 -31.30 7.45
N VAL A 308 -38.23 -30.95 7.72
CA VAL A 308 -37.35 -30.42 6.69
C VAL A 308 -35.94 -31.02 6.82
N MET A 309 -35.48 -31.66 5.75
CA MET A 309 -34.10 -32.13 5.63
C MET A 309 -33.26 -31.14 4.83
N LEU A 310 -32.05 -30.88 5.33
CA LEU A 310 -31.10 -30.04 4.60
C LEU A 310 -30.21 -31.01 3.84
N GLY A 311 -30.15 -30.84 2.52
CA GLY A 311 -29.56 -31.81 1.60
C GLY A 311 -28.09 -31.52 1.48
N LEU A 312 -27.29 -32.15 2.34
CA LEU A 312 -25.86 -31.82 2.39
C LEU A 312 -25.06 -32.38 1.20
N ALA A 313 -25.31 -33.65 0.83
CA ALA A 313 -24.65 -34.28 -0.33
C ALA A 313 -24.98 -33.51 -1.62
N ALA A 314 -26.22 -33.05 -1.69
CA ALA A 314 -26.72 -32.26 -2.80
C ALA A 314 -26.07 -30.88 -2.91
N ALA A 315 -26.11 -30.12 -1.80
CA ALA A 315 -25.56 -28.76 -1.75
C ALA A 315 -24.05 -28.75 -2.04
N ASN A 316 -23.36 -29.80 -1.56
CA ASN A 316 -21.89 -29.86 -1.72
C ASN A 316 -21.44 -30.13 -3.15
N ARG A 317 -22.39 -30.49 -4.02
CA ARG A 317 -22.11 -30.56 -5.46
C ARG A 317 -22.85 -29.47 -6.26
N ASP A 318 -23.17 -28.36 -5.60
CA ASP A 318 -23.87 -27.24 -6.29
C ASP A 318 -22.84 -26.41 -7.06
N ALA A 319 -22.98 -26.39 -8.39
CA ALA A 319 -22.07 -25.64 -9.28
C ALA A 319 -22.08 -24.12 -9.04
N ASP A 320 -23.17 -23.61 -8.46
CA ASP A 320 -23.22 -22.20 -8.08
C ASP A 320 -22.23 -21.90 -6.96
N TRP A 321 -21.92 -22.91 -6.15
CA TRP A 321 -20.93 -22.77 -5.09
C TRP A 321 -19.51 -23.27 -5.48
N MET A 322 -19.43 -24.48 -6.07
CA MET A 322 -18.15 -25.14 -6.37
C MET A 322 -18.05 -25.36 -7.88
N PRO A 323 -17.05 -24.75 -8.54
CA PRO A 323 -16.89 -24.97 -9.97
C PRO A 323 -16.57 -26.43 -10.24
N GLU A 324 -17.16 -26.97 -11.30
CA GLU A 324 -16.94 -28.37 -11.67
C GLU A 324 -17.15 -29.29 -10.46
N PRO A 325 -18.37 -29.25 -9.85
CA PRO A 325 -18.63 -29.93 -8.58
C PRO A 325 -18.61 -31.45 -8.68
N ASP A 326 -18.81 -31.98 -9.87
CA ASP A 326 -18.78 -33.41 -10.10
C ASP A 326 -17.37 -33.98 -10.33
N ARG A 327 -16.37 -33.12 -10.42
CA ARG A 327 -14.98 -33.57 -10.54
C ARG A 327 -14.36 -33.79 -9.15
N LEU A 328 -13.72 -34.95 -8.97
CA LEU A 328 -12.98 -35.24 -7.74
C LEU A 328 -11.61 -34.64 -7.91
N ASP A 329 -11.30 -33.67 -7.07
CA ASP A 329 -10.02 -32.97 -7.13
C ASP A 329 -9.48 -32.80 -5.71
N ILE A 330 -8.65 -33.74 -5.28
CA ILE A 330 -8.05 -33.70 -3.94
C ILE A 330 -7.12 -32.53 -3.69
N THR A 331 -6.80 -31.76 -4.73
CA THR A 331 -5.89 -30.60 -4.60
C THR A 331 -6.62 -29.26 -4.32
N ARG A 332 -7.97 -29.25 -4.37
CA ARG A 332 -8.74 -28.03 -4.13
C ARG A 332 -8.35 -27.43 -2.78
N ASP A 333 -8.21 -26.12 -2.72
CA ASP A 333 -8.03 -25.46 -1.44
C ASP A 333 -9.43 -25.29 -0.87
N ALA A 334 -9.76 -26.13 0.11
CA ALA A 334 -11.15 -26.27 0.56
C ALA A 334 -11.60 -25.09 1.42
N SER A 335 -12.84 -24.67 1.23
CA SER A 335 -13.50 -23.70 2.14
C SER A 335 -15.02 -23.75 2.02
N GLY A 336 -15.71 -23.54 3.12
CA GLY A 336 -17.16 -23.61 3.12
C GLY A 336 -17.48 -25.07 3.31
N GLY A 337 -18.53 -25.53 2.65
CA GLY A 337 -18.90 -26.95 2.77
C GLY A 337 -19.93 -27.06 3.85
N VAL A 338 -20.90 -27.96 3.67
CA VAL A 338 -21.93 -28.15 4.70
C VAL A 338 -21.97 -29.57 5.19
N PHE A 339 -20.93 -30.36 4.88
CA PHE A 339 -20.85 -31.77 5.26
C PHE A 339 -20.82 -32.03 6.78
N PHE A 340 -20.32 -31.04 7.53
CA PHE A 340 -20.32 -31.04 9.02
C PHE A 340 -21.40 -30.14 9.60
N GLY A 341 -22.33 -29.69 8.76
CA GLY A 341 -23.37 -28.75 9.17
C GLY A 341 -22.85 -27.33 9.20
N HIS A 342 -23.51 -26.49 9.99
CA HIS A 342 -23.19 -25.05 9.99
C HIS A 342 -23.96 -24.38 11.14
N GLY A 343 -23.31 -23.46 11.82
CA GLY A 343 -23.98 -22.73 12.89
C GLY A 343 -23.89 -23.49 14.20
N ILE A 344 -24.90 -23.33 15.06
CA ILE A 344 -24.80 -23.82 16.44
C ILE A 344 -24.68 -25.35 16.62
N HIS A 345 -25.22 -26.14 15.69
CA HIS A 345 -25.11 -27.57 15.78
C HIS A 345 -23.92 -28.11 14.97
N PHE A 346 -23.05 -27.24 14.48
CA PHE A 346 -21.91 -27.67 13.68
C PHE A 346 -21.20 -28.85 14.38
N CYS A 347 -20.91 -29.88 13.61
CA CYS A 347 -20.32 -31.11 14.12
C CYS A 347 -19.31 -30.92 15.25
N LEU A 348 -19.67 -31.49 16.41
CA LEU A 348 -18.82 -31.49 17.60
C LEU A 348 -17.58 -32.34 17.34
N GLY A 349 -17.75 -33.39 16.54
CA GLY A 349 -16.64 -34.31 16.27
C GLY A 349 -15.86 -34.01 14.99
N ALA A 350 -15.93 -32.78 14.47
CA ALA A 350 -15.33 -32.46 13.13
C ALA A 350 -13.80 -32.70 13.10
N GLN A 351 -13.12 -32.25 14.12
CA GLN A 351 -11.66 -32.48 14.22
C GLN A 351 -11.34 -33.95 14.38
N LEU A 352 -12.09 -34.65 15.24
CA LEU A 352 -11.91 -36.08 15.43
C LEU A 352 -12.16 -36.90 14.14
N ALA A 353 -13.26 -36.60 13.43
CA ALA A 353 -13.58 -37.28 12.15
C ALA A 353 -12.50 -37.04 11.09
N ARG A 354 -12.03 -35.79 10.97
CA ARG A 354 -10.98 -35.46 10.02
C ARG A 354 -9.70 -36.26 10.33
N LEU A 355 -9.32 -36.30 11.59
CA LEU A 355 -8.15 -37.04 12.09
C LEU A 355 -8.29 -38.54 11.83
N GLU A 356 -9.42 -39.13 12.25
CA GLU A 356 -9.68 -40.54 11.96
C GLU A 356 -9.63 -40.81 10.45
N GLY A 357 -10.22 -39.92 9.65
CA GLY A 357 -10.25 -40.06 8.18
C GLY A 357 -8.89 -40.03 7.50
N ARG A 358 -8.06 -39.04 7.84
CA ARG A 358 -6.71 -38.94 7.21
C ARG A 358 -5.79 -40.10 7.67
N VAL A 359 -5.83 -40.44 8.95
CA VAL A 359 -5.14 -41.64 9.45
C VAL A 359 -5.62 -42.95 8.78
N ALA A 360 -6.92 -43.25 8.81
CA ALA A 360 -7.41 -44.48 8.22
C ALA A 360 -7.12 -44.58 6.70
N ILE A 361 -7.45 -43.52 5.95
CA ILE A 361 -7.29 -43.56 4.49
C ILE A 361 -5.81 -43.48 4.10
N GLY A 362 -5.07 -42.55 4.72
CA GLY A 362 -3.63 -42.36 4.45
C GLY A 362 -2.78 -43.61 4.69
N ARG A 363 -2.93 -44.20 5.88
CA ARG A 363 -2.19 -45.43 6.26
C ARG A 363 -2.61 -46.63 5.42
N LEU A 364 -3.89 -46.73 5.10
CA LEU A 364 -4.38 -47.78 4.22
C LEU A 364 -3.64 -47.81 2.87
N PHE A 365 -3.67 -46.70 2.13
CA PHE A 365 -3.05 -46.60 0.81
C PHE A 365 -1.51 -46.64 0.88
N ALA A 366 -0.94 -46.16 1.99
CA ALA A 366 0.51 -46.29 2.24
C ALA A 366 0.91 -47.74 2.44
N ASP A 367 0.14 -48.49 3.24
CA ASP A 367 0.41 -49.91 3.56
C ASP A 367 0.12 -50.85 2.40
N ARG A 368 -0.99 -50.62 1.69
CA ARG A 368 -1.47 -51.50 0.64
C ARG A 368 -1.65 -50.76 -0.69
N PRO A 369 -0.54 -50.37 -1.32
CA PRO A 369 -0.67 -49.52 -2.51
C PRO A 369 -1.32 -50.22 -3.73
N GLU A 370 -1.49 -51.54 -3.66
CA GLU A 370 -2.22 -52.30 -4.69
C GLU A 370 -3.68 -52.61 -4.35
N LEU A 371 -4.22 -51.99 -3.30
CA LEU A 371 -5.62 -52.23 -2.92
C LEU A 371 -6.54 -52.06 -4.12
N ALA A 372 -7.51 -52.98 -4.27
CA ALA A 372 -8.47 -52.88 -5.34
C ALA A 372 -9.80 -53.47 -4.92
N LEU A 373 -10.87 -53.01 -5.56
CA LEU A 373 -12.18 -53.63 -5.44
C LEU A 373 -12.16 -55.09 -5.91
N ALA A 374 -12.92 -55.97 -5.24
CA ALA A 374 -13.04 -57.38 -5.64
C ALA A 374 -14.38 -57.65 -6.34
N VAL A 375 -15.17 -56.59 -6.53
CA VAL A 375 -16.38 -56.65 -7.34
C VAL A 375 -16.41 -55.48 -8.31
N GLY A 376 -17.30 -55.54 -9.30
CA GLY A 376 -17.58 -54.38 -10.15
C GLY A 376 -18.27 -53.30 -9.33
N LEU A 377 -18.05 -52.05 -9.72
CA LEU A 377 -18.66 -50.87 -9.07
C LEU A 377 -20.18 -51.03 -8.92
N ASP A 378 -20.81 -51.61 -9.93
CA ASP A 378 -22.26 -51.75 -9.97
C ASP A 378 -22.81 -52.84 -9.03
N GLU A 379 -21.93 -53.61 -8.42
CA GLU A 379 -22.35 -54.67 -7.50
C GLU A 379 -22.32 -54.26 -6.03
N LEU A 380 -21.77 -53.06 -5.76
CA LEU A 380 -21.74 -52.50 -4.41
C LEU A 380 -23.15 -52.21 -3.91
N VAL A 381 -23.42 -52.62 -2.68
CA VAL A 381 -24.72 -52.46 -2.07
C VAL A 381 -24.61 -51.34 -1.03
N TYR A 382 -25.49 -50.35 -1.15
CA TYR A 382 -25.58 -49.25 -0.19
C TYR A 382 -26.71 -49.45 0.81
N ARG A 383 -26.50 -48.90 2.00
CA ARG A 383 -27.53 -48.84 3.03
C ARG A 383 -28.68 -47.92 2.63
N ARG A 384 -29.91 -48.32 2.99
CA ARG A 384 -31.06 -47.45 2.79
C ARG A 384 -31.25 -46.59 4.02
N SER A 385 -30.95 -45.31 3.87
CA SER A 385 -30.97 -44.37 4.98
C SER A 385 -31.25 -42.99 4.43
N THR A 386 -32.09 -42.24 5.13
CA THR A 386 -32.26 -40.79 4.84
C THR A 386 -31.20 -39.91 5.55
N LEU A 387 -30.30 -40.55 6.28
CA LEU A 387 -29.23 -39.86 7.01
C LEU A 387 -27.84 -40.08 6.44
N VAL A 388 -27.53 -41.30 6.03
CA VAL A 388 -26.17 -41.59 5.63
C VAL A 388 -26.08 -42.08 4.21
N ARG A 389 -24.99 -41.69 3.56
CA ARG A 389 -24.57 -42.31 2.31
C ARG A 389 -23.42 -43.25 2.70
N GLY A 390 -23.73 -44.54 2.76
CA GLY A 390 -22.78 -45.50 3.29
C GLY A 390 -22.91 -46.85 2.64
N LEU A 391 -21.75 -47.44 2.35
CA LEU A 391 -21.69 -48.80 1.83
C LEU A 391 -22.10 -49.81 2.89
N SER A 392 -22.81 -50.83 2.43
CA SER A 392 -23.20 -51.92 3.30
C SER A 392 -21.99 -52.83 3.56
N ARG A 393 -21.25 -53.09 2.48
CA ARG A 393 -20.03 -53.92 2.45
C ARG A 393 -19.17 -53.36 1.34
N MET A 394 -17.85 -53.58 1.43
CA MET A 394 -16.96 -53.25 0.33
C MET A 394 -15.94 -54.39 0.08
N PRO A 395 -16.29 -55.34 -0.82
CA PRO A 395 -15.33 -56.39 -1.22
C PRO A 395 -14.07 -55.84 -1.86
N VAL A 396 -12.93 -56.13 -1.24
CA VAL A 396 -11.63 -55.71 -1.74
C VAL A 396 -10.60 -56.87 -1.75
N THR A 397 -9.54 -56.68 -2.51
CA THR A 397 -8.34 -57.47 -2.43
C THR A 397 -7.26 -56.52 -1.99
N MET A 398 -6.59 -56.84 -0.88
CA MET A 398 -5.66 -55.91 -0.26
C MET A 398 -4.38 -55.74 -1.07
N GLY A 399 -3.90 -56.86 -1.63
CA GLY A 399 -2.57 -56.91 -2.20
C GLY A 399 -1.48 -56.93 -1.14
N PRO A 400 -0.21 -56.97 -1.57
CA PRO A 400 0.89 -57.11 -0.59
C PRO A 400 1.19 -55.82 0.16
N ARG A 401 1.73 -55.97 1.37
CA ARG A 401 2.19 -54.85 2.20
C ARG A 401 3.37 -54.16 1.50
N SER A 402 3.42 -52.84 1.61
CA SER A 402 4.51 -52.07 1.06
C SER A 402 5.81 -52.40 1.83
N ALA A 403 6.95 -52.18 1.17
CA ALA A 403 8.27 -52.48 1.75
C ALA A 403 9.00 -51.22 2.21
N ALA B 2 21.67 -45.93 -7.37
CA ALA B 2 21.52 -44.95 -6.26
C ALA B 2 22.70 -45.04 -5.28
N LEU B 3 23.05 -43.92 -4.68
CA LEU B 3 24.18 -43.86 -3.75
C LEU B 3 23.75 -44.21 -2.32
N THR B 4 24.67 -44.83 -1.60
CA THR B 4 24.53 -45.12 -0.16
C THR B 4 25.81 -44.80 0.61
N THR B 5 25.67 -44.53 1.90
CA THR B 5 26.81 -44.30 2.78
C THR B 5 27.63 -45.58 3.00
N THR B 6 28.95 -45.44 3.03
CA THR B 6 29.85 -46.55 3.37
C THR B 6 29.94 -46.71 4.88
N GLY B 7 30.39 -47.89 5.32
CA GLY B 7 30.32 -48.27 6.73
C GLY B 7 29.15 -49.20 6.91
N THR B 8 28.96 -49.70 8.13
CA THR B 8 27.97 -50.76 8.41
C THR B 8 26.57 -50.45 7.86
N GLU B 9 26.00 -49.31 8.27
CA GLU B 9 24.63 -48.96 7.87
C GLU B 9 24.60 -48.12 6.60
N GLN B 10 23.83 -48.59 5.63
CA GLN B 10 23.83 -48.00 4.29
C GLN B 10 22.61 -47.12 4.05
N HIS B 11 22.77 -45.84 4.37
CA HIS B 11 21.76 -44.80 4.14
C HIS B 11 21.82 -44.25 2.71
N ASP B 12 20.67 -44.19 2.04
CA ASP B 12 20.55 -43.54 0.72
C ASP B 12 21.15 -42.15 0.74
N LEU B 13 21.80 -41.75 -0.35
CA LEU B 13 22.34 -40.41 -0.48
C LEU B 13 21.76 -39.72 -1.71
N PHE B 14 21.09 -38.60 -1.49
CA PHE B 14 20.49 -37.80 -2.55
C PHE B 14 19.55 -38.65 -3.41
N SER B 15 18.79 -39.53 -2.73
CA SER B 15 17.84 -40.45 -3.35
C SER B 15 17.05 -41.11 -2.26
N GLY B 16 15.95 -41.76 -2.63
CA GLY B 16 15.13 -42.53 -1.67
C GLY B 16 14.92 -41.78 -0.38
N THR B 17 15.23 -42.44 0.74
CA THR B 17 14.99 -41.94 2.11
C THR B 17 15.69 -40.63 2.49
N PHE B 18 16.77 -40.29 1.81
CA PHE B 18 17.57 -39.09 2.12
C PHE B 18 16.71 -37.81 2.15
N TRP B 19 15.78 -37.70 1.22
CA TRP B 19 14.99 -36.46 1.08
C TRP B 19 14.11 -36.19 2.30
N GLN B 20 13.52 -37.27 2.82
CA GLN B 20 12.64 -37.23 3.96
C GLN B 20 13.41 -36.80 5.22
N ASN B 21 14.60 -37.37 5.40
CA ASN B 21 15.44 -37.09 6.56
C ASN B 21 16.89 -37.44 6.25
N PRO B 22 17.71 -36.42 5.91
CA PRO B 22 19.11 -36.63 5.54
C PRO B 22 20.05 -36.75 6.73
N HIS B 23 19.54 -36.42 7.93
CA HIS B 23 20.41 -36.31 9.09
C HIS B 23 21.14 -37.59 9.52
N PRO B 24 20.47 -38.76 9.53
CA PRO B 24 21.26 -40.00 9.78
C PRO B 24 22.35 -40.29 8.72
N ALA B 25 22.04 -40.05 7.44
CA ALA B 25 23.05 -40.15 6.37
C ALA B 25 24.21 -39.20 6.61
N TYR B 26 23.91 -37.96 6.97
CA TYR B 26 24.92 -36.97 7.30
C TYR B 26 25.85 -37.41 8.45
N ALA B 27 25.22 -38.03 9.46
CA ALA B 27 25.89 -38.49 10.68
C ALA B 27 26.88 -39.59 10.32
N ALA B 28 26.42 -40.53 9.50
CA ALA B 28 27.23 -41.63 9.01
C ALA B 28 28.41 -41.18 8.12
N LEU B 29 28.19 -40.15 7.30
CA LEU B 29 29.27 -39.52 6.53
C LEU B 29 30.34 -38.89 7.44
N ARG B 30 29.93 -38.15 8.46
CA ARG B 30 30.89 -37.47 9.31
C ARG B 30 31.78 -38.48 10.04
N ALA B 31 31.18 -39.61 10.41
CA ALA B 31 31.83 -40.67 11.19
C ALA B 31 32.64 -41.67 10.35
N GLU B 32 32.17 -41.97 9.14
CA GLU B 32 32.78 -43.00 8.31
C GLU B 32 33.43 -42.51 7.00
N ASP B 33 33.00 -41.36 6.47
CA ASP B 33 33.44 -40.89 5.14
C ASP B 33 33.21 -39.38 5.01
N PRO B 34 33.95 -38.58 5.80
CA PRO B 34 33.66 -37.15 5.87
C PRO B 34 34.05 -36.32 4.62
N VAL B 35 34.71 -36.96 3.66
CA VAL B 35 35.11 -36.32 2.40
C VAL B 35 34.84 -37.35 1.33
N ARG B 36 33.65 -37.26 0.78
CA ARG B 36 33.08 -38.30 -0.04
C ARG B 36 32.75 -37.75 -1.42
N LYS B 37 33.20 -38.49 -2.44
CA LYS B 37 32.91 -38.22 -3.84
C LYS B 37 31.60 -38.88 -4.21
N LEU B 38 30.62 -38.06 -4.59
CA LEU B 38 29.29 -38.54 -4.90
C LEU B 38 29.11 -38.66 -6.41
N ALA B 39 28.82 -39.86 -6.87
CA ALA B 39 28.67 -40.10 -8.29
C ALA B 39 27.23 -39.72 -8.68
N LEU B 40 26.96 -38.42 -8.70
CA LEU B 40 25.62 -37.92 -9.01
C LEU B 40 25.33 -38.03 -10.53
N PRO B 41 24.04 -38.28 -10.90
CA PRO B 41 23.66 -38.50 -12.31
C PRO B 41 24.26 -37.51 -13.33
N ASP B 42 24.48 -36.25 -12.96
CA ASP B 42 25.07 -35.26 -13.88
C ASP B 42 26.56 -34.92 -13.65
N GLY B 43 27.29 -35.82 -12.99
CA GLY B 43 28.72 -35.57 -12.73
C GLY B 43 29.09 -35.70 -11.25
N PRO B 44 30.35 -36.06 -10.97
CA PRO B 44 30.67 -36.31 -9.56
C PRO B 44 30.94 -35.03 -8.76
N VAL B 45 30.52 -35.03 -7.51
CA VAL B 45 30.74 -33.91 -6.61
C VAL B 45 31.15 -34.44 -5.25
N TRP B 46 32.11 -33.75 -4.65
CA TRP B 46 32.64 -34.11 -3.35
C TRP B 46 31.79 -33.44 -2.25
N LEU B 47 31.55 -34.15 -1.16
CA LEU B 47 30.86 -33.54 -0.03
C LEU B 47 31.68 -33.61 1.26
N LEU B 48 31.89 -32.44 1.86
CA LEU B 48 32.52 -32.34 3.16
C LEU B 48 31.44 -32.16 4.23
N THR B 49 31.49 -33.01 5.27
CA THR B 49 30.44 -33.06 6.31
C THR B 49 30.91 -32.70 7.71
N ARG B 50 32.23 -32.72 7.98
CA ARG B 50 32.74 -32.28 9.31
C ARG B 50 32.79 -30.79 9.43
N TYR B 51 32.43 -30.31 10.62
CA TYR B 51 32.41 -28.90 10.89
C TYR B 51 33.77 -28.19 10.65
N ALA B 52 34.85 -28.79 11.17
CA ALA B 52 36.21 -28.22 11.02
C ALA B 52 36.64 -28.10 9.55
N ASP B 53 36.43 -29.13 8.78
CA ASP B 53 36.68 -29.11 7.34
C ASP B 53 35.86 -28.04 6.61
N VAL B 54 34.56 -28.00 6.89
CA VAL B 54 33.66 -27.06 6.24
C VAL B 54 34.10 -25.63 6.52
N ARG B 55 34.35 -25.33 7.80
CA ARG B 55 34.79 -24.00 8.22
C ARG B 55 36.14 -23.54 7.58
N GLU B 56 37.06 -24.48 7.46
CA GLU B 56 38.37 -24.23 6.84
C GLU B 56 38.18 -24.05 5.34
N ALA B 57 37.36 -24.92 4.75
CA ALA B 57 37.12 -24.90 3.33
C ALA B 57 36.54 -23.57 2.84
N PHE B 58 35.68 -22.96 3.66
CA PHE B 58 35.02 -21.67 3.31
C PHE B 58 36.02 -20.56 3.10
N VAL B 59 37.19 -20.69 3.71
CA VAL B 59 38.26 -19.68 3.64
C VAL B 59 39.54 -20.22 2.98
N ASP B 60 39.42 -21.36 2.31
CA ASP B 60 40.48 -21.95 1.51
C ASP B 60 40.42 -21.38 0.08
N PRO B 61 41.37 -20.49 -0.29
CA PRO B 61 41.33 -19.85 -1.62
C PRO B 61 41.53 -20.82 -2.80
N ARG B 62 42.05 -22.01 -2.51
CA ARG B 62 42.15 -23.08 -3.49
C ARG B 62 40.79 -23.68 -3.84
N LEU B 63 39.78 -23.38 -3.01
CA LEU B 63 38.41 -23.80 -3.30
C LEU B 63 37.68 -22.59 -3.88
N SER B 64 37.65 -22.54 -5.21
CA SER B 64 37.27 -21.33 -5.95
C SER B 64 35.80 -21.37 -6.36
N LYS B 65 35.22 -20.21 -6.67
CA LYS B 65 33.88 -20.13 -7.30
C LYS B 65 33.93 -20.16 -8.84
N ASP B 66 35.13 -20.05 -9.41
CA ASP B 66 35.30 -20.01 -10.87
C ASP B 66 35.21 -21.39 -11.53
N TRP B 67 34.13 -21.59 -12.29
CA TRP B 67 33.86 -22.87 -12.90
C TRP B 67 34.84 -23.29 -14.01
N ARG B 68 35.67 -22.36 -14.47
CA ARG B 68 36.69 -22.66 -15.49
C ARG B 68 37.78 -23.59 -14.94
N HIS B 69 37.92 -23.63 -13.61
CA HIS B 69 38.82 -24.62 -13.00
C HIS B 69 38.50 -26.07 -13.35
N ARG B 70 37.32 -26.31 -13.91
CA ARG B 70 36.98 -27.64 -14.40
C ARG B 70 37.72 -28.03 -15.68
N LEU B 71 38.13 -27.03 -16.44
CA LEU B 71 38.75 -27.24 -17.73
C LEU B 71 40.25 -27.28 -17.56
N PRO B 72 40.94 -28.05 -18.41
CA PRO B 72 42.38 -27.88 -18.43
C PRO B 72 42.69 -26.53 -19.05
N GLU B 73 43.83 -25.95 -18.72
CA GLU B 73 44.22 -24.68 -19.35
C GLU B 73 44.06 -24.69 -20.88
N ASP B 74 44.49 -25.78 -21.50
CA ASP B 74 44.41 -25.91 -22.96
C ASP B 74 43.05 -25.56 -23.56
N GLN B 75 41.95 -25.85 -22.84
CA GLN B 75 40.60 -25.52 -23.32
C GLN B 75 39.96 -24.30 -22.63
N ARG B 76 40.71 -23.65 -21.74
CA ARG B 76 40.18 -22.60 -20.88
C ARG B 76 39.99 -21.27 -21.58
N ALA B 77 40.81 -20.98 -22.59
CA ALA B 77 40.93 -19.63 -23.18
C ALA B 77 39.61 -19.03 -23.65
N ASP B 78 39.38 -17.76 -23.31
CA ASP B 78 38.22 -17.03 -23.82
C ASP B 78 36.87 -17.66 -23.43
N MET B 79 36.84 -18.25 -22.24
CA MET B 79 35.60 -18.84 -21.72
C MET B 79 34.96 -17.90 -20.69
N PRO B 80 33.61 -17.88 -20.62
CA PRO B 80 32.93 -17.02 -19.66
C PRO B 80 33.33 -17.39 -18.24
N ALA B 81 33.43 -16.38 -17.37
CA ALA B 81 33.81 -16.56 -15.98
C ALA B 81 32.70 -17.29 -15.19
N THR B 82 31.46 -17.17 -15.69
CA THR B 82 30.24 -17.61 -15.02
C THR B 82 29.19 -17.93 -16.07
N PRO B 83 28.18 -18.78 -15.73
CA PRO B 83 27.01 -18.95 -16.60
C PRO B 83 26.02 -17.76 -16.52
N THR B 84 26.17 -16.95 -15.48
CA THR B 84 25.44 -15.71 -15.28
C THR B 84 26.27 -14.90 -14.30
N PRO B 85 26.48 -13.59 -14.58
CA PRO B 85 27.43 -12.78 -13.80
C PRO B 85 27.04 -12.41 -12.36
N MET B 86 26.63 -13.40 -11.56
CA MET B 86 26.36 -13.21 -10.11
C MET B 86 27.64 -13.29 -9.27
N MET B 87 27.74 -12.47 -8.23
CA MET B 87 28.91 -12.44 -7.37
C MET B 87 29.18 -13.73 -6.57
N ILE B 88 28.13 -14.50 -6.30
CA ILE B 88 28.26 -15.78 -5.59
C ILE B 88 28.98 -16.81 -6.47
N LEU B 89 29.03 -16.57 -7.79
CA LEU B 89 29.72 -17.45 -8.73
C LEU B 89 31.09 -16.93 -9.16
N MET B 90 31.66 -16.02 -8.38
CA MET B 90 32.95 -15.46 -8.70
C MET B 90 33.88 -15.24 -7.49
N ASP B 91 35.16 -15.05 -7.79
CA ASP B 91 36.20 -14.77 -6.80
C ASP B 91 36.52 -13.27 -6.84
N PRO B 92 37.30 -12.76 -5.87
CA PRO B 92 37.86 -11.39 -6.02
C PRO B 92 38.72 -11.29 -7.31
N PRO B 93 38.77 -10.11 -7.95
CA PRO B 93 38.26 -8.83 -7.48
C PRO B 93 36.82 -8.52 -7.94
N ASP B 94 36.26 -9.32 -8.84
CA ASP B 94 34.90 -9.06 -9.30
C ASP B 94 33.90 -9.30 -8.19
N HIS B 95 34.05 -10.39 -7.43
CA HIS B 95 33.17 -10.61 -6.28
C HIS B 95 33.24 -9.40 -5.35
N THR B 96 34.45 -8.91 -5.10
CA THR B 96 34.69 -7.83 -4.15
C THR B 96 33.96 -6.56 -4.56
N ARG B 97 34.06 -6.21 -5.85
CA ARG B 97 33.49 -4.97 -6.37
C ARG B 97 31.95 -5.05 -6.32
N LEU B 98 31.40 -6.15 -6.82
CA LEU B 98 29.96 -6.33 -6.86
C LEU B 98 29.35 -6.41 -5.45
N ARG B 99 30.02 -7.11 -4.54
CA ARG B 99 29.58 -7.20 -3.15
C ARG B 99 29.50 -5.83 -2.49
N LYS B 100 30.50 -4.98 -2.72
CA LYS B 100 30.56 -3.59 -2.20
C LYS B 100 29.35 -2.71 -2.57
N LEU B 101 28.83 -2.87 -3.79
CA LEU B 101 27.68 -2.07 -4.24
C LEU B 101 26.43 -2.31 -3.40
N VAL B 102 26.21 -3.57 -2.99
CA VAL B 102 25.02 -3.96 -2.24
C VAL B 102 25.18 -4.04 -0.72
N GLY B 103 26.41 -4.21 -0.26
CA GLY B 103 26.69 -4.35 1.19
C GLY B 103 25.98 -3.34 2.07
N ARG B 104 26.06 -2.08 1.67
CA ARG B 104 25.45 -0.94 2.38
C ARG B 104 23.93 -1.05 2.52
N SER B 105 23.29 -1.64 1.52
CA SER B 105 21.83 -1.76 1.47
C SER B 105 21.30 -2.90 2.35
N PHE B 106 22.21 -3.72 2.87
CA PHE B 106 21.84 -4.92 3.65
C PHE B 106 22.45 -4.99 5.04
N THR B 107 22.85 -3.85 5.60
CA THR B 107 23.42 -3.81 6.95
C THR B 107 22.40 -4.19 8.02
N VAL B 108 22.88 -4.60 9.19
CA VAL B 108 22.03 -4.86 10.36
C VAL B 108 21.05 -3.70 10.60
N ARG B 109 21.58 -2.48 10.65
CA ARG B 109 20.79 -1.28 10.92
C ARG B 109 19.68 -1.05 9.86
N ARG B 110 20.03 -1.23 8.59
CA ARG B 110 19.06 -1.06 7.49
C ARG B 110 17.96 -2.14 7.51
N MET B 111 18.35 -3.35 7.92
CA MET B 111 17.41 -4.47 7.96
C MET B 111 16.49 -4.37 9.17
N ASN B 112 17.05 -3.96 10.30
CA ASN B 112 16.27 -3.69 11.50
C ASN B 112 15.15 -2.67 11.27
N GLU B 113 15.39 -1.74 10.35
CA GLU B 113 14.39 -0.74 9.94
C GLU B 113 13.21 -1.36 9.19
N LEU B 114 13.38 -2.58 8.67
CA LEU B 114 12.31 -3.31 7.96
C LEU B 114 11.35 -4.09 8.87
N GLU B 115 11.73 -4.28 10.13
CA GLU B 115 10.93 -5.11 11.04
C GLU B 115 9.43 -4.72 11.15
N PRO B 116 9.12 -3.40 11.28
CA PRO B 116 7.71 -2.96 11.28
C PRO B 116 6.86 -3.46 10.11
N ARG B 117 7.42 -3.38 8.90
CA ARG B 117 6.71 -3.82 7.72
C ARG B 117 6.63 -5.35 7.65
N ILE B 118 7.72 -6.02 8.02
CA ILE B 118 7.72 -7.49 8.08
C ILE B 118 6.61 -7.93 9.05
N THR B 119 6.51 -7.27 10.21
CA THR B 119 5.50 -7.54 11.23
C THR B 119 4.07 -7.31 10.69
N GLU B 120 3.89 -6.22 9.93
CA GLU B 120 2.63 -5.90 9.26
C GLU B 120 2.21 -7.02 8.31
N ILE B 121 3.14 -7.41 7.43
CA ILE B 121 2.93 -8.50 6.48
C ILE B 121 2.51 -9.77 7.22
N ALA B 122 3.30 -10.18 8.20
CA ALA B 122 2.98 -11.36 9.00
C ALA B 122 1.58 -11.28 9.65
N ASP B 123 1.31 -10.14 10.32
CA ASP B 123 0.04 -9.95 11.02
C ASP B 123 -1.17 -9.93 10.08
N GLY B 124 -1.00 -9.35 8.90
CA GLY B 124 -2.03 -9.38 7.85
C GLY B 124 -2.35 -10.81 7.42
N LEU B 125 -1.30 -11.62 7.22
CA LEU B 125 -1.50 -13.02 6.82
C LEU B 125 -2.19 -13.80 7.93
N LEU B 126 -1.79 -13.56 9.17
CA LEU B 126 -2.40 -14.24 10.31
C LEU B 126 -3.87 -13.90 10.51
N ALA B 127 -4.22 -12.64 10.27
CA ALA B 127 -5.59 -12.17 10.44
C ALA B 127 -6.55 -12.91 9.49
N GLY B 128 -6.07 -13.18 8.28
CA GLY B 128 -6.88 -13.74 7.22
C GLY B 128 -6.95 -15.25 7.11
N LEU B 129 -6.02 -15.96 7.76
CA LEU B 129 -6.01 -17.42 7.65
C LEU B 129 -7.10 -18.09 8.49
N PRO B 130 -7.69 -19.20 7.96
CA PRO B 130 -8.87 -19.74 8.67
C PRO B 130 -8.53 -20.44 9.98
N THR B 131 -9.47 -20.44 10.92
CA THR B 131 -9.26 -21.05 12.22
C THR B 131 -9.47 -22.57 12.18
N ASP B 132 -10.31 -23.05 11.25
CA ASP B 132 -10.58 -24.47 11.14
C ASP B 132 -10.26 -24.97 9.74
N GLY B 133 -10.05 -26.28 9.61
CA GLY B 133 -9.78 -26.93 8.32
C GLY B 133 -8.29 -26.81 8.00
N PRO B 134 -7.79 -27.64 7.07
CA PRO B 134 -6.36 -27.63 6.75
C PRO B 134 -5.95 -26.48 5.83
N VAL B 135 -4.77 -25.92 6.10
CA VAL B 135 -4.15 -24.93 5.21
C VAL B 135 -2.68 -25.33 5.00
N ASP B 136 -2.17 -25.04 3.81
CA ASP B 136 -0.77 -25.30 3.55
C ASP B 136 0.02 -24.16 4.09
N LEU B 137 0.70 -24.37 5.22
CA LEU B 137 1.45 -23.27 5.86
C LEU B 137 2.58 -22.76 4.98
N MET B 138 3.07 -23.61 4.07
CA MET B 138 4.17 -23.23 3.19
C MET B 138 3.70 -22.16 2.18
N ARG B 139 2.77 -22.52 1.31
CA ARG B 139 2.24 -21.57 0.33
C ARG B 139 1.60 -20.36 1.00
N GLU B 140 0.86 -20.56 2.10
CA GLU B 140 0.04 -19.49 2.69
C GLU B 140 0.80 -18.55 3.60
N TYR B 141 1.97 -18.95 4.09
CA TYR B 141 2.63 -18.19 5.14
C TYR B 141 4.16 -18.13 5.00
N ALA B 142 4.81 -19.28 5.10
CA ALA B 142 6.28 -19.34 5.08
C ALA B 142 6.84 -18.77 3.76
N PHE B 143 6.19 -19.11 2.65
CA PHE B 143 6.59 -18.62 1.34
C PHE B 143 6.25 -17.14 1.20
N GLN B 144 5.09 -16.73 1.68
CA GLN B 144 4.56 -15.39 1.46
C GLN B 144 5.34 -14.28 2.10
N ILE B 145 5.79 -14.46 3.33
CA ILE B 145 6.49 -13.39 4.02
C ILE B 145 7.78 -13.00 3.25
N PRO B 146 8.72 -13.93 3.05
CA PRO B 146 9.97 -13.50 2.34
C PRO B 146 9.76 -12.98 0.91
N VAL B 147 8.86 -13.57 0.14
CA VAL B 147 8.59 -13.13 -1.22
C VAL B 147 8.04 -11.69 -1.22
N GLN B 148 7.05 -11.41 -0.38
CA GLN B 148 6.54 -10.04 -0.25
C GLN B 148 7.65 -9.07 0.09
N VAL B 149 8.41 -9.38 1.16
CA VAL B 149 9.55 -8.57 1.63
C VAL B 149 10.59 -8.29 0.54
N ILE B 150 10.98 -9.33 -0.23
CA ILE B 150 11.97 -9.16 -1.31
C ILE B 150 11.41 -8.38 -2.49
N CYS B 151 10.14 -8.61 -2.82
CA CYS B 151 9.46 -7.88 -3.89
C CYS B 151 9.43 -6.40 -3.55
N GLU B 152 9.11 -6.09 -2.29
CA GLU B 152 9.09 -4.70 -1.81
C GLU B 152 10.50 -4.08 -1.73
N LEU B 153 11.45 -4.82 -1.17
CA LEU B 153 12.83 -4.36 -1.08
C LEU B 153 13.44 -4.03 -2.47
N LEU B 154 13.27 -4.91 -3.44
CA LEU B 154 13.83 -4.74 -4.79
C LEU B 154 13.00 -3.83 -5.68
N GLY B 155 11.67 -3.89 -5.52
CA GLY B 155 10.73 -3.15 -6.38
C GLY B 155 10.20 -4.02 -7.50
N LEU B 156 9.83 -5.25 -7.17
CA LEU B 156 9.26 -6.18 -8.14
C LEU B 156 7.73 -6.09 -8.10
N PRO B 157 7.09 -5.96 -9.29
CA PRO B 157 5.62 -5.99 -9.50
C PRO B 157 4.92 -7.23 -8.97
N ALA B 158 3.92 -7.01 -8.12
CA ALA B 158 3.03 -8.06 -7.59
C ALA B 158 2.34 -8.90 -8.68
N GLU B 159 1.96 -8.27 -9.78
CA GLU B 159 1.33 -8.94 -10.93
C GLU B 159 2.17 -10.06 -11.59
N ASP B 160 3.49 -10.01 -11.39
CA ASP B 160 4.40 -10.98 -12.04
C ASP B 160 4.86 -12.13 -11.14
N ARG B 161 4.61 -12.01 -9.84
CA ARG B 161 5.06 -12.98 -8.84
C ARG B 161 4.90 -14.46 -9.22
N ASP B 162 3.75 -14.82 -9.75
CA ASP B 162 3.48 -16.19 -10.18
C ASP B 162 4.44 -16.65 -11.28
N ASP B 163 4.90 -15.69 -12.09
CA ASP B 163 5.87 -15.96 -13.15
C ASP B 163 7.25 -16.24 -12.57
N PHE B 164 7.83 -15.24 -11.91
CA PHE B 164 9.19 -15.36 -11.42
C PHE B 164 9.36 -16.26 -10.19
N SER B 165 8.26 -16.62 -9.54
CA SER B 165 8.27 -17.66 -8.50
C SER B 165 8.60 -19.02 -9.09
N ALA B 166 7.94 -19.34 -10.21
CA ALA B 166 8.14 -20.61 -10.90
C ALA B 166 9.57 -20.76 -11.39
N TRP B 167 10.13 -19.70 -11.98
CA TRP B 167 11.48 -19.77 -12.57
C TRP B 167 12.54 -19.92 -11.47
N SER B 168 12.40 -19.14 -10.41
CA SER B 168 13.28 -19.22 -9.25
C SER B 168 13.35 -20.66 -8.69
N SER B 169 12.19 -21.30 -8.55
CA SER B 169 12.14 -22.62 -7.91
C SER B 169 12.90 -23.68 -8.72
N VAL B 170 12.80 -23.59 -10.06
CA VAL B 170 13.50 -24.48 -10.98
C VAL B 170 15.04 -24.45 -10.79
N LEU B 171 15.58 -23.26 -10.55
CA LEU B 171 17.01 -23.06 -10.39
C LEU B 171 17.60 -23.69 -9.12
N VAL B 172 16.76 -23.95 -8.11
CA VAL B 172 17.24 -24.48 -6.82
C VAL B 172 16.83 -25.93 -6.52
N ASP B 173 15.75 -26.40 -7.15
CA ASP B 173 15.39 -27.81 -7.14
C ASP B 173 16.45 -28.55 -7.99
N ASP B 174 16.38 -29.87 -8.04
CA ASP B 174 17.26 -30.65 -8.90
C ASP B 174 16.61 -30.83 -10.29
N SER B 175 16.19 -29.72 -10.89
CA SER B 175 15.63 -29.70 -12.24
C SER B 175 16.73 -29.99 -13.27
N PRO B 176 16.35 -30.54 -14.45
CA PRO B 176 17.26 -30.70 -15.59
C PRO B 176 18.05 -29.42 -15.92
N ALA B 177 19.28 -29.60 -16.38
CA ALA B 177 20.10 -28.50 -16.90
C ALA B 177 19.35 -27.62 -17.91
N ASP B 178 18.58 -28.27 -18.80
CA ASP B 178 17.79 -27.57 -19.82
C ASP B 178 16.71 -26.68 -19.20
N ASP B 179 16.04 -27.20 -18.17
CA ASP B 179 14.99 -26.46 -17.47
C ASP B 179 15.58 -25.28 -16.72
N LYS B 180 16.76 -25.48 -16.13
CA LYS B 180 17.45 -24.41 -15.43
C LYS B 180 17.89 -23.27 -16.38
N ASN B 181 18.40 -23.63 -17.56
CA ASN B 181 18.77 -22.62 -18.58
C ASN B 181 17.57 -21.85 -19.09
N ALA B 182 16.48 -22.57 -19.40
CA ALA B 182 15.22 -21.96 -19.81
C ALA B 182 14.69 -20.98 -18.77
N ALA B 183 14.57 -21.45 -17.52
CA ALA B 183 14.13 -20.61 -16.39
C ALA B 183 15.03 -19.41 -16.16
N MET B 184 16.35 -19.61 -16.30
CA MET B 184 17.32 -18.51 -16.15
C MET B 184 17.14 -17.48 -17.28
N GLY B 185 16.88 -17.98 -18.49
CA GLY B 185 16.60 -17.14 -19.65
C GLY B 185 15.33 -16.30 -19.50
N LYS B 186 14.24 -16.93 -19.04
CA LYS B 186 12.99 -16.20 -18.77
C LYS B 186 13.17 -15.14 -17.69
N LEU B 187 13.83 -15.51 -16.59
CA LEU B 187 14.20 -14.58 -15.52
C LEU B 187 15.09 -13.44 -16.00
N HIS B 188 16.05 -13.77 -16.86
CA HIS B 188 16.94 -12.77 -17.44
C HIS B 188 16.14 -11.77 -18.31
N GLY B 189 15.27 -12.31 -19.16
CA GLY B 189 14.38 -11.51 -20.01
C GLY B 189 13.47 -10.61 -19.18
N TYR B 190 12.68 -11.23 -18.30
CA TYR B 190 11.81 -10.50 -17.38
C TYR B 190 12.48 -9.31 -16.69
N LEU B 191 13.65 -9.54 -16.09
CA LEU B 191 14.34 -8.50 -15.32
C LEU B 191 15.03 -7.44 -16.19
N SER B 192 15.42 -7.84 -17.41
CA SER B 192 15.95 -6.90 -18.41
C SER B 192 14.88 -5.86 -18.79
N ASP B 193 13.70 -6.35 -19.19
CA ASP B 193 12.53 -5.50 -19.45
C ASP B 193 12.17 -4.61 -18.27
N LEU B 194 12.12 -5.20 -17.06
CA LEU B 194 11.71 -4.47 -15.85
C LEU B 194 12.63 -3.29 -15.56
N LEU B 195 13.93 -3.48 -15.76
CA LEU B 195 14.90 -2.39 -15.58
C LEU B 195 14.75 -1.31 -16.66
N GLU B 196 14.43 -1.72 -17.89
CA GLU B 196 14.07 -0.79 -18.96
C GLU B 196 12.92 0.13 -18.53
N ARG B 197 11.86 -0.48 -18.02
CA ARG B 197 10.69 0.24 -17.51
C ARG B 197 11.02 1.15 -16.31
N LYS B 198 12.09 0.83 -15.57
CA LYS B 198 12.47 1.60 -14.39
C LYS B 198 13.39 2.79 -14.66
N ARG B 199 14.06 2.81 -15.82
CA ARG B 199 14.87 3.97 -16.18
C ARG B 199 13.99 5.14 -16.65
N THR B 200 12.90 4.82 -17.36
CA THR B 200 11.83 5.76 -17.67
C THR B 200 11.18 6.25 -16.37
N GLU B 201 10.81 5.29 -15.51
CA GLU B 201 9.94 5.55 -14.37
C GLU B 201 10.55 4.98 -13.08
N PRO B 202 11.51 5.71 -12.47
CA PRO B 202 12.20 5.24 -11.27
C PRO B 202 11.28 4.99 -10.07
N ASP B 203 11.84 4.48 -8.98
CA ASP B 203 11.13 4.30 -7.71
C ASP B 203 12.13 4.39 -6.56
N ASP B 204 11.68 4.14 -5.35
CA ASP B 204 12.51 4.27 -4.15
C ASP B 204 13.21 2.96 -3.75
N ALA B 205 13.09 1.93 -4.59
CA ALA B 205 13.60 0.60 -4.23
C ALA B 205 14.96 0.27 -4.88
N LEU B 206 15.62 -0.72 -4.29
CA LEU B 206 16.99 -1.11 -4.64
C LEU B 206 17.31 -1.20 -6.13
N LEU B 207 16.44 -1.85 -6.92
CA LEU B 207 16.73 -2.04 -8.35
C LEU B 207 16.91 -0.72 -9.11
N SER B 208 16.12 0.30 -8.73
CA SER B 208 16.26 1.66 -9.27
C SER B 208 17.56 2.33 -8.87
N SER B 209 17.97 2.17 -7.62
CA SER B 209 19.25 2.71 -7.14
C SER B 209 20.44 2.12 -7.89
N LEU B 210 20.41 0.81 -8.09
CA LEU B 210 21.48 0.11 -8.81
C LEU B 210 21.47 0.46 -10.30
N LEU B 211 20.28 0.66 -10.85
CA LEU B 211 20.10 1.18 -12.21
C LEU B 211 20.73 2.57 -12.36
N ALA B 212 20.57 3.42 -11.34
CA ALA B 212 21.15 4.75 -11.35
C ALA B 212 22.66 4.64 -11.49
N VAL B 213 23.24 3.73 -10.70
CA VAL B 213 24.67 3.42 -10.74
C VAL B 213 25.09 2.89 -12.12
N SER B 214 24.37 1.86 -12.57
CA SER B 214 24.61 1.22 -13.87
C SER B 214 24.55 2.18 -15.08
N ASP B 215 23.58 3.09 -15.08
CA ASP B 215 23.40 4.07 -16.16
C ASP B 215 24.53 5.10 -16.22
N MET B 216 25.05 5.47 -15.06
CA MET B 216 26.16 6.44 -14.95
C MET B 216 27.55 5.87 -15.25
N ASP B 217 27.72 4.56 -15.04
CA ASP B 217 29.02 3.88 -15.06
C ASP B 217 28.86 2.36 -15.21
N GLY B 218 28.94 1.88 -16.46
CA GLY B 218 28.81 0.45 -16.75
C GLY B 218 30.00 -0.38 -16.28
N ASP B 219 31.00 0.30 -15.71
CA ASP B 219 32.24 -0.34 -15.27
C ASP B 219 32.32 -0.61 -13.77
N ARG B 220 31.49 0.07 -12.99
CA ARG B 220 31.30 -0.35 -11.59
C ARG B 220 30.13 -1.32 -11.47
N LEU B 221 29.17 -1.22 -12.39
CA LEU B 221 28.03 -2.13 -12.44
C LEU B 221 27.45 -2.25 -13.86
N SER B 222 27.82 -3.29 -14.59
CA SER B 222 27.38 -3.45 -15.98
C SER B 222 25.92 -3.84 -16.07
N GLN B 223 25.37 -3.73 -17.28
CA GLN B 223 23.98 -4.10 -17.57
C GLN B 223 23.71 -5.54 -17.16
N GLU B 224 24.57 -6.45 -17.62
CA GLU B 224 24.45 -7.87 -17.37
C GLU B 224 24.67 -8.24 -15.90
N GLU B 225 25.60 -7.53 -15.24
CA GLU B 225 25.83 -7.67 -13.81
C GLU B 225 24.65 -7.18 -12.98
N LEU B 226 23.88 -6.25 -13.54
CA LEU B 226 22.68 -5.68 -12.88
C LEU B 226 21.51 -6.67 -12.91
N VAL B 227 21.24 -7.24 -14.07
CA VAL B 227 20.20 -8.25 -14.23
C VAL B 227 20.54 -9.52 -13.39
N ALA B 228 21.83 -9.87 -13.34
CA ALA B 228 22.30 -11.05 -12.60
C ALA B 228 22.24 -10.83 -11.10
N MET B 229 22.54 -9.60 -10.65
CA MET B 229 22.39 -9.24 -9.26
C MET B 229 20.93 -9.30 -8.81
N ALA B 230 20.03 -8.75 -9.63
CA ALA B 230 18.61 -8.80 -9.34
C ALA B 230 18.12 -10.24 -9.31
N MET B 231 18.61 -11.07 -10.24
CA MET B 231 18.28 -12.48 -10.27
C MET B 231 18.70 -13.20 -8.97
N LEU B 232 19.96 -13.03 -8.58
CA LEU B 232 20.49 -13.57 -7.32
C LEU B 232 19.64 -13.17 -6.10
N LEU B 233 19.46 -11.88 -5.90
CA LEU B 233 18.65 -11.37 -4.79
C LEU B 233 17.18 -11.85 -4.80
N LEU B 234 16.57 -11.91 -5.98
CA LEU B 234 15.22 -12.46 -6.15
C LEU B 234 15.18 -13.92 -5.69
N ILE B 235 16.10 -14.74 -6.19
CA ILE B 235 16.18 -16.16 -5.87
C ILE B 235 16.40 -16.36 -4.37
N ALA B 236 17.33 -15.62 -3.80
CA ALA B 236 17.56 -15.62 -2.35
C ALA B 236 16.24 -15.33 -1.59
N GLY B 237 15.43 -14.43 -2.12
CA GLY B 237 14.15 -14.03 -1.51
C GLY B 237 13.02 -15.04 -1.61
N HIS B 238 13.09 -15.96 -2.57
CA HIS B 238 12.06 -16.99 -2.72
C HIS B 238 12.45 -18.37 -2.14
N GLU B 239 13.75 -18.60 -1.91
CA GLU B 239 14.20 -19.99 -1.77
C GLU B 239 14.96 -20.36 -0.49
N THR B 240 15.13 -19.40 0.42
CA THR B 240 15.93 -19.63 1.62
C THR B 240 15.10 -19.49 2.90
N THR B 241 14.71 -18.26 3.23
CA THR B 241 14.00 -17.94 4.47
C THR B 241 12.70 -18.73 4.61
N VAL B 242 12.03 -18.99 3.49
CA VAL B 242 10.84 -19.86 3.48
C VAL B 242 11.10 -21.18 4.26
N ASN B 243 12.33 -21.69 4.13
CA ASN B 243 12.68 -22.94 4.77
C ASN B 243 13.21 -22.79 6.20
N LEU B 244 13.70 -21.61 6.57
CA LEU B 244 13.88 -21.29 7.98
C LEU B 244 12.50 -21.37 8.64
N ILE B 245 11.54 -20.69 8.06
CA ILE B 245 10.18 -20.68 8.62
C ILE B 245 9.56 -22.07 8.63
N GLY B 246 9.58 -22.75 7.49
CA GLY B 246 9.03 -24.09 7.45
C GLY B 246 9.72 -25.00 8.44
N ASN B 247 11.05 -25.04 8.43
CA ASN B 247 11.81 -26.00 9.24
C ASN B 247 11.73 -25.68 10.76
N GLY B 248 11.73 -24.39 11.08
CA GLY B 248 11.63 -23.87 12.45
C GLY B 248 10.25 -24.14 13.05
N VAL B 249 9.22 -23.82 12.27
CA VAL B 249 7.84 -24.22 12.66
C VAL B 249 7.73 -25.71 12.93
N LEU B 250 8.23 -26.54 12.00
CA LEU B 250 8.17 -27.98 12.16
C LEU B 250 8.94 -28.49 13.38
N ALA B 251 10.08 -27.87 13.65
CA ALA B 251 10.88 -28.18 14.85
C ALA B 251 10.03 -28.03 16.12
N LEU B 252 9.36 -26.90 16.26
CA LEU B 252 8.51 -26.66 17.42
C LEU B 252 7.34 -27.64 17.50
N LEU B 253 6.75 -27.93 16.33
CA LEU B 253 5.59 -28.82 16.26
C LEU B 253 5.96 -30.23 16.69
N THR B 254 7.19 -30.64 16.40
CA THR B 254 7.66 -31.99 16.72
C THR B 254 8.35 -32.09 18.11
N HIS B 255 8.57 -30.94 18.76
CA HIS B 255 9.24 -30.83 20.07
C HIS B 255 8.40 -30.04 21.06
N PRO B 256 7.31 -30.65 21.59
CA PRO B 256 6.44 -29.86 22.48
C PRO B 256 7.16 -29.20 23.64
N ASP B 257 8.21 -29.84 24.18
CA ASP B 257 9.04 -29.26 25.24
C ASP B 257 9.64 -27.89 24.88
N GLN B 258 10.13 -27.76 23.66
CA GLN B 258 10.75 -26.52 23.21
C GLN B 258 9.70 -25.47 22.93
N ARG B 259 8.57 -25.93 22.38
CA ARG B 259 7.42 -25.08 22.10
C ARG B 259 6.89 -24.44 23.38
N LYS B 260 6.79 -25.25 24.44
CA LYS B 260 6.40 -24.79 25.77
C LYS B 260 7.33 -23.70 26.32
N LEU B 261 8.65 -23.88 26.16
CA LEU B 261 9.63 -22.88 26.57
C LEU B 261 9.37 -21.54 25.91
N LEU B 262 9.17 -21.57 24.60
CA LEU B 262 8.94 -20.37 23.83
C LEU B 262 7.61 -19.71 24.20
N ALA B 263 6.58 -20.52 24.47
CA ALA B 263 5.29 -19.97 24.90
C ALA B 263 5.44 -19.27 26.27
N GLU B 264 6.15 -19.90 27.21
CA GLU B 264 6.39 -19.32 28.55
C GLU B 264 7.34 -18.13 28.50
N ASP B 265 8.32 -18.17 27.59
CA ASP B 265 9.21 -17.00 27.40
C ASP B 265 9.37 -16.63 25.92
N PRO B 266 8.43 -15.81 25.39
CA PRO B 266 8.45 -15.37 24.00
C PRO B 266 9.76 -14.74 23.53
N SER B 267 10.51 -14.14 24.46
CA SER B 267 11.78 -13.46 24.15
C SER B 267 12.87 -14.42 23.68
N LEU B 268 12.65 -15.72 23.89
CA LEU B 268 13.56 -16.79 23.41
C LEU B 268 13.63 -16.90 21.87
N ILE B 269 12.84 -16.11 21.17
CA ILE B 269 12.68 -16.28 19.72
C ILE B 269 14.01 -16.05 18.94
N SER B 270 14.82 -15.07 19.35
CA SER B 270 16.11 -14.84 18.68
C SER B 270 17.06 -16.03 18.83
N SER B 271 17.12 -16.57 20.03
CA SER B 271 17.93 -17.75 20.29
C SER B 271 17.33 -19.01 19.64
N ALA B 272 15.99 -19.07 19.59
CA ALA B 272 15.31 -20.21 18.92
C ALA B 272 15.65 -20.22 17.43
N VAL B 273 15.62 -19.04 16.80
CA VAL B 273 15.90 -18.95 15.36
C VAL B 273 17.35 -19.34 15.00
N GLU B 274 18.31 -19.02 15.86
CA GLU B 274 19.68 -19.54 15.70
C GLU B 274 19.71 -21.05 15.81
N GLU B 275 18.91 -21.58 16.73
CA GLU B 275 18.91 -23.01 16.95
C GLU B 275 18.21 -23.74 15.79
N PHE B 276 17.14 -23.15 15.23
CA PHE B 276 16.47 -23.74 14.05
C PHE B 276 17.40 -23.79 12.84
N LEU B 277 18.10 -22.69 12.62
CA LEU B 277 19.15 -22.61 11.58
C LEU B 277 20.17 -23.72 11.66
N ARG B 278 20.61 -24.03 12.88
CA ARG B 278 21.57 -25.10 13.15
C ARG B 278 20.94 -26.50 13.06
N PHE B 279 19.78 -26.68 13.70
CA PHE B 279 19.13 -27.99 13.80
C PHE B 279 18.72 -28.59 12.43
N ASP B 280 18.29 -27.73 11.50
CA ASP B 280 17.72 -28.20 10.23
C ASP B 280 17.99 -27.14 9.19
N SER B 281 19.27 -26.95 8.88
CA SER B 281 19.76 -25.83 8.06
C SER B 281 19.02 -25.69 6.70
N PRO B 282 18.40 -24.52 6.42
CA PRO B 282 17.63 -24.35 5.16
C PRO B 282 18.46 -24.54 3.86
N VAL B 283 19.70 -24.04 3.87
CA VAL B 283 20.63 -24.30 2.77
C VAL B 283 21.46 -25.46 3.28
N SER B 284 21.16 -26.66 2.74
CA SER B 284 21.73 -27.92 3.22
C SER B 284 23.22 -28.09 2.83
N GLN B 285 23.54 -27.80 1.57
CA GLN B 285 24.92 -27.76 1.06
C GLN B 285 25.11 -26.41 0.39
N ALA B 286 26.23 -25.73 0.66
CA ALA B 286 26.58 -24.51 -0.06
C ALA B 286 26.63 -24.78 -1.58
N PRO B 287 26.32 -23.76 -2.41
CA PRO B 287 26.56 -24.04 -3.83
C PRO B 287 28.06 -24.35 -4.13
N ILE B 288 28.27 -25.05 -5.24
CA ILE B 288 29.51 -25.76 -5.57
C ILE B 288 30.78 -24.88 -5.54
N ARG B 289 31.88 -25.45 -5.05
CA ARG B 289 33.19 -24.83 -5.19
C ARG B 289 34.02 -25.68 -6.15
N PHE B 290 35.16 -25.15 -6.59
CA PHE B 290 36.01 -25.83 -7.57
C PHE B 290 37.42 -25.81 -7.03
N THR B 291 38.07 -26.96 -7.06
CA THR B 291 39.46 -27.02 -6.63
C THR B 291 40.36 -26.43 -7.73
N ALA B 292 41.00 -25.32 -7.38
CA ALA B 292 42.01 -24.64 -8.22
C ALA B 292 43.31 -25.45 -8.21
N GLU B 293 43.54 -26.17 -7.12
CA GLU B 293 44.61 -27.15 -7.04
C GLU B 293 44.23 -28.32 -6.12
N ASP B 294 45.11 -29.30 -5.97
CA ASP B 294 44.88 -30.37 -5.02
C ASP B 294 44.70 -29.78 -3.61
N VAL B 295 43.71 -30.30 -2.88
CA VAL B 295 43.50 -29.91 -1.49
C VAL B 295 43.35 -31.18 -0.67
N THR B 296 43.76 -31.15 0.58
CA THR B 296 43.62 -32.34 1.42
C THR B 296 42.78 -32.05 2.66
N TYR B 297 41.73 -32.84 2.83
CA TYR B 297 40.84 -32.69 3.99
C TYR B 297 40.51 -34.06 4.58
N SER B 298 40.63 -34.18 5.90
CA SER B 298 40.44 -35.49 6.60
C SER B 298 41.17 -36.64 5.92
N GLY B 299 42.42 -36.39 5.50
CA GLY B 299 43.24 -37.44 4.90
C GLY B 299 42.84 -37.82 3.49
N VAL B 300 42.00 -37.00 2.85
CA VAL B 300 41.56 -37.29 1.47
C VAL B 300 42.03 -36.11 0.61
N THR B 301 42.75 -36.42 -0.46
CA THR B 301 43.17 -35.42 -1.41
C THR B 301 42.17 -35.36 -2.57
N ILE B 302 41.58 -34.20 -2.75
CA ILE B 302 40.68 -33.95 -3.87
C ILE B 302 41.52 -33.26 -4.95
N PRO B 303 41.64 -33.88 -6.14
CA PRO B 303 42.46 -33.27 -7.19
C PRO B 303 41.94 -31.92 -7.67
N ALA B 304 42.79 -31.20 -8.40
CA ALA B 304 42.38 -30.00 -9.14
C ALA B 304 41.25 -30.33 -10.11
N GLY B 305 40.35 -29.35 -10.31
CA GLY B 305 39.28 -29.44 -11.32
C GLY B 305 38.02 -30.14 -10.86
N GLU B 306 37.84 -30.26 -9.55
CA GLU B 306 36.76 -31.05 -9.00
C GLU B 306 35.71 -30.14 -8.38
N MET B 307 34.47 -30.61 -8.37
CA MET B 307 33.37 -29.86 -7.77
C MET B 307 33.17 -30.28 -6.31
N VAL B 308 32.94 -29.30 -5.43
CA VAL B 308 32.92 -29.54 -3.98
C VAL B 308 31.76 -28.82 -3.27
N MET B 309 30.88 -29.60 -2.66
CA MET B 309 29.81 -29.10 -1.79
C MET B 309 30.27 -29.08 -0.34
N LEU B 310 30.06 -27.97 0.34
CA LEU B 310 30.25 -27.92 1.79
C LEU B 310 28.91 -28.25 2.47
N GLY B 311 28.92 -29.31 3.29
CA GLY B 311 27.72 -29.87 3.93
C GLY B 311 27.33 -29.12 5.19
N LEU B 312 26.51 -28.09 5.05
CA LEU B 312 26.20 -27.18 6.17
C LEU B 312 25.25 -27.80 7.19
N ALA B 313 24.18 -28.45 6.72
CA ALA B 313 23.24 -29.16 7.57
C ALA B 313 23.98 -30.22 8.35
N ALA B 314 24.89 -30.95 7.68
CA ALA B 314 25.76 -31.97 8.32
C ALA B 314 26.73 -31.41 9.37
N ALA B 315 27.47 -30.37 8.98
CA ALA B 315 28.40 -29.67 9.84
C ALA B 315 27.74 -29.11 11.09
N ASN B 316 26.53 -28.57 10.95
CA ASN B 316 25.82 -27.97 12.09
C ASN B 316 25.36 -28.99 13.15
N ARG B 317 25.37 -30.28 12.82
CA ARG B 317 25.11 -31.36 13.80
C ARG B 317 26.38 -32.16 14.19
N ASP B 318 27.54 -31.56 13.96
CA ASP B 318 28.82 -32.18 14.31
C ASP B 318 29.02 -32.02 15.82
N ALA B 319 29.01 -33.14 16.53
CA ALA B 319 29.19 -33.18 18.00
C ALA B 319 30.53 -32.60 18.46
N ASP B 320 31.52 -32.56 17.57
CA ASP B 320 32.81 -31.96 17.90
C ASP B 320 32.69 -30.44 18.00
N TRP B 321 31.69 -29.87 17.35
CA TRP B 321 31.42 -28.45 17.53
C TRP B 321 30.32 -28.17 18.59
N MET B 322 29.18 -28.86 18.48
CA MET B 322 28.04 -28.61 19.35
C MET B 322 27.74 -29.86 20.17
N PRO B 323 27.83 -29.78 21.52
CA PRO B 323 27.52 -30.96 22.35
C PRO B 323 26.05 -31.38 22.20
N GLU B 324 25.79 -32.68 22.15
CA GLU B 324 24.43 -33.21 21.95
C GLU B 324 23.74 -32.46 20.78
N PRO B 325 24.30 -32.60 19.57
CA PRO B 325 23.87 -31.80 18.41
C PRO B 325 22.49 -32.19 17.85
N ASP B 326 22.03 -33.40 18.16
CA ASP B 326 20.72 -33.93 17.72
C ASP B 326 19.55 -33.53 18.63
N ARG B 327 19.87 -32.83 19.71
CA ARG B 327 18.88 -32.33 20.64
C ARG B 327 18.57 -30.90 20.24
N LEU B 328 17.28 -30.57 20.08
CA LEU B 328 16.84 -29.20 19.84
C LEU B 328 16.81 -28.49 21.19
N ASP B 329 17.57 -27.42 21.31
CA ASP B 329 17.59 -26.66 22.53
C ASP B 329 17.60 -25.18 22.19
N ILE B 330 16.43 -24.56 22.26
CA ILE B 330 16.30 -23.14 21.85
C ILE B 330 16.98 -22.15 22.81
N THR B 331 17.45 -22.64 23.96
CA THR B 331 18.12 -21.75 24.95
C THR B 331 19.63 -21.65 24.73
N ARG B 332 20.16 -22.53 23.86
CA ARG B 332 21.59 -22.61 23.57
C ARG B 332 22.17 -21.26 23.20
N ASP B 333 23.37 -21.01 23.70
CA ASP B 333 24.08 -19.77 23.41
C ASP B 333 25.13 -20.08 22.36
N ALA B 334 24.69 -20.52 21.20
CA ALA B 334 25.61 -20.96 20.14
C ALA B 334 26.38 -19.81 19.51
N SER B 335 27.59 -20.14 19.07
CA SER B 335 28.34 -19.27 18.19
C SER B 335 29.00 -20.12 17.13
N GLY B 336 29.06 -19.60 15.92
CA GLY B 336 29.88 -20.19 14.88
C GLY B 336 29.20 -21.21 14.01
N GLY B 337 27.88 -21.20 13.97
CA GLY B 337 27.14 -22.03 13.02
C GLY B 337 27.54 -21.66 11.60
N VAL B 338 27.51 -22.65 10.70
CA VAL B 338 27.89 -22.40 9.29
C VAL B 338 26.69 -22.30 8.32
N PHE B 339 25.48 -22.15 8.88
CA PHE B 339 24.28 -22.06 8.07
C PHE B 339 24.18 -20.81 7.18
N PHE B 340 24.89 -19.73 7.54
CA PHE B 340 24.97 -18.53 6.68
C PHE B 340 26.33 -18.45 5.95
N GLY B 341 27.08 -19.55 5.95
CA GLY B 341 28.40 -19.60 5.31
C GLY B 341 29.44 -19.01 6.23
N HIS B 342 30.54 -18.54 5.64
CA HIS B 342 31.73 -18.11 6.38
C HIS B 342 32.77 -17.54 5.40
N GLY B 343 33.39 -16.42 5.76
CA GLY B 343 34.38 -15.78 4.89
C GLY B 343 33.77 -14.76 3.93
N ILE B 344 34.35 -14.62 2.74
CA ILE B 344 33.94 -13.55 1.81
C ILE B 344 32.52 -13.67 1.23
N HIS B 345 32.00 -14.88 1.13
CA HIS B 345 30.66 -15.07 0.58
C HIS B 345 29.59 -15.18 1.65
N PHE B 346 29.92 -14.79 2.89
CA PHE B 346 28.98 -14.90 4.02
C PHE B 346 27.63 -14.28 3.68
N CYS B 347 26.53 -14.98 4.01
CA CYS B 347 25.18 -14.50 3.66
C CYS B 347 24.96 -12.99 3.75
N LEU B 348 24.74 -12.37 2.61
CA LEU B 348 24.46 -10.93 2.54
C LEU B 348 23.15 -10.59 3.28
N GLY B 349 22.14 -11.45 3.18
CA GLY B 349 20.86 -11.21 3.84
C GLY B 349 20.67 -11.85 5.21
N ALA B 350 21.76 -12.11 5.93
CA ALA B 350 21.71 -12.86 7.19
C ALA B 350 20.79 -12.21 8.23
N GLN B 351 20.87 -10.89 8.38
CA GLN B 351 20.02 -10.15 9.31
C GLN B 351 18.58 -10.11 8.85
N LEU B 352 18.36 -9.87 7.55
CA LEU B 352 17.02 -9.95 6.98
C LEU B 352 16.38 -11.31 7.28
N ALA B 353 17.11 -12.40 6.99
CA ALA B 353 16.65 -13.76 7.23
C ALA B 353 16.29 -13.99 8.70
N ARG B 354 17.14 -13.49 9.60
CA ARG B 354 16.93 -13.61 11.04
C ARG B 354 15.68 -12.91 11.50
N LEU B 355 15.46 -11.71 10.96
CA LEU B 355 14.30 -10.89 11.29
C LEU B 355 13.02 -11.51 10.76
N GLU B 356 13.03 -11.90 9.48
CA GLU B 356 11.88 -12.58 8.88
C GLU B 356 11.53 -13.84 9.64
N GLY B 357 12.54 -14.61 10.04
CA GLY B 357 12.33 -15.86 10.77
C GLY B 357 11.79 -15.61 12.17
N ARG B 358 12.36 -14.64 12.89
CA ARG B 358 11.84 -14.28 14.23
C ARG B 358 10.40 -13.79 14.22
N VAL B 359 10.10 -12.82 13.35
CA VAL B 359 8.76 -12.28 13.16
C VAL B 359 7.77 -13.36 12.72
N ALA B 360 8.09 -14.12 11.66
CA ALA B 360 7.18 -15.10 11.10
C ALA B 360 6.85 -16.18 12.12
N ILE B 361 7.88 -16.73 12.76
CA ILE B 361 7.70 -17.85 13.68
C ILE B 361 7.11 -17.37 14.98
N GLY B 362 7.68 -16.31 15.55
CA GLY B 362 7.19 -15.80 16.82
C GLY B 362 5.74 -15.36 16.77
N ARG B 363 5.38 -14.55 15.79
CA ARG B 363 4.01 -14.07 15.63
C ARG B 363 3.00 -15.23 15.38
N LEU B 364 3.39 -16.21 14.56
CA LEU B 364 2.56 -17.39 14.32
C LEU B 364 2.17 -18.12 15.61
N PHE B 365 3.16 -18.50 16.42
CA PHE B 365 2.87 -19.28 17.61
C PHE B 365 2.11 -18.48 18.66
N ALA B 366 2.32 -17.16 18.67
CA ALA B 366 1.62 -16.25 19.58
C ALA B 366 0.16 -16.10 19.18
N ASP B 367 -0.09 -15.89 17.88
CA ASP B 367 -1.43 -15.78 17.35
C ASP B 367 -2.21 -17.08 17.37
N ARG B 368 -1.50 -18.20 17.16
CA ARG B 368 -2.09 -19.51 17.05
C ARG B 368 -1.45 -20.52 18.01
N PRO B 369 -1.70 -20.35 19.33
CA PRO B 369 -1.17 -21.26 20.34
C PRO B 369 -1.54 -22.74 20.14
N GLU B 370 -2.63 -23.02 19.43
CA GLU B 370 -3.09 -24.42 19.21
C GLU B 370 -2.73 -24.98 17.81
N LEU B 371 -1.85 -24.28 17.11
CA LEU B 371 -1.37 -24.74 15.81
C LEU B 371 -0.92 -26.18 15.90
N ALA B 372 -1.28 -26.98 14.89
CA ALA B 372 -0.91 -28.41 14.83
C ALA B 372 -0.82 -28.85 13.39
N LEU B 373 0.08 -29.81 13.13
CA LEU B 373 0.12 -30.53 11.85
C LEU B 373 -1.23 -31.15 11.54
N ALA B 374 -1.60 -31.15 10.26
CA ALA B 374 -2.80 -31.82 9.75
C ALA B 374 -2.44 -32.99 8.84
N VAL B 375 -1.24 -33.54 9.04
CA VAL B 375 -0.78 -34.77 8.40
C VAL B 375 0.11 -35.47 9.42
N GLY B 376 0.44 -36.73 9.15
CA GLY B 376 1.45 -37.43 9.94
C GLY B 376 2.83 -36.94 9.53
N LEU B 377 3.75 -36.93 10.48
CA LEU B 377 5.14 -36.53 10.23
C LEU B 377 5.68 -37.22 8.97
N ASP B 378 5.42 -38.51 8.83
CA ASP B 378 6.03 -39.29 7.74
C ASP B 378 5.43 -39.07 6.35
N GLU B 379 4.36 -38.26 6.29
CA GLU B 379 3.64 -38.02 5.06
C GLU B 379 4.18 -36.76 4.40
N LEU B 380 4.98 -36.00 5.15
CA LEU B 380 5.62 -34.79 4.65
C LEU B 380 6.62 -35.08 3.50
N VAL B 381 6.56 -34.24 2.48
CA VAL B 381 7.35 -34.40 1.27
C VAL B 381 8.26 -33.19 1.14
N TYR B 382 9.56 -33.48 1.04
CA TYR B 382 10.58 -32.46 0.90
C TYR B 382 10.96 -32.31 -0.55
N ARG B 383 11.42 -31.14 -0.92
CA ARG B 383 11.93 -30.89 -2.28
C ARG B 383 13.23 -31.65 -2.52
N ARG B 384 13.38 -32.19 -3.72
CA ARG B 384 14.62 -32.83 -4.15
C ARG B 384 15.57 -31.78 -4.68
N SER B 385 16.52 -31.43 -3.83
CA SER B 385 17.45 -30.35 -4.06
C SER B 385 18.76 -30.64 -3.33
N THR B 386 19.89 -30.35 -3.99
CA THR B 386 21.22 -30.39 -3.36
C THR B 386 21.55 -29.07 -2.67
N LEU B 387 20.66 -28.10 -2.80
CA LEU B 387 20.88 -26.80 -2.19
C LEU B 387 20.04 -26.52 -0.94
N VAL B 388 18.77 -26.95 -0.92
CA VAL B 388 17.87 -26.58 0.19
C VAL B 388 17.26 -27.79 0.85
N ARG B 389 17.04 -27.65 2.15
CA ARG B 389 16.23 -28.60 2.93
C ARG B 389 14.88 -27.88 3.15
N GLY B 390 13.86 -28.29 2.40
CA GLY B 390 12.62 -27.52 2.30
C GLY B 390 11.42 -28.37 2.03
N LEU B 391 10.35 -28.09 2.76
CA LEU B 391 9.09 -28.84 2.61
C LEU B 391 8.40 -28.37 1.37
N SER B 392 7.85 -29.28 0.60
CA SER B 392 7.04 -28.89 -0.55
C SER B 392 5.62 -28.42 -0.15
N ARG B 393 5.17 -28.82 1.03
CA ARG B 393 3.80 -28.55 1.55
C ARG B 393 3.84 -28.86 3.06
N MET B 394 3.17 -28.03 3.86
CA MET B 394 2.95 -28.37 5.28
C MET B 394 1.51 -28.12 5.69
N PRO B 395 0.64 -29.13 5.51
CA PRO B 395 -0.74 -29.02 6.02
C PRO B 395 -0.79 -28.91 7.54
N VAL B 396 -1.44 -27.86 7.99
CA VAL B 396 -1.67 -27.65 9.39
C VAL B 396 -3.15 -27.24 9.60
N THR B 397 -3.61 -27.30 10.85
CA THR B 397 -4.81 -26.58 11.24
C THR B 397 -4.34 -25.39 12.07
N MET B 398 -4.72 -24.18 11.68
CA MET B 398 -4.23 -22.97 12.36
C MET B 398 -4.71 -22.92 13.81
N GLY B 399 -5.95 -23.34 14.01
CA GLY B 399 -6.58 -23.36 15.33
C GLY B 399 -7.14 -21.97 15.66
N PRO B 400 -7.77 -21.83 16.84
CA PRO B 400 -8.27 -20.55 17.30
C PRO B 400 -7.18 -19.49 17.44
N ARG B 401 -7.53 -18.24 17.17
CA ARG B 401 -6.65 -17.13 17.37
C ARG B 401 -6.59 -16.80 18.85
N SER B 402 -5.42 -16.36 19.30
CA SER B 402 -5.22 -16.00 20.70
C SER B 402 -6.17 -14.86 21.12
N ALA B 403 -6.75 -14.99 22.31
CA ALA B 403 -7.74 -14.03 22.81
C ALA B 403 -7.07 -12.81 23.44
N ALA C 2 47.32 41.80 -1.58
CA ALA C 2 47.03 40.40 -2.03
C ALA C 2 45.54 40.08 -1.90
N LEU C 3 45.18 38.81 -2.10
CA LEU C 3 43.79 38.37 -2.08
C LEU C 3 43.47 37.71 -0.76
N THR C 4 42.27 37.98 -0.27
CA THR C 4 41.85 37.44 1.01
C THR C 4 40.37 37.10 0.98
N THR C 5 39.96 36.11 1.76
CA THR C 5 38.54 35.83 1.93
C THR C 5 37.81 36.98 2.63
N THR C 6 36.57 37.19 2.21
CA THR C 6 35.70 38.19 2.75
C THR C 6 34.90 37.53 3.88
N GLY C 7 34.56 38.32 4.91
CA GLY C 7 33.74 37.81 6.00
C GLY C 7 34.42 37.84 7.35
N THR C 8 34.03 36.90 8.21
CA THR C 8 34.54 36.83 9.60
C THR C 8 36.03 36.52 9.64
N GLU C 9 36.42 35.48 8.90
CA GLU C 9 37.82 35.04 8.79
C GLU C 9 38.48 35.62 7.55
N GLN C 10 39.72 36.12 7.71
CA GLN C 10 40.54 36.61 6.61
C GLN C 10 41.66 35.64 6.25
N HIS C 11 41.38 34.75 5.30
CA HIS C 11 42.36 33.78 4.82
C HIS C 11 42.98 34.19 3.49
N ASP C 12 44.30 34.08 3.40
CA ASP C 12 45.05 34.25 2.15
C ASP C 12 44.50 33.32 1.06
N LEU C 13 44.32 33.90 -0.12
CA LEU C 13 43.87 33.14 -1.28
C LEU C 13 44.93 33.26 -2.35
N PHE C 14 45.42 32.11 -2.83
CA PHE C 14 46.37 32.04 -3.94
C PHE C 14 47.59 32.96 -3.74
N SER C 15 48.01 33.01 -2.48
CA SER C 15 49.13 33.82 -1.99
C SER C 15 49.37 33.43 -0.53
N GLY C 16 50.55 33.76 -0.01
CA GLY C 16 50.85 33.56 1.43
C GLY C 16 50.55 32.18 1.99
N THR C 17 49.74 32.13 3.05
CA THR C 17 49.42 30.86 3.73
C THR C 17 48.62 29.85 2.89
N PHE C 18 47.97 30.32 1.82
CA PHE C 18 47.10 29.47 0.98
C PHE C 18 47.78 28.21 0.47
N TRP C 19 49.04 28.34 0.01
CA TRP C 19 49.78 27.20 -0.59
C TRP C 19 50.00 26.03 0.35
N GLN C 20 50.26 26.34 1.62
CA GLN C 20 50.60 25.32 2.60
C GLN C 20 49.36 24.53 3.01
N ASN C 21 48.25 25.26 3.14
CA ASN C 21 46.96 24.68 3.48
C ASN C 21 45.80 25.52 2.97
N PRO C 22 45.20 25.12 1.83
CA PRO C 22 44.16 25.93 1.21
C PRO C 22 42.76 25.74 1.81
N HIS C 23 42.60 24.68 2.62
CA HIS C 23 41.29 24.22 3.07
C HIS C 23 40.43 25.15 3.95
N PRO C 24 41.03 25.86 4.95
CA PRO C 24 40.23 26.85 5.71
C PRO C 24 39.73 27.98 4.82
N ALA C 25 40.58 28.42 3.88
CA ALA C 25 40.17 29.39 2.90
C ALA C 25 38.98 28.86 2.09
N TYR C 26 39.02 27.58 1.71
CA TYR C 26 37.96 26.97 0.90
C TYR C 26 36.67 26.93 1.70
N ALA C 27 36.77 26.51 2.95
CA ALA C 27 35.66 26.50 3.91
C ALA C 27 35.03 27.88 4.08
N ALA C 28 35.87 28.92 4.17
CA ALA C 28 35.40 30.28 4.34
C ALA C 28 34.68 30.83 3.10
N LEU C 29 35.16 30.42 1.91
CA LEU C 29 34.47 30.75 0.64
C LEU C 29 33.12 30.07 0.52
N ARG C 30 33.10 28.76 0.76
CA ARG C 30 31.87 27.98 0.70
C ARG C 30 30.75 28.55 1.59
N ALA C 31 31.11 28.96 2.81
CA ALA C 31 30.17 29.52 3.77
C ALA C 31 29.76 30.96 3.45
N GLU C 32 30.73 31.80 3.07
CA GLU C 32 30.49 33.25 3.00
C GLU C 32 30.59 33.92 1.62
N ASP C 33 31.21 33.24 0.66
CA ASP C 33 31.49 33.79 -0.67
C ASP C 33 31.64 32.64 -1.71
N PRO C 34 30.56 31.85 -1.95
CA PRO C 34 30.70 30.60 -2.73
C PRO C 34 30.89 30.81 -4.23
N VAL C 35 30.67 32.05 -4.68
CA VAL C 35 30.90 32.46 -6.06
C VAL C 35 31.73 33.74 -6.01
N ARG C 36 33.04 33.56 -5.88
CA ARG C 36 34.00 34.62 -5.60
C ARG C 36 34.78 35.04 -6.84
N LYS C 37 34.71 36.32 -7.17
CA LYS C 37 35.54 36.92 -8.21
C LYS C 37 36.94 37.22 -7.64
N LEU C 38 37.94 36.48 -8.13
CA LEU C 38 39.34 36.67 -7.71
C LEU C 38 40.11 37.59 -8.66
N ALA C 39 40.81 38.58 -8.09
CA ALA C 39 41.74 39.46 -8.87
C ALA C 39 43.09 38.79 -9.05
N LEU C 40 43.21 38.00 -10.11
CA LEU C 40 44.43 37.24 -10.37
C LEU C 40 45.27 37.96 -11.46
N PRO C 41 46.55 37.55 -11.64
CA PRO C 41 47.47 38.29 -12.53
C PRO C 41 46.93 38.58 -13.92
N ASP C 42 46.47 37.56 -14.62
CA ASP C 42 46.04 37.68 -16.01
C ASP C 42 44.59 38.20 -16.15
N GLY C 43 43.91 38.42 -15.03
CA GLY C 43 42.52 38.90 -15.03
C GLY C 43 41.62 38.37 -13.91
N PRO C 44 40.39 38.89 -13.82
CA PRO C 44 39.45 38.32 -12.87
C PRO C 44 39.03 36.88 -13.25
N VAL C 45 39.13 36.00 -12.27
CA VAL C 45 38.67 34.64 -12.42
C VAL C 45 37.68 34.38 -11.28
N TRP C 46 36.48 33.92 -11.63
CA TRP C 46 35.50 33.48 -10.63
C TRP C 46 35.79 32.07 -10.14
N LEU C 47 35.44 31.80 -8.88
CA LEU C 47 35.62 30.50 -8.26
C LEU C 47 34.33 30.03 -7.57
N LEU C 48 33.84 28.88 -8.02
CA LEU C 48 32.68 28.19 -7.42
C LEU C 48 33.26 27.14 -6.49
N THR C 49 32.77 27.13 -5.25
CA THR C 49 33.31 26.27 -4.20
C THR C 49 32.28 25.28 -3.63
N ARG C 50 30.98 25.57 -3.77
CA ARG C 50 29.95 24.65 -3.26
C ARG C 50 29.80 23.43 -4.15
N TYR C 51 29.64 22.26 -3.54
CA TYR C 51 29.52 21.02 -4.28
C TYR C 51 28.41 21.04 -5.35
N ALA C 52 27.21 21.47 -4.97
CA ALA C 52 26.08 21.47 -5.89
C ALA C 52 26.30 22.38 -7.10
N ASP C 53 26.82 23.57 -6.85
CA ASP C 53 27.13 24.53 -7.92
C ASP C 53 28.18 23.93 -8.84
N VAL C 54 29.23 23.37 -8.26
CA VAL C 54 30.35 22.79 -9.03
C VAL C 54 29.86 21.65 -9.92
N ARG C 55 29.07 20.74 -9.34
CA ARG C 55 28.52 19.62 -10.13
C ARG C 55 27.62 20.08 -11.30
N GLU C 56 26.72 21.03 -11.03
CA GLU C 56 25.84 21.62 -12.08
C GLU C 56 26.64 22.39 -13.13
N ALA C 57 27.62 23.19 -12.69
CA ALA C 57 28.46 23.97 -13.61
C ALA C 57 29.18 23.06 -14.64
N PHE C 58 29.67 21.91 -14.19
CA PHE C 58 30.27 20.90 -15.07
C PHE C 58 29.38 20.48 -16.25
N VAL C 59 28.06 20.51 -16.05
CA VAL C 59 27.11 20.12 -17.10
C VAL C 59 26.27 21.30 -17.65
N ASP C 60 26.62 22.51 -17.22
CA ASP C 60 26.01 23.73 -17.71
C ASP C 60 26.63 24.12 -19.08
N PRO C 61 25.87 23.97 -20.19
CA PRO C 61 26.39 24.32 -21.52
C PRO C 61 26.75 25.80 -21.72
N ARG C 62 26.27 26.68 -20.84
CA ARG C 62 26.69 28.08 -20.84
C ARG C 62 28.12 28.27 -20.29
N LEU C 63 28.65 27.26 -19.60
CA LEU C 63 30.08 27.27 -19.17
C LEU C 63 30.95 26.49 -20.14
N SER C 64 31.48 27.23 -21.09
CA SER C 64 32.11 26.72 -22.28
C SER C 64 33.63 26.60 -22.09
N LYS C 65 34.29 25.81 -22.95
CA LYS C 65 35.76 25.81 -22.93
C LYS C 65 36.37 26.77 -23.96
N ASP C 66 35.52 27.39 -24.75
CA ASP C 66 35.95 28.24 -25.86
C ASP C 66 36.34 29.63 -25.35
N TRP C 67 37.63 29.94 -25.36
CA TRP C 67 38.17 31.20 -24.84
C TRP C 67 37.75 32.44 -25.61
N ARG C 68 37.22 32.25 -26.82
CA ARG C 68 36.70 33.38 -27.60
C ARG C 68 35.47 34.07 -26.98
N HIS C 69 34.81 33.38 -26.03
CA HIS C 69 33.73 34.01 -25.25
C HIS C 69 34.17 35.25 -24.40
N ARG C 70 35.47 35.39 -24.16
CA ARG C 70 36.07 36.62 -23.55
C ARG C 70 35.96 37.85 -24.43
N LEU C 71 35.92 37.62 -25.74
CA LEU C 71 35.99 38.69 -26.71
C LEU C 71 34.61 39.13 -27.17
N PRO C 72 34.52 40.38 -27.67
CA PRO C 72 33.31 40.79 -28.37
C PRO C 72 33.27 40.04 -29.71
N GLU C 73 32.07 39.81 -30.23
CA GLU C 73 31.92 39.13 -31.51
C GLU C 73 32.85 39.63 -32.63
N ASP C 74 33.06 40.95 -32.72
CA ASP C 74 33.92 41.50 -33.79
C ASP C 74 35.39 41.07 -33.73
N GLN C 75 35.82 40.58 -32.57
CA GLN C 75 37.19 40.06 -32.46
C GLN C 75 37.33 38.53 -32.58
N ARG C 76 36.22 37.82 -32.71
CA ARG C 76 36.23 36.34 -32.59
C ARG C 76 36.58 35.57 -33.86
N ALA C 77 36.25 36.15 -35.01
CA ALA C 77 36.45 35.53 -36.32
C ALA C 77 37.90 35.17 -36.59
N ASP C 78 38.81 36.09 -36.32
CA ASP C 78 40.21 35.88 -36.68
C ASP C 78 41.01 35.12 -35.62
N MET C 79 40.36 34.80 -34.50
CA MET C 79 41.04 34.17 -33.36
C MET C 79 40.87 32.64 -33.44
N PRO C 80 41.97 31.89 -33.25
CA PRO C 80 41.83 30.43 -33.17
C PRO C 80 40.91 29.96 -32.01
N ALA C 81 40.33 28.76 -32.16
CA ALA C 81 39.44 28.21 -31.12
C ALA C 81 40.14 27.87 -29.79
N THR C 82 41.46 27.72 -29.86
CA THR C 82 42.28 27.28 -28.72
C THR C 82 43.66 27.92 -28.84
N PRO C 83 44.44 28.00 -27.72
CA PRO C 83 45.88 28.30 -27.82
C PRO C 83 46.73 27.14 -28.33
N THR C 84 46.23 25.91 -28.11
CA THR C 84 46.79 24.66 -28.64
C THR C 84 45.58 23.70 -28.76
N PRO C 85 45.40 23.04 -29.94
CA PRO C 85 44.17 22.26 -30.16
C PRO C 85 44.03 20.96 -29.34
N MET C 86 44.00 21.11 -28.03
CA MET C 86 43.72 20.04 -27.09
C MET C 86 42.20 19.92 -26.88
N MET C 87 41.70 18.69 -26.76
CA MET C 87 40.27 18.47 -26.56
C MET C 87 39.75 19.10 -25.25
N ILE C 88 40.62 19.20 -24.24
CA ILE C 88 40.25 19.81 -22.93
C ILE C 88 39.90 21.31 -23.07
N LEU C 89 40.34 21.93 -24.18
CA LEU C 89 40.15 23.32 -24.46
C LEU C 89 39.06 23.54 -25.47
N MET C 90 38.21 22.53 -25.69
CA MET C 90 37.20 22.58 -26.76
C MET C 90 35.80 22.20 -26.29
N ASP C 91 34.80 22.71 -26.99
CA ASP C 91 33.42 22.26 -26.88
C ASP C 91 33.12 21.30 -28.03
N PRO C 92 31.97 20.61 -28.00
CA PRO C 92 31.52 19.84 -29.16
C PRO C 92 31.32 20.76 -30.37
N PRO C 93 31.40 20.19 -31.60
CA PRO C 93 31.68 18.82 -31.99
C PRO C 93 33.15 18.42 -32.00
N ASP C 94 34.08 19.38 -32.05
CA ASP C 94 35.50 19.00 -32.12
C ASP C 94 35.90 18.20 -30.89
N HIS C 95 35.46 18.64 -29.71
CA HIS C 95 35.77 17.83 -28.52
C HIS C 95 35.28 16.37 -28.65
N THR C 96 34.02 16.21 -29.05
CA THR C 96 33.41 14.88 -29.22
C THR C 96 34.24 13.96 -30.11
N ARG C 97 34.61 14.47 -31.29
CA ARG C 97 35.47 13.78 -32.24
C ARG C 97 36.80 13.32 -31.65
N LEU C 98 37.56 14.25 -31.08
CA LEU C 98 38.87 13.91 -30.48
C LEU C 98 38.77 12.96 -29.29
N ARG C 99 37.77 13.14 -28.44
CA ARG C 99 37.59 12.25 -27.27
C ARG C 99 37.23 10.81 -27.70
N LYS C 100 36.31 10.69 -28.66
CA LYS C 100 35.94 9.39 -29.23
C LYS C 100 37.16 8.64 -29.76
N LEU C 101 38.00 9.34 -30.53
CA LEU C 101 39.28 8.85 -31.02
C LEU C 101 40.17 8.14 -30.02
N VAL C 102 40.28 8.72 -28.84
CA VAL C 102 41.24 8.24 -27.86
C VAL C 102 40.54 7.39 -26.77
N GLY C 103 39.21 7.52 -26.71
CA GLY C 103 38.37 6.82 -25.73
C GLY C 103 38.59 5.33 -25.55
N ARG C 104 38.69 4.60 -26.66
CA ARG C 104 38.89 3.14 -26.64
C ARG C 104 40.21 2.66 -25.99
N SER C 105 41.23 3.51 -26.04
CA SER C 105 42.52 3.20 -25.48
C SER C 105 42.56 3.37 -23.95
N PHE C 106 41.55 4.04 -23.40
CA PHE C 106 41.54 4.33 -21.96
C PHE C 106 40.38 3.69 -21.18
N THR C 107 39.74 2.66 -21.76
CA THR C 107 38.64 1.94 -21.07
C THR C 107 39.18 1.26 -19.82
N VAL C 108 38.30 0.95 -18.86
CA VAL C 108 38.76 0.41 -17.60
C VAL C 108 39.42 -0.94 -17.82
N ARG C 109 38.92 -1.68 -18.82
CA ARG C 109 39.49 -2.97 -19.19
C ARG C 109 40.95 -2.81 -19.59
N ARG C 110 41.20 -1.93 -20.57
CA ARG C 110 42.57 -1.64 -21.03
C ARG C 110 43.50 -1.24 -19.89
N MET C 111 43.03 -0.34 -19.03
CA MET C 111 43.83 0.14 -17.91
C MET C 111 44.05 -0.95 -16.85
N ASN C 112 43.02 -1.76 -16.58
CA ASN C 112 43.20 -2.94 -15.70
C ASN C 112 44.29 -3.89 -16.19
N GLU C 113 44.35 -4.09 -17.50
CA GLU C 113 45.40 -4.91 -18.12
C GLU C 113 46.81 -4.34 -17.87
N LEU C 114 46.89 -3.06 -17.48
CA LEU C 114 48.18 -2.46 -17.16
C LEU C 114 48.63 -2.68 -15.72
N GLU C 115 47.73 -3.14 -14.86
CA GLU C 115 48.06 -3.29 -13.43
C GLU C 115 49.38 -4.06 -13.16
N PRO C 116 49.62 -5.20 -13.86
CA PRO C 116 50.89 -5.92 -13.64
C PRO C 116 52.14 -5.10 -13.94
N ARG C 117 52.10 -4.32 -15.02
CA ARG C 117 53.25 -3.47 -15.35
C ARG C 117 53.43 -2.36 -14.31
N ILE C 118 52.33 -1.74 -13.90
CA ILE C 118 52.36 -0.71 -12.86
C ILE C 118 52.95 -1.25 -11.55
N THR C 119 52.46 -2.42 -11.13
CA THR C 119 52.99 -3.15 -9.96
C THR C 119 54.50 -3.42 -10.07
N GLU C 120 54.90 -4.01 -11.19
CA GLU C 120 56.29 -4.24 -11.51
C GLU C 120 57.15 -2.96 -11.36
N ILE C 121 56.71 -1.85 -11.97
CA ILE C 121 57.44 -0.59 -11.89
C ILE C 121 57.61 -0.12 -10.44
N ALA C 122 56.50 -0.15 -9.68
CA ALA C 122 56.49 0.28 -8.29
C ALA C 122 57.48 -0.56 -7.46
N ASP C 123 57.53 -1.85 -7.76
CA ASP C 123 58.40 -2.79 -7.05
C ASP C 123 59.88 -2.43 -7.18
N GLY C 124 60.33 -2.29 -8.43
CA GLY C 124 61.70 -1.90 -8.75
C GLY C 124 62.10 -0.62 -8.07
N LEU C 125 61.18 0.33 -7.95
CA LEU C 125 61.47 1.60 -7.28
C LEU C 125 61.73 1.38 -5.78
N LEU C 126 60.84 0.60 -5.17
CA LEU C 126 60.95 0.21 -3.75
C LEU C 126 62.22 -0.61 -3.45
N ALA C 127 62.61 -1.48 -4.40
CA ALA C 127 63.84 -2.26 -4.26
C ALA C 127 65.06 -1.34 -4.17
N GLY C 128 65.19 -0.41 -5.10
CA GLY C 128 66.33 0.49 -5.15
C GLY C 128 66.40 1.54 -4.05
N LEU C 129 65.28 1.76 -3.36
CA LEU C 129 65.23 2.84 -2.36
C LEU C 129 65.99 2.51 -1.07
N PRO C 130 66.84 3.45 -0.60
CA PRO C 130 67.65 3.29 0.61
C PRO C 130 66.86 2.99 1.89
N THR C 131 67.31 1.96 2.59
CA THR C 131 66.79 1.56 3.89
C THR C 131 67.10 2.62 4.94
N ASP C 132 68.27 3.25 4.81
CA ASP C 132 68.70 4.30 5.73
C ASP C 132 68.82 5.67 5.07
N GLY C 133 68.65 6.71 5.87
CA GLY C 133 68.82 8.07 5.39
C GLY C 133 67.58 8.64 4.76
N PRO C 134 67.61 9.95 4.43
CA PRO C 134 66.46 10.65 3.89
C PRO C 134 66.39 10.57 2.36
N VAL C 135 65.18 10.31 1.86
CA VAL C 135 64.89 10.36 0.43
C VAL C 135 63.72 11.33 0.15
N ASP C 136 63.74 11.95 -1.03
CA ASP C 136 62.63 12.75 -1.51
C ASP C 136 61.67 11.80 -2.19
N LEU C 137 60.57 11.49 -1.50
CA LEU C 137 59.58 10.53 -1.98
C LEU C 137 58.84 10.99 -3.24
N MET C 138 58.70 12.30 -3.43
CA MET C 138 58.12 12.82 -4.65
C MET C 138 58.98 12.43 -5.87
N ARG C 139 60.19 12.99 -5.94
CA ARG C 139 61.10 12.75 -7.08
C ARG C 139 61.44 11.27 -7.31
N GLU C 140 61.67 10.54 -6.24
CA GLU C 140 62.15 9.14 -6.34
C GLU C 140 61.03 8.12 -6.45
N TYR C 141 59.78 8.52 -6.24
CA TYR C 141 58.71 7.54 -6.21
C TYR C 141 57.35 7.97 -6.79
N ALA C 142 56.70 8.97 -6.17
CA ALA C 142 55.37 9.44 -6.59
C ALA C 142 55.39 9.96 -8.02
N PHE C 143 56.44 10.74 -8.36
CA PHE C 143 56.68 11.18 -9.73
C PHE C 143 56.99 10.04 -10.72
N GLN C 144 57.84 9.10 -10.30
CA GLN C 144 58.38 8.09 -11.20
C GLN C 144 57.38 7.09 -11.78
N ILE C 145 56.46 6.58 -10.96
CA ILE C 145 55.50 5.63 -11.47
C ILE C 145 54.67 6.20 -12.66
N PRO C 146 53.94 7.33 -12.46
CA PRO C 146 53.04 7.82 -13.50
C PRO C 146 53.79 8.23 -14.77
N VAL C 147 54.97 8.80 -14.57
CA VAL C 147 55.84 9.20 -15.69
C VAL C 147 56.26 8.01 -16.54
N GLN C 148 56.75 6.95 -15.91
CA GLN C 148 57.17 5.77 -16.65
C GLN C 148 55.99 5.06 -17.32
N VAL C 149 54.86 4.97 -16.60
CA VAL C 149 53.62 4.45 -17.22
C VAL C 149 53.23 5.25 -18.49
N ILE C 150 53.20 6.58 -18.40
CA ILE C 150 52.75 7.37 -19.57
C ILE C 150 53.77 7.33 -20.74
N CYS C 151 55.07 7.35 -20.42
CA CYS C 151 56.09 7.15 -21.44
C CYS C 151 55.95 5.81 -22.19
N GLU C 152 55.70 4.72 -21.46
CA GLU C 152 55.45 3.42 -22.10
C GLU C 152 54.15 3.39 -22.89
N LEU C 153 53.09 3.99 -22.32
CA LEU C 153 51.80 4.02 -23.03
C LEU C 153 51.89 4.80 -24.36
N LEU C 154 52.49 5.99 -24.33
CA LEU C 154 52.58 6.83 -25.53
C LEU C 154 53.71 6.44 -26.48
N GLY C 155 54.80 5.92 -25.92
CA GLY C 155 56.02 5.64 -26.67
C GLY C 155 56.97 6.83 -26.62
N LEU C 156 57.13 7.44 -25.44
CA LEU C 156 58.08 8.56 -25.28
C LEU C 156 59.47 8.02 -24.92
N PRO C 157 60.52 8.44 -25.66
CA PRO C 157 61.88 7.96 -25.32
C PRO C 157 62.30 8.39 -23.91
N ALA C 158 62.79 7.43 -23.13
CA ALA C 158 63.26 7.66 -21.76
C ALA C 158 64.44 8.64 -21.72
N GLU C 159 65.27 8.60 -22.76
CA GLU C 159 66.41 9.52 -22.96
C GLU C 159 66.02 10.99 -22.88
N ASP C 160 64.76 11.28 -23.23
CA ASP C 160 64.30 12.66 -23.30
C ASP C 160 63.50 13.12 -22.09
N ARG C 161 63.35 12.25 -21.08
CA ARG C 161 62.46 12.50 -19.96
C ARG C 161 62.73 13.77 -19.18
N ASP C 162 64.01 14.11 -19.02
CA ASP C 162 64.40 15.30 -18.25
C ASP C 162 63.94 16.58 -18.93
N ASP C 163 64.04 16.62 -20.26
CA ASP C 163 63.57 17.74 -21.05
C ASP C 163 62.06 17.98 -20.92
N PHE C 164 61.27 16.94 -21.22
CA PHE C 164 59.82 17.16 -21.28
C PHE C 164 59.10 17.31 -19.92
N SER C 165 59.68 16.75 -18.85
CA SER C 165 59.20 16.99 -17.49
C SER C 165 59.40 18.44 -17.02
N ALA C 166 60.54 19.03 -17.37
CA ALA C 166 60.77 20.44 -17.09
C ALA C 166 59.71 21.35 -17.73
N TRP C 167 59.38 21.08 -19.00
CA TRP C 167 58.42 21.90 -19.76
C TRP C 167 57.01 21.69 -19.22
N SER C 168 56.68 20.45 -18.95
CA SER C 168 55.39 20.03 -18.36
C SER C 168 55.12 20.76 -17.04
N SER C 169 56.12 20.78 -16.18
CA SER C 169 56.01 21.42 -14.86
C SER C 169 55.78 22.93 -14.95
N VAL C 170 56.43 23.58 -15.91
CA VAL C 170 56.25 25.01 -16.09
C VAL C 170 54.81 25.35 -16.48
N LEU C 171 54.19 24.49 -17.29
CA LEU C 171 52.82 24.73 -17.78
C LEU C 171 51.76 24.60 -16.69
N VAL C 172 52.10 23.83 -15.65
CA VAL C 172 51.16 23.52 -14.56
C VAL C 172 51.29 24.44 -13.31
N ASP C 173 52.48 24.96 -13.05
CA ASP C 173 52.72 25.83 -11.88
C ASP C 173 52.25 27.27 -12.10
N ASP C 174 52.62 28.17 -11.20
CA ASP C 174 52.27 29.61 -11.27
C ASP C 174 53.16 30.48 -12.17
N SER C 175 53.82 29.87 -13.16
CA SER C 175 54.80 30.55 -14.04
C SER C 175 54.21 31.69 -14.82
N PRO C 176 55.02 32.73 -15.14
CA PRO C 176 54.50 33.83 -15.95
C PRO C 176 54.06 33.35 -17.34
N ALA C 177 53.19 34.11 -17.98
CA ALA C 177 52.60 33.73 -19.28
C ALA C 177 53.64 33.52 -20.37
N ASP C 178 54.70 34.33 -20.35
CA ASP C 178 55.80 34.19 -21.29
C ASP C 178 56.60 32.89 -21.11
N ASP C 179 56.81 32.51 -19.85
CA ASP C 179 57.48 31.25 -19.54
C ASP C 179 56.67 30.02 -20.01
N LYS C 180 55.35 30.09 -19.86
CA LYS C 180 54.45 29.01 -20.28
C LYS C 180 54.39 28.91 -21.79
N ASN C 181 54.29 30.07 -22.44
CA ASN C 181 54.36 30.12 -23.89
C ASN C 181 55.63 29.51 -24.47
N ALA C 182 56.75 29.79 -23.83
CA ALA C 182 58.04 29.22 -24.21
C ALA C 182 58.09 27.70 -23.99
N ALA C 183 57.68 27.24 -22.79
CA ALA C 183 57.60 25.78 -22.52
C ALA C 183 56.68 25.01 -23.49
N MET C 184 55.57 25.66 -23.88
CA MET C 184 54.59 25.09 -24.79
C MET C 184 55.19 24.94 -26.20
N GLY C 185 55.92 25.97 -26.64
CA GLY C 185 56.69 25.95 -27.88
C GLY C 185 57.74 24.85 -27.96
N LYS C 186 58.51 24.67 -26.89
CA LYS C 186 59.52 23.60 -26.81
C LYS C 186 58.89 22.20 -26.78
N LEU C 187 57.81 22.05 -26.00
CA LEU C 187 57.07 20.79 -25.97
C LEU C 187 56.48 20.44 -27.33
N HIS C 188 55.87 21.43 -27.98
CA HIS C 188 55.29 21.28 -29.30
C HIS C 188 56.34 20.85 -30.34
N GLY C 189 57.48 21.55 -30.34
CA GLY C 189 58.61 21.24 -31.22
C GLY C 189 59.18 19.86 -30.99
N TYR C 190 59.43 19.54 -29.73
CA TYR C 190 59.85 18.20 -29.35
C TYR C 190 58.90 17.10 -29.87
N LEU C 191 57.60 17.29 -29.65
CA LEU C 191 56.60 16.28 -30.01
C LEU C 191 56.42 16.21 -31.52
N SER C 192 56.44 17.36 -32.19
CA SER C 192 56.40 17.42 -33.65
C SER C 192 57.57 16.62 -34.26
N ASP C 193 58.77 16.81 -33.72
CA ASP C 193 59.95 16.08 -34.20
C ASP C 193 59.89 14.58 -33.86
N LEU C 194 59.43 14.25 -32.66
CA LEU C 194 59.21 12.87 -32.28
C LEU C 194 58.28 12.15 -33.30
N LEU C 195 57.16 12.77 -33.62
CA LEU C 195 56.19 12.17 -34.53
C LEU C 195 56.77 11.96 -35.95
N GLU C 196 57.61 12.92 -36.41
CA GLU C 196 58.36 12.76 -37.67
C GLU C 196 59.26 11.52 -37.67
N ARG C 197 59.98 11.31 -36.57
CA ARG C 197 60.82 10.13 -36.39
C ARG C 197 60.04 8.82 -36.27
N LYS C 198 58.87 8.89 -35.64
CA LYS C 198 57.99 7.72 -35.52
C LYS C 198 57.38 7.33 -36.88
N ARG C 199 57.21 8.29 -37.78
CA ARG C 199 56.76 7.95 -39.13
C ARG C 199 57.75 7.01 -39.85
N THR C 200 59.03 7.23 -39.62
CA THR C 200 60.08 6.42 -40.20
C THR C 200 60.24 5.12 -39.43
N GLU C 201 60.19 5.18 -38.09
CA GLU C 201 60.27 3.97 -37.29
C GLU C 201 59.12 3.84 -36.27
N PRO C 202 57.96 3.32 -36.72
CA PRO C 202 56.78 3.17 -35.86
C PRO C 202 56.96 2.15 -34.74
N ASP C 203 56.12 2.27 -33.71
CA ASP C 203 56.05 1.25 -32.66
C ASP C 203 54.58 0.88 -32.45
N ASP C 204 54.28 0.11 -31.42
CA ASP C 204 52.88 -0.30 -31.20
C ASP C 204 52.19 0.51 -30.09
N ALA C 205 52.81 1.62 -29.70
CA ALA C 205 52.30 2.46 -28.63
C ALA C 205 51.40 3.55 -29.21
N LEU C 206 50.79 4.37 -28.35
CA LEU C 206 49.68 5.23 -28.79
C LEU C 206 50.03 6.29 -29.83
N LEU C 207 51.20 6.92 -29.72
CA LEU C 207 51.48 8.00 -30.68
C LEU C 207 51.63 7.49 -32.12
N SER C 208 52.30 6.36 -32.31
CA SER C 208 52.36 5.72 -33.64
C SER C 208 50.97 5.39 -34.18
N SER C 209 50.13 4.81 -33.34
CA SER C 209 48.75 4.53 -33.77
C SER C 209 48.01 5.77 -34.23
N LEU C 210 48.02 6.83 -33.42
CA LEU C 210 47.34 8.06 -33.76
C LEU C 210 47.93 8.74 -34.96
N LEU C 211 49.25 8.62 -35.12
CA LEU C 211 49.94 9.14 -36.28
C LEU C 211 49.40 8.45 -37.54
N ALA C 212 49.29 7.14 -37.47
CA ALA C 212 48.67 6.38 -38.59
C ALA C 212 47.27 6.90 -38.89
N VAL C 213 46.46 7.18 -37.85
CA VAL C 213 45.09 7.65 -38.04
C VAL C 213 45.09 9.01 -38.76
N SER C 214 45.92 9.92 -38.26
CA SER C 214 46.15 11.21 -38.87
C SER C 214 46.60 11.12 -40.32
N ASP C 215 47.60 10.26 -40.59
CA ASP C 215 48.06 10.03 -41.96
C ASP C 215 46.92 9.57 -42.86
N MET C 216 46.08 8.68 -42.36
CA MET C 216 44.97 8.14 -43.13
C MET C 216 43.84 9.13 -43.36
N ASP C 217 43.49 9.91 -42.34
CA ASP C 217 42.31 10.76 -42.40
C ASP C 217 42.58 12.02 -41.59
N GLY C 218 43.17 13.00 -42.26
CA GLY C 218 43.45 14.32 -41.68
C GLY C 218 42.26 15.06 -41.06
N ASP C 219 41.07 14.89 -41.62
CA ASP C 219 39.84 15.44 -41.06
C ASP C 219 39.44 14.79 -39.75
N ARG C 220 39.87 13.54 -39.53
CA ARG C 220 39.58 12.85 -38.28
C ARG C 220 40.54 13.35 -37.19
N LEU C 221 41.83 13.44 -37.56
CA LEU C 221 42.87 13.91 -36.66
C LEU C 221 43.90 14.66 -37.47
N SER C 222 43.95 15.99 -37.32
CA SER C 222 45.00 16.76 -37.98
C SER C 222 46.34 16.59 -37.32
N GLN C 223 47.40 16.91 -38.05
CA GLN C 223 48.75 16.96 -37.49
C GLN C 223 48.84 17.80 -36.22
N GLU C 224 48.23 18.98 -36.25
CA GLU C 224 48.31 19.88 -35.09
C GLU C 224 47.51 19.31 -33.90
N GLU C 225 46.34 18.75 -34.18
CA GLU C 225 45.55 18.04 -33.16
C GLU C 225 46.30 16.86 -32.55
N LEU C 226 47.01 16.10 -33.41
CA LEU C 226 47.81 14.99 -32.93
C LEU C 226 48.91 15.46 -31.97
N VAL C 227 49.61 16.53 -32.33
CA VAL C 227 50.67 17.06 -31.46
C VAL C 227 50.06 17.54 -30.11
N ALA C 228 48.93 18.24 -30.19
CA ALA C 228 48.27 18.74 -28.97
C ALA C 228 47.75 17.59 -28.12
N MET C 229 47.31 16.50 -28.75
CA MET C 229 46.87 15.29 -28.02
C MET C 229 48.02 14.67 -27.25
N ALA C 230 49.16 14.53 -27.95
CA ALA C 230 50.40 14.09 -27.33
C ALA C 230 50.79 14.92 -26.11
N MET C 231 50.75 16.25 -26.24
CA MET C 231 51.10 17.17 -25.14
C MET C 231 50.14 17.02 -23.95
N LEU C 232 48.84 17.03 -24.23
CA LEU C 232 47.84 16.86 -23.19
C LEU C 232 48.05 15.58 -22.39
N LEU C 233 48.20 14.45 -23.10
CA LEU C 233 48.39 13.17 -22.41
C LEU C 233 49.71 13.13 -21.66
N LEU C 234 50.74 13.75 -22.21
CA LEU C 234 52.01 13.76 -21.51
C LEU C 234 51.95 14.59 -20.22
N ILE C 235 51.28 15.75 -20.27
CA ILE C 235 51.17 16.62 -19.09
C ILE C 235 50.30 15.97 -18.03
N ALA C 236 49.17 15.40 -18.46
CA ALA C 236 48.31 14.59 -17.57
C ALA C 236 49.06 13.42 -16.90
N GLY C 237 50.01 12.81 -17.59
CA GLY C 237 50.84 11.73 -17.00
C GLY C 237 51.97 12.16 -16.06
N HIS C 238 52.33 13.44 -16.08
CA HIS C 238 53.42 13.98 -15.26
C HIS C 238 52.91 14.76 -14.05
N GLU C 239 51.70 15.33 -14.16
CA GLU C 239 51.27 16.37 -13.25
C GLU C 239 50.04 16.06 -12.37
N THR C 240 49.50 14.85 -12.43
CA THR C 240 48.24 14.58 -11.73
C THR C 240 48.42 13.47 -10.68
N THR C 241 48.65 12.25 -11.13
CA THR C 241 48.74 11.08 -10.26
C THR C 241 49.79 11.21 -9.18
N VAL C 242 50.89 11.86 -9.53
CA VAL C 242 51.98 12.16 -8.61
C VAL C 242 51.42 12.77 -7.32
N ASN C 243 50.47 13.68 -7.47
CA ASN C 243 49.89 14.37 -6.33
C ASN C 243 48.80 13.59 -5.60
N LEU C 244 48.16 12.63 -6.30
CA LEU C 244 47.35 11.58 -5.66
C LEU C 244 48.21 10.73 -4.71
N ILE C 245 49.33 10.22 -5.20
CA ILE C 245 50.25 9.43 -4.39
C ILE C 245 50.84 10.27 -3.26
N GLY C 246 51.42 11.42 -3.60
CA GLY C 246 51.93 12.36 -2.61
C GLY C 246 50.94 12.74 -1.51
N ASN C 247 49.77 13.24 -1.92
CA ASN C 247 48.75 13.69 -0.96
C ASN C 247 48.19 12.56 -0.13
N GLY C 248 48.04 11.40 -0.76
CA GLY C 248 47.53 10.18 -0.11
C GLY C 248 48.50 9.71 0.96
N VAL C 249 49.78 9.59 0.59
CA VAL C 249 50.83 9.26 1.55
C VAL C 249 50.83 10.26 2.71
N LEU C 250 50.93 11.56 2.42
CA LEU C 250 50.86 12.57 3.47
C LEU C 250 49.62 12.44 4.37
N ALA C 251 48.46 12.14 3.79
CA ALA C 251 47.23 11.94 4.53
C ALA C 251 47.40 10.86 5.60
N LEU C 252 47.82 9.67 5.16
CA LEU C 252 48.13 8.53 6.04
C LEU C 252 49.16 8.84 7.15
N LEU C 253 50.25 9.51 6.77
CA LEU C 253 51.33 9.82 7.71
C LEU C 253 50.89 10.80 8.79
N THR C 254 49.98 11.74 8.46
CA THR C 254 49.46 12.71 9.44
C THR C 254 48.21 12.25 10.18
N HIS C 255 47.69 11.08 9.80
CA HIS C 255 46.51 10.47 10.42
C HIS C 255 46.85 9.04 10.84
N PRO C 256 47.57 8.89 11.99
CA PRO C 256 47.99 7.55 12.44
C PRO C 256 46.80 6.63 12.62
N ASP C 257 45.65 7.18 13.03
CA ASP C 257 44.44 6.36 13.13
C ASP C 257 44.14 5.61 11.82
N GLN C 258 44.22 6.34 10.72
CA GLN C 258 43.87 5.81 9.40
C GLN C 258 44.95 4.91 8.81
N ARG C 259 46.21 5.31 9.05
CA ARG C 259 47.37 4.49 8.68
C ARG C 259 47.24 3.11 9.31
N LYS C 260 46.95 3.10 10.61
CA LYS C 260 46.75 1.89 11.41
C LYS C 260 45.72 0.94 10.77
N LEU C 261 44.58 1.51 10.36
CA LEU C 261 43.49 0.74 9.74
C LEU C 261 43.89 0.10 8.40
N LEU C 262 44.72 0.81 7.62
CA LEU C 262 45.20 0.26 6.36
C LEU C 262 46.28 -0.82 6.61
N ALA C 263 47.14 -0.58 7.59
CA ALA C 263 48.13 -1.59 7.97
C ALA C 263 47.44 -2.92 8.28
N GLU C 264 46.38 -2.85 9.09
CA GLU C 264 45.66 -4.05 9.54
C GLU C 264 44.72 -4.59 8.47
N ASP C 265 44.28 -3.69 7.59
CA ASP C 265 43.52 -4.09 6.41
C ASP C 265 44.05 -3.36 5.17
N PRO C 266 45.04 -3.97 4.48
CA PRO C 266 45.59 -3.46 3.21
C PRO C 266 44.54 -3.41 2.09
N SER C 267 43.51 -4.24 2.22
CA SER C 267 42.38 -4.29 1.29
C SER C 267 41.56 -2.99 1.25
N LEU C 268 41.78 -2.11 2.23
CA LEU C 268 41.10 -0.81 2.24
C LEU C 268 41.60 0.20 1.20
N ILE C 269 42.70 -0.16 0.51
CA ILE C 269 43.39 0.75 -0.43
C ILE C 269 42.48 1.44 -1.47
N SER C 270 41.61 0.66 -2.12
CA SER C 270 40.69 1.19 -3.13
C SER C 270 39.75 2.27 -2.60
N SER C 271 39.23 2.02 -1.39
CA SER C 271 38.38 2.96 -0.67
C SER C 271 39.26 4.11 -0.18
N ALA C 272 40.45 3.78 0.33
CA ALA C 272 41.39 4.78 0.77
C ALA C 272 41.72 5.77 -0.35
N VAL C 273 41.85 5.27 -1.58
CA VAL C 273 42.23 6.13 -2.72
C VAL C 273 41.12 7.12 -3.06
N GLU C 274 39.87 6.66 -3.02
CA GLU C 274 38.73 7.53 -3.28
C GLU C 274 38.69 8.62 -2.24
N GLU C 275 39.05 8.26 -1.00
CA GLU C 275 39.03 9.17 0.10
C GLU C 275 40.17 10.17 0.01
N PHE C 276 41.36 9.71 -0.40
CA PHE C 276 42.48 10.65 -0.68
C PHE C 276 42.12 11.65 -1.80
N LEU C 277 41.52 11.13 -2.88
CA LEU C 277 41.03 11.97 -3.99
C LEU C 277 40.06 13.05 -3.49
N ARG C 278 39.17 12.68 -2.56
CA ARG C 278 38.24 13.62 -1.96
C ARG C 278 38.91 14.56 -0.93
N PHE C 279 39.72 14.00 -0.05
CA PHE C 279 40.22 14.72 1.14
C PHE C 279 41.25 15.81 0.81
N ASP C 280 42.08 15.55 -0.18
CA ASP C 280 43.11 16.50 -0.62
C ASP C 280 43.24 16.36 -2.14
N SER C 281 42.27 16.94 -2.87
CA SER C 281 42.14 16.68 -4.29
C SER C 281 43.36 17.20 -5.07
N PRO C 282 44.04 16.33 -5.83
CA PRO C 282 45.27 16.61 -6.60
C PRO C 282 45.08 17.71 -7.63
N VAL C 283 43.93 17.72 -8.31
CA VAL C 283 43.58 18.86 -9.16
C VAL C 283 42.63 19.67 -8.33
N SER C 284 43.10 20.83 -7.90
CA SER C 284 42.39 21.60 -6.87
C SER C 284 41.30 22.49 -7.46
N GLN C 285 41.61 23.11 -8.61
CA GLN C 285 40.63 23.80 -9.45
C GLN C 285 40.67 23.22 -10.87
N ALA C 286 39.51 22.93 -11.44
CA ALA C 286 39.44 22.55 -12.85
C ALA C 286 39.99 23.68 -13.72
N PRO C 287 40.72 23.32 -14.81
CA PRO C 287 41.10 24.34 -15.81
C PRO C 287 39.88 25.21 -16.16
N ILE C 288 40.12 26.46 -16.50
CA ILE C 288 39.03 27.43 -16.62
C ILE C 288 37.96 27.16 -17.69
N ARG C 289 36.78 27.70 -17.39
CA ARG C 289 35.63 27.74 -18.29
C ARG C 289 35.29 29.21 -18.56
N PHE C 290 34.48 29.44 -19.59
CA PHE C 290 34.13 30.79 -19.99
C PHE C 290 32.60 30.88 -20.07
N THR C 291 32.02 31.92 -19.48
CA THR C 291 30.59 32.12 -19.57
C THR C 291 30.21 32.63 -20.97
N ALA C 292 29.43 31.83 -21.68
CA ALA C 292 28.91 32.17 -22.98
C ALA C 292 27.69 33.10 -22.84
N GLU C 293 26.96 32.98 -21.73
CA GLU C 293 25.82 33.84 -21.38
C GLU C 293 25.95 34.10 -19.89
N ASP C 294 25.16 35.05 -19.36
CA ASP C 294 25.12 35.24 -17.90
C ASP C 294 24.65 33.93 -17.24
N VAL C 295 25.20 33.61 -16.07
CA VAL C 295 24.74 32.46 -15.29
C VAL C 295 24.58 32.86 -13.85
N THR C 296 23.72 32.19 -13.11
CA THR C 296 23.55 32.51 -11.69
C THR C 296 23.73 31.29 -10.81
N TYR C 297 24.67 31.40 -9.87
CA TYR C 297 24.91 30.34 -8.90
C TYR C 297 24.88 30.97 -7.51
N SER C 298 24.22 30.32 -6.57
CA SER C 298 24.08 30.82 -5.17
C SER C 298 23.77 32.29 -5.09
N GLY C 299 22.83 32.75 -5.91
CA GLY C 299 22.41 34.16 -5.90
C GLY C 299 23.37 35.11 -6.57
N VAL C 300 24.46 34.59 -7.14
CA VAL C 300 25.47 35.45 -7.76
C VAL C 300 25.46 35.30 -9.28
N THR C 301 25.20 36.40 -9.97
CA THR C 301 25.20 36.38 -11.41
C THR C 301 26.61 36.66 -11.92
N ILE C 302 27.14 35.74 -12.72
CA ILE C 302 28.39 35.93 -13.46
C ILE C 302 28.04 36.39 -14.86
N PRO C 303 28.48 37.59 -15.25
CA PRO C 303 28.21 38.07 -16.60
C PRO C 303 28.80 37.18 -17.70
N ALA C 304 28.25 37.28 -18.91
CA ALA C 304 28.82 36.66 -20.11
C ALA C 304 30.24 37.19 -20.32
N GLY C 305 31.14 36.31 -20.78
CA GLY C 305 32.51 36.68 -21.13
C GLY C 305 33.57 36.53 -20.04
N GLU C 306 33.19 35.86 -18.94
CA GLU C 306 34.03 35.74 -17.74
C GLU C 306 34.73 34.40 -17.65
N MET C 307 35.88 34.38 -16.98
CA MET C 307 36.61 33.14 -16.72
C MET C 307 36.20 32.58 -15.38
N VAL C 308 36.04 31.26 -15.32
CA VAL C 308 35.43 30.58 -14.16
C VAL C 308 36.18 29.32 -13.83
N MET C 309 36.67 29.21 -12.59
CA MET C 309 37.24 27.94 -12.09
C MET C 309 36.26 27.21 -11.18
N LEU C 310 36.21 25.89 -11.35
CA LEU C 310 35.41 25.03 -10.47
C LEU C 310 36.32 24.53 -9.38
N GLY C 311 36.02 24.94 -8.14
CA GLY C 311 36.81 24.54 -6.97
C GLY C 311 36.55 23.12 -6.56
N LEU C 312 37.37 22.20 -7.08
CA LEU C 312 37.22 20.77 -6.82
C LEU C 312 37.60 20.38 -5.38
N ALA C 313 38.81 20.76 -4.95
CA ALA C 313 39.22 20.51 -3.54
C ALA C 313 38.22 21.12 -2.52
N ALA C 314 37.69 22.31 -2.80
CA ALA C 314 36.70 22.99 -1.97
C ALA C 314 35.37 22.22 -1.91
N ALA C 315 34.82 21.90 -3.10
CA ALA C 315 33.60 21.10 -3.29
C ALA C 315 33.63 19.75 -2.61
N ASN C 316 34.79 19.09 -2.67
CA ASN C 316 34.92 17.74 -2.13
C ASN C 316 34.96 17.70 -0.60
N ARG C 317 35.07 18.87 0.04
CA ARG C 317 34.90 18.96 1.49
C ARG C 317 33.63 19.76 1.88
N ASP C 318 32.63 19.75 1.00
CA ASP C 318 31.39 20.49 1.26
C ASP C 318 30.52 19.61 2.16
N ALA C 319 30.21 20.09 3.37
CA ALA C 319 29.44 19.31 4.36
C ALA C 319 28.02 19.02 3.89
N ASP C 320 27.50 19.85 3.00
CA ASP C 320 26.21 19.58 2.34
C ASP C 320 26.19 18.34 1.47
N TRP C 321 27.36 17.85 1.08
CA TRP C 321 27.47 16.63 0.27
C TRP C 321 27.96 15.43 1.09
N MET C 322 29.01 15.69 1.87
CA MET C 322 29.78 14.69 2.57
C MET C 322 29.72 14.99 4.06
N PRO C 323 29.08 14.10 4.85
CA PRO C 323 29.04 14.29 6.30
C PRO C 323 30.45 14.36 6.89
N GLU C 324 30.67 15.30 7.81
CA GLU C 324 31.97 15.48 8.46
C GLU C 324 33.14 15.46 7.44
N PRO C 325 33.11 16.42 6.49
CA PRO C 325 33.97 16.36 5.31
C PRO C 325 35.47 16.54 5.65
N ASP C 326 35.77 17.20 6.78
CA ASP C 326 37.15 17.49 7.21
C ASP C 326 37.83 16.30 7.86
N ARG C 327 37.08 15.24 8.10
CA ARG C 327 37.64 14.04 8.71
C ARG C 327 38.09 13.11 7.60
N LEU C 328 39.33 12.65 7.70
CA LEU C 328 39.84 11.63 6.81
C LEU C 328 39.25 10.32 7.28
N ASP C 329 38.47 9.69 6.40
CA ASP C 329 37.87 8.40 6.70
C ASP C 329 38.01 7.42 5.51
N ILE C 330 39.07 6.61 5.53
CA ILE C 330 39.37 5.68 4.41
C ILE C 330 38.37 4.55 4.21
N THR C 331 37.37 4.48 5.10
CA THR C 331 36.33 3.46 4.97
C THR C 331 35.04 3.95 4.30
N ARG C 332 34.95 5.26 4.03
CA ARG C 332 33.76 5.85 3.40
C ARG C 332 33.29 5.10 2.16
N ASP C 333 31.97 4.96 2.07
CA ASP C 333 31.26 4.40 0.92
C ASP C 333 30.78 5.61 0.12
N ALA C 334 31.71 6.28 -0.55
CA ALA C 334 31.43 7.58 -1.16
C ALA C 334 31.07 7.45 -2.63
N SER C 335 30.17 8.33 -3.06
CA SER C 335 29.73 8.35 -4.43
C SER C 335 29.63 9.79 -4.87
N GLY C 336 30.14 10.08 -6.06
CA GLY C 336 29.92 11.38 -6.67
C GLY C 336 30.91 12.49 -6.38
N GLY C 337 32.13 12.14 -5.98
CA GLY C 337 33.19 13.13 -5.86
C GLY C 337 33.47 13.80 -7.21
N VAL C 338 33.92 15.07 -7.16
CA VAL C 338 34.17 15.84 -8.40
C VAL C 338 35.66 15.97 -8.75
N PHE C 339 36.49 15.15 -8.09
CA PHE C 339 37.95 15.15 -8.27
C PHE C 339 38.40 14.75 -9.68
N PHE C 340 37.56 14.02 -10.41
CA PHE C 340 37.84 13.69 -11.82
C PHE C 340 36.96 14.49 -12.80
N GLY C 341 36.29 15.51 -12.27
CA GLY C 341 35.34 16.27 -13.06
C GLY C 341 34.01 15.56 -13.15
N HIS C 342 33.27 15.83 -14.22
CA HIS C 342 31.88 15.38 -14.34
C HIS C 342 31.40 15.86 -15.71
N GLY C 343 30.68 15.02 -16.43
CA GLY C 343 30.14 15.43 -17.71
C GLY C 343 31.07 15.07 -18.83
N ILE C 344 31.06 15.85 -19.90
CA ILE C 344 31.69 15.42 -21.18
C ILE C 344 33.22 15.44 -21.12
N HIS C 345 33.79 16.29 -20.25
CA HIS C 345 35.26 16.35 -20.09
C HIS C 345 35.75 15.44 -18.95
N PHE C 346 34.88 14.56 -18.47
CA PHE C 346 35.26 13.69 -17.32
C PHE C 346 36.58 12.98 -17.60
N CYS C 347 37.44 12.96 -16.58
CA CYS C 347 38.80 12.46 -16.72
C CYS C 347 38.95 11.22 -17.59
N LEU C 348 39.72 11.35 -18.66
CA LEU C 348 40.02 10.22 -19.52
C LEU C 348 40.84 9.16 -18.77
N GLY C 349 41.72 9.61 -17.89
CA GLY C 349 42.63 8.70 -17.19
C GLY C 349 42.14 8.25 -15.81
N ALA C 350 40.84 8.36 -15.54
CA ALA C 350 40.32 8.06 -14.19
C ALA C 350 40.74 6.67 -13.73
N GLN C 351 40.57 5.65 -14.56
CA GLN C 351 40.90 4.30 -14.14
C GLN C 351 42.42 4.13 -14.00
N LEU C 352 43.19 4.69 -14.93
CA LEU C 352 44.65 4.68 -14.85
C LEU C 352 45.11 5.32 -13.55
N ALA C 353 44.59 6.51 -13.22
CA ALA C 353 44.96 7.21 -12.00
C ALA C 353 44.61 6.42 -10.72
N ARG C 354 43.40 5.86 -10.65
CA ARG C 354 42.98 4.99 -9.52
C ARG C 354 43.95 3.83 -9.29
N LEU C 355 44.18 3.06 -10.33
CA LEU C 355 45.16 1.97 -10.30
C LEU C 355 46.55 2.39 -9.85
N GLU C 356 47.08 3.44 -10.48
CA GLU C 356 48.42 3.91 -10.18
C GLU C 356 48.51 4.28 -8.70
N GLY C 357 47.45 4.94 -8.20
CA GLY C 357 47.40 5.38 -6.80
C GLY C 357 47.31 4.22 -5.83
N ARG C 358 46.45 3.24 -6.13
CA ARG C 358 46.27 2.03 -5.30
C ARG C 358 47.57 1.19 -5.19
N VAL C 359 48.12 0.79 -6.34
CA VAL C 359 49.43 0.14 -6.40
C VAL C 359 50.51 0.94 -5.66
N ALA C 360 50.66 2.22 -6.02
CA ALA C 360 51.75 3.00 -5.48
C ALA C 360 51.65 3.17 -3.96
N ILE C 361 50.47 3.51 -3.46
CA ILE C 361 50.31 3.80 -2.03
C ILE C 361 50.30 2.50 -1.25
N GLY C 362 49.65 1.50 -1.83
CA GLY C 362 49.50 0.18 -1.22
C GLY C 362 50.84 -0.48 -0.99
N ARG C 363 51.61 -0.64 -2.06
CA ARG C 363 52.94 -1.29 -1.97
C ARG C 363 53.95 -0.48 -1.14
N LEU C 364 53.91 0.85 -1.22
CA LEU C 364 54.82 1.67 -0.41
C LEU C 364 54.66 1.38 1.09
N PHE C 365 53.43 1.46 1.60
CA PHE C 365 53.22 1.20 3.02
C PHE C 365 53.43 -0.27 3.39
N ALA C 366 53.08 -1.18 2.47
CA ALA C 366 53.25 -2.62 2.65
C ALA C 366 54.72 -2.99 2.78
N ASP C 367 55.55 -2.37 1.96
CA ASP C 367 57.00 -2.59 1.96
C ASP C 367 57.77 -1.79 3.03
N ARG C 368 57.25 -0.63 3.39
CA ARG C 368 57.98 0.25 4.31
C ARG C 368 57.13 0.68 5.49
N PRO C 369 56.94 -0.23 6.49
CA PRO C 369 56.06 0.02 7.65
C PRO C 369 56.57 1.12 8.60
N GLU C 370 57.86 1.44 8.55
CA GLU C 370 58.41 2.48 9.41
C GLU C 370 58.57 3.81 8.69
N LEU C 371 57.92 3.94 7.53
CA LEU C 371 57.94 5.18 6.75
C LEU C 371 57.48 6.38 7.58
N ALA C 372 58.24 7.47 7.51
CA ALA C 372 57.89 8.70 8.21
C ALA C 372 58.48 9.94 7.53
N LEU C 373 57.87 11.09 7.79
CA LEU C 373 58.45 12.36 7.38
C LEU C 373 59.81 12.53 8.08
N ALA C 374 60.80 13.04 7.36
CA ALA C 374 62.09 13.39 7.96
C ALA C 374 62.09 14.87 8.35
N VAL C 375 60.96 15.55 8.11
CA VAL C 375 60.79 16.94 8.53
C VAL C 375 59.43 17.11 9.24
N GLY C 376 59.24 18.27 9.86
CA GLY C 376 57.94 18.63 10.41
C GLY C 376 56.95 18.96 9.30
N LEU C 377 55.71 18.54 9.49
CA LEU C 377 54.58 18.89 8.62
C LEU C 377 54.71 20.30 8.03
N ASP C 378 55.05 21.26 8.88
CA ASP C 378 55.08 22.70 8.55
C ASP C 378 56.28 23.10 7.69
N GLU C 379 57.26 22.19 7.57
CA GLU C 379 58.46 22.41 6.76
C GLU C 379 58.22 22.11 5.28
N LEU C 380 57.28 21.22 5.00
CA LEU C 380 56.95 20.81 3.62
C LEU C 380 56.62 22.00 2.73
N VAL C 381 57.16 21.98 1.51
CA VAL C 381 56.93 23.04 0.54
C VAL C 381 55.96 22.54 -0.53
N TYR C 382 54.92 23.34 -0.78
CA TYR C 382 53.96 23.06 -1.82
C TYR C 382 54.22 23.91 -3.06
N ARG C 383 53.92 23.34 -4.22
CA ARG C 383 53.99 24.07 -5.48
C ARG C 383 52.96 25.17 -5.52
N ARG C 384 53.32 26.28 -6.13
CA ARG C 384 52.39 27.36 -6.34
C ARG C 384 51.71 27.13 -7.69
N SER C 385 50.43 26.77 -7.62
CA SER C 385 49.66 26.41 -8.82
C SER C 385 48.16 26.61 -8.55
N THR C 386 47.46 27.16 -9.54
CA THR C 386 46.00 27.27 -9.48
C THR C 386 45.35 26.01 -10.06
N LEU C 387 46.17 25.04 -10.46
CA LEU C 387 45.63 23.82 -11.01
C LEU C 387 45.80 22.64 -10.06
N VAL C 388 46.97 22.54 -9.43
CA VAL C 388 47.29 21.36 -8.63
C VAL C 388 47.60 21.68 -7.17
N ARG C 389 47.23 20.73 -6.31
CA ARG C 389 47.56 20.72 -4.89
C ARG C 389 48.64 19.66 -4.79
N GLY C 390 49.90 20.08 -4.70
CA GLY C 390 50.99 19.15 -4.79
C GLY C 390 52.28 19.58 -4.13
N LEU C 391 52.98 18.63 -3.54
CA LEU C 391 54.22 18.92 -2.79
C LEU C 391 55.40 19.04 -3.74
N SER C 392 56.27 20.01 -3.48
CA SER C 392 57.52 20.17 -4.23
C SER C 392 58.40 18.95 -4.02
N ARG C 393 58.57 18.60 -2.75
CA ARG C 393 59.39 17.45 -2.34
C ARG C 393 58.76 16.90 -1.07
N MET C 394 59.05 15.64 -0.76
CA MET C 394 58.65 15.07 0.51
C MET C 394 59.80 14.31 1.17
N PRO C 395 60.58 15.01 2.01
CA PRO C 395 61.71 14.35 2.67
C PRO C 395 61.17 13.29 3.64
N VAL C 396 61.44 12.02 3.33
CA VAL C 396 61.01 10.91 4.18
C VAL C 396 62.19 10.03 4.64
N THR C 397 62.01 9.41 5.80
CA THR C 397 62.85 8.29 6.23
C THR C 397 62.11 7.01 5.84
N MET C 398 62.70 6.26 4.92
CA MET C 398 62.07 5.08 4.35
C MET C 398 61.87 3.95 5.36
N GLY C 399 62.88 3.74 6.21
CA GLY C 399 62.87 2.64 7.17
C GLY C 399 63.26 1.32 6.49
N PRO C 400 63.53 0.29 7.30
CA PRO C 400 63.85 -1.04 6.73
C PRO C 400 62.70 -1.65 5.92
N ARG C 401 63.04 -2.61 5.06
CA ARG C 401 62.08 -3.35 4.26
C ARG C 401 61.43 -4.45 5.07
N SER C 402 60.09 -4.51 5.01
CA SER C 402 59.34 -5.60 5.67
C SER C 402 59.63 -6.95 5.01
N ALA D 2 -5.13 7.01 8.41
CA ALA D 2 -6.49 6.55 7.96
C ALA D 2 -6.45 5.12 7.42
N LEU D 3 -7.63 4.53 7.23
CA LEU D 3 -7.75 3.11 6.89
C LEU D 3 -7.75 2.87 5.39
N THR D 4 -7.19 1.73 5.01
CA THR D 4 -7.06 1.39 3.62
C THR D 4 -7.22 -0.12 3.40
N THR D 5 -7.67 -0.51 2.21
CA THR D 5 -7.62 -1.91 1.80
C THR D 5 -6.14 -2.35 1.69
N THR D 6 -5.91 -3.59 2.08
CA THR D 6 -4.60 -4.20 2.00
C THR D 6 -4.59 -5.10 0.78
N GLY D 7 -3.40 -5.34 0.23
CA GLY D 7 -3.25 -6.22 -0.91
C GLY D 7 -3.07 -5.49 -2.23
N THR D 8 -3.46 -6.18 -3.30
CA THR D 8 -3.28 -5.77 -4.69
C THR D 8 -3.37 -4.25 -4.84
N GLU D 9 -4.60 -3.75 -4.98
CA GLU D 9 -4.83 -2.31 -5.07
C GLU D 9 -5.16 -1.78 -3.68
N GLN D 10 -4.81 -0.52 -3.45
CA GLN D 10 -4.94 0.08 -2.14
C GLN D 10 -5.94 1.23 -2.20
N HIS D 11 -7.05 1.09 -1.47
CA HIS D 11 -8.12 2.11 -1.48
C HIS D 11 -8.43 2.62 -0.09
N ASP D 12 -8.73 3.91 -0.01
CA ASP D 12 -9.13 4.55 1.24
C ASP D 12 -10.45 3.93 1.70
N LEU D 13 -10.57 3.71 3.01
CA LEU D 13 -11.79 3.18 3.63
C LEU D 13 -12.30 4.20 4.63
N PHE D 14 -13.52 4.68 4.39
CA PHE D 14 -14.19 5.62 5.26
C PHE D 14 -13.35 6.88 5.52
N SER D 15 -12.67 7.32 4.45
CA SER D 15 -11.85 8.54 4.42
C SER D 15 -11.42 8.75 2.97
N GLY D 16 -10.82 9.91 2.68
CA GLY D 16 -10.24 10.18 1.37
C GLY D 16 -11.19 9.99 0.19
N THR D 17 -10.75 9.16 -0.77
CA THR D 17 -11.51 8.88 -1.99
C THR D 17 -12.78 8.04 -1.75
N PHE D 18 -12.90 7.43 -0.56
CA PHE D 18 -14.01 6.52 -0.24
C PHE D 18 -15.37 7.20 -0.37
N TRP D 19 -15.51 8.40 0.20
CA TRP D 19 -16.77 9.15 0.15
C TRP D 19 -17.28 9.44 -1.25
N GLN D 20 -16.37 9.71 -2.17
CA GLN D 20 -16.71 10.02 -3.55
C GLN D 20 -17.14 8.77 -4.33
N ASN D 21 -16.36 7.70 -4.22
CA ASN D 21 -16.70 6.43 -4.86
C ASN D 21 -16.19 5.25 -4.04
N PRO D 22 -17.07 4.61 -3.24
CA PRO D 22 -16.66 3.54 -2.36
C PRO D 22 -16.54 2.16 -3.03
N HIS D 23 -16.99 2.05 -4.27
CA HIS D 23 -17.16 0.77 -4.95
C HIS D 23 -15.87 0.00 -5.27
N PRO D 24 -14.83 0.70 -5.80
CA PRO D 24 -13.52 0.05 -5.91
C PRO D 24 -13.01 -0.51 -4.58
N ALA D 25 -13.09 0.27 -3.50
CA ALA D 25 -12.71 -0.21 -2.19
C ALA D 25 -13.52 -1.47 -1.82
N TYR D 26 -14.84 -1.44 -2.02
CA TYR D 26 -15.72 -2.57 -1.69
C TYR D 26 -15.33 -3.84 -2.44
N ALA D 27 -15.02 -3.66 -3.73
CA ALA D 27 -14.60 -4.75 -4.60
C ALA D 27 -13.32 -5.39 -4.10
N ALA D 28 -12.40 -4.55 -3.62
CA ALA D 28 -11.13 -5.02 -3.10
C ALA D 28 -11.31 -5.77 -1.77
N LEU D 29 -12.24 -5.29 -0.96
CA LEU D 29 -12.59 -6.00 0.26
C LEU D 29 -13.18 -7.40 -0.05
N ARG D 30 -14.23 -7.47 -0.87
CA ARG D 30 -14.84 -8.75 -1.27
C ARG D 30 -13.84 -9.76 -1.82
N ALA D 31 -12.88 -9.28 -2.62
CA ALA D 31 -11.90 -10.17 -3.25
C ALA D 31 -10.85 -10.63 -2.25
N GLU D 32 -10.36 -9.71 -1.43
CA GLU D 32 -9.13 -9.91 -0.66
C GLU D 32 -9.28 -9.85 0.86
N ASP D 33 -10.28 -9.15 1.37
CA ASP D 33 -10.49 -9.03 2.82
C ASP D 33 -12.01 -8.94 3.15
N PRO D 34 -12.76 -10.05 2.91
CA PRO D 34 -14.24 -10.01 3.01
C PRO D 34 -14.80 -9.96 4.44
N VAL D 35 -13.93 -10.17 5.43
CA VAL D 35 -14.31 -10.08 6.82
C VAL D 35 -13.25 -9.21 7.50
N ARG D 36 -13.43 -7.90 7.34
CA ARG D 36 -12.43 -6.89 7.68
C ARG D 36 -12.74 -6.18 9.00
N LYS D 37 -11.76 -6.19 9.90
CA LYS D 37 -11.87 -5.45 11.16
C LYS D 37 -11.35 -4.02 10.95
N LEU D 38 -12.22 -3.03 11.19
CA LEU D 38 -11.88 -1.64 10.96
C LEU D 38 -11.73 -0.88 12.29
N ALA D 39 -10.57 -0.27 12.47
CA ALA D 39 -10.34 0.66 13.57
C ALA D 39 -11.03 2.01 13.29
N LEU D 40 -12.34 2.05 13.48
CA LEU D 40 -13.12 3.27 13.36
C LEU D 40 -13.06 4.02 14.70
N PRO D 41 -13.52 5.30 14.75
CA PRO D 41 -13.33 6.11 15.96
C PRO D 41 -14.00 5.53 17.23
N ASP D 42 -15.29 5.22 17.14
CA ASP D 42 -16.04 4.69 18.29
C ASP D 42 -15.72 3.22 18.62
N GLY D 43 -14.58 2.74 18.10
CA GLY D 43 -14.12 1.35 18.34
C GLY D 43 -13.94 0.53 17.07
N PRO D 44 -13.38 -0.69 17.20
CA PRO D 44 -13.29 -1.57 16.05
C PRO D 44 -14.67 -2.08 15.61
N VAL D 45 -14.92 -2.02 14.31
CA VAL D 45 -16.15 -2.54 13.73
C VAL D 45 -15.74 -3.47 12.60
N TRP D 46 -16.39 -4.63 12.52
CA TRP D 46 -16.15 -5.58 11.43
C TRP D 46 -17.06 -5.30 10.25
N LEU D 47 -16.56 -5.48 9.04
CA LEU D 47 -17.34 -5.25 7.86
C LEU D 47 -17.35 -6.49 6.97
N LEU D 48 -18.55 -7.04 6.75
CA LEU D 48 -18.84 -8.16 5.84
C LEU D 48 -19.27 -7.64 4.50
N THR D 49 -18.63 -8.08 3.42
CA THR D 49 -18.89 -7.53 2.11
C THR D 49 -19.37 -8.51 1.04
N ARG D 50 -19.22 -9.81 1.26
CA ARG D 50 -19.71 -10.79 0.29
C ARG D 50 -21.19 -11.06 0.49
N TYR D 51 -21.90 -11.20 -0.61
CA TYR D 51 -23.34 -11.35 -0.61
C TYR D 51 -23.86 -12.52 0.25
N ALA D 52 -23.31 -13.74 0.05
CA ALA D 52 -23.77 -14.90 0.81
C ALA D 52 -23.56 -14.74 2.31
N ASP D 53 -22.41 -14.19 2.70
CA ASP D 53 -22.13 -13.88 4.13
C ASP D 53 -23.11 -12.86 4.71
N VAL D 54 -23.34 -11.76 3.97
CA VAL D 54 -24.26 -10.71 4.42
C VAL D 54 -25.69 -11.28 4.54
N ARG D 55 -26.15 -11.97 3.50
CA ARG D 55 -27.47 -12.64 3.54
C ARG D 55 -27.69 -13.52 4.75
N GLU D 56 -26.74 -14.42 5.06
CA GLU D 56 -26.92 -15.30 6.22
C GLU D 56 -26.72 -14.58 7.53
N ALA D 57 -25.79 -13.62 7.60
CA ALA D 57 -25.60 -12.80 8.81
C ALA D 57 -26.88 -12.04 9.23
N PHE D 58 -27.66 -11.58 8.25
CA PHE D 58 -28.99 -11.00 8.47
C PHE D 58 -29.96 -11.95 9.18
N VAL D 59 -29.83 -13.25 8.92
CA VAL D 59 -30.72 -14.22 9.57
C VAL D 59 -30.23 -14.82 10.87
N ASP D 60 -28.92 -15.05 10.96
CA ASP D 60 -28.32 -15.67 12.14
C ASP D 60 -28.58 -14.84 13.40
N PRO D 61 -29.36 -15.38 14.37
CA PRO D 61 -29.62 -14.61 15.61
C PRO D 61 -28.38 -14.47 16.52
N ARG D 62 -27.28 -15.18 16.22
CA ARG D 62 -25.99 -14.92 16.89
C ARG D 62 -25.45 -13.52 16.56
N LEU D 63 -25.96 -12.94 15.47
CA LEU D 63 -25.72 -11.53 15.11
C LEU D 63 -26.93 -10.71 15.60
N SER D 64 -26.80 -10.25 16.83
CA SER D 64 -27.88 -9.73 17.61
C SER D 64 -27.95 -8.22 17.45
N LYS D 65 -29.12 -7.62 17.69
CA LYS D 65 -29.20 -6.14 17.85
C LYS D 65 -28.96 -5.65 19.29
N ASP D 66 -28.81 -6.57 20.23
CA ASP D 66 -28.69 -6.22 21.65
C ASP D 66 -27.26 -5.77 21.95
N TRP D 67 -27.07 -4.45 22.14
CA TRP D 67 -25.75 -3.85 22.39
C TRP D 67 -25.04 -4.34 23.65
N ARG D 68 -25.78 -5.01 24.54
CA ARG D 68 -25.19 -5.55 25.78
C ARG D 68 -24.24 -6.75 25.58
N HIS D 69 -24.26 -7.33 24.37
CA HIS D 69 -23.28 -8.35 24.02
C HIS D 69 -21.84 -7.82 23.99
N ARG D 70 -21.66 -6.51 23.93
CA ARG D 70 -20.32 -5.95 24.15
C ARG D 70 -19.86 -6.06 25.60
N LEU D 71 -20.79 -6.31 26.52
CA LEU D 71 -20.52 -6.36 27.96
C LEU D 71 -20.36 -7.80 28.42
N PRO D 72 -19.55 -8.02 29.48
CA PRO D 72 -19.51 -9.34 30.15
C PRO D 72 -20.91 -9.82 30.55
N GLU D 73 -21.13 -11.13 30.46
CA GLU D 73 -22.46 -11.73 30.65
C GLU D 73 -23.21 -11.29 31.91
N ASP D 74 -22.51 -11.29 33.05
CA ASP D 74 -23.12 -10.96 34.33
C ASP D 74 -23.47 -9.48 34.52
N GLN D 75 -22.98 -8.61 33.64
CA GLN D 75 -23.33 -7.18 33.69
C GLN D 75 -24.62 -6.80 32.93
N ARG D 76 -25.11 -7.70 32.10
CA ARG D 76 -26.13 -7.38 31.11
C ARG D 76 -27.52 -7.13 31.64
N ALA D 77 -27.99 -8.01 32.53
CA ALA D 77 -29.35 -7.95 33.07
C ALA D 77 -29.75 -6.55 33.59
N ASP D 78 -28.82 -5.86 34.25
CA ASP D 78 -29.12 -4.55 34.86
C ASP D 78 -28.78 -3.30 34.00
N MET D 79 -28.39 -3.53 32.75
CA MET D 79 -28.18 -2.46 31.78
C MET D 79 -29.40 -2.40 30.84
N PRO D 80 -29.74 -1.20 30.32
CA PRO D 80 -30.91 -1.12 29.43
C PRO D 80 -30.62 -1.82 28.10
N ALA D 81 -31.64 -2.48 27.55
CA ALA D 81 -31.55 -3.21 26.28
C ALA D 81 -31.20 -2.38 25.05
N THR D 82 -31.43 -1.07 25.13
CA THR D 82 -31.23 -0.17 23.99
C THR D 82 -30.84 1.20 24.50
N PRO D 83 -30.20 2.01 23.64
CA PRO D 83 -30.02 3.45 23.93
C PRO D 83 -31.30 4.29 23.73
N THR D 84 -32.27 3.75 22.97
CA THR D 84 -33.60 4.31 22.72
C THR D 84 -34.43 3.11 22.26
N PRO D 85 -35.62 2.88 22.87
CA PRO D 85 -36.32 1.62 22.61
C PRO D 85 -37.00 1.54 21.22
N MET D 86 -36.19 1.72 20.16
CA MET D 86 -36.59 1.50 18.76
C MET D 86 -36.48 0.02 18.41
N MET D 87 -37.46 -0.50 17.67
CA MET D 87 -37.48 -1.93 17.34
C MET D 87 -36.27 -2.39 16.54
N ILE D 88 -35.65 -1.47 15.80
CA ILE D 88 -34.50 -1.80 14.96
C ILE D 88 -33.25 -2.08 15.84
N LEU D 89 -33.32 -1.73 17.13
CA LEU D 89 -32.22 -1.94 18.09
C LEU D 89 -32.54 -3.11 19.02
N MET D 90 -33.56 -3.90 18.67
CA MET D 90 -34.04 -4.99 19.51
C MET D 90 -34.01 -6.35 18.85
N ASP D 91 -33.94 -7.39 19.69
CA ASP D 91 -34.21 -8.76 19.32
C ASP D 91 -35.65 -9.14 19.71
N PRO D 92 -36.17 -10.28 19.19
CA PRO D 92 -37.37 -10.92 19.79
C PRO D 92 -37.19 -11.20 21.31
N PRO D 93 -38.29 -11.18 22.11
CA PRO D 93 -39.69 -10.95 21.71
C PRO D 93 -40.12 -9.49 21.54
N ASP D 94 -39.33 -8.53 22.02
CA ASP D 94 -39.76 -7.13 21.97
C ASP D 94 -39.80 -6.61 20.54
N HIS D 95 -38.81 -6.98 19.73
CA HIS D 95 -38.88 -6.61 18.29
C HIS D 95 -40.18 -7.08 17.64
N THR D 96 -40.54 -8.33 17.92
CA THR D 96 -41.67 -8.99 17.27
C THR D 96 -42.97 -8.22 17.57
N ARG D 97 -43.17 -7.94 18.85
CA ARG D 97 -44.34 -7.20 19.33
C ARG D 97 -44.47 -5.83 18.68
N LEU D 98 -43.38 -5.08 18.65
CA LEU D 98 -43.38 -3.73 18.08
C LEU D 98 -43.51 -3.73 16.53
N ARG D 99 -42.81 -4.62 15.84
CA ARG D 99 -43.01 -4.72 14.39
C ARG D 99 -44.42 -5.17 13.98
N LYS D 100 -44.97 -6.17 14.68
CA LYS D 100 -46.35 -6.59 14.47
C LYS D 100 -47.33 -5.41 14.55
N LEU D 101 -47.11 -4.54 15.52
CA LEU D 101 -47.99 -3.42 15.79
C LEU D 101 -48.07 -2.46 14.62
N VAL D 102 -46.92 -2.13 14.06
CA VAL D 102 -46.81 -1.14 12.99
C VAL D 102 -46.89 -1.78 11.58
N GLY D 103 -46.71 -3.11 11.50
CA GLY D 103 -46.70 -3.83 10.21
C GLY D 103 -47.91 -3.62 9.30
N ARG D 104 -49.11 -3.71 9.87
CA ARG D 104 -50.32 -3.57 9.07
C ARG D 104 -50.43 -2.21 8.38
N SER D 105 -49.88 -1.17 9.00
CA SER D 105 -49.90 0.16 8.44
C SER D 105 -48.98 0.34 7.21
N PHE D 106 -48.17 -0.68 6.91
CA PHE D 106 -47.16 -0.57 5.85
C PHE D 106 -47.22 -1.69 4.80
N THR D 107 -48.32 -2.45 4.81
CA THR D 107 -48.57 -3.48 3.81
C THR D 107 -48.50 -2.91 2.40
N VAL D 108 -48.26 -3.78 1.42
CA VAL D 108 -48.21 -3.38 0.03
C VAL D 108 -49.54 -2.69 -0.33
N ARG D 109 -50.64 -3.18 0.22
CA ARG D 109 -51.96 -2.60 0.03
C ARG D 109 -52.09 -1.15 0.54
N ARG D 110 -51.76 -0.93 1.80
CA ARG D 110 -51.82 0.41 2.35
C ARG D 110 -50.89 1.38 1.63
N MET D 111 -49.67 0.96 1.32
CA MET D 111 -48.73 1.82 0.61
C MET D 111 -49.21 2.18 -0.80
N ASN D 112 -49.75 1.18 -1.50
CA ASN D 112 -50.35 1.41 -2.82
C ASN D 112 -51.44 2.48 -2.83
N GLU D 113 -52.26 2.50 -1.78
CA GLU D 113 -53.27 3.54 -1.54
C GLU D 113 -52.72 4.97 -1.50
N LEU D 114 -51.42 5.10 -1.26
CA LEU D 114 -50.79 6.41 -1.17
C LEU D 114 -50.29 6.91 -2.51
N GLU D 115 -50.28 6.06 -3.54
CA GLU D 115 -49.67 6.43 -4.81
C GLU D 115 -50.26 7.68 -5.49
N PRO D 116 -51.62 7.83 -5.48
CA PRO D 116 -52.16 9.06 -6.11
C PRO D 116 -51.61 10.33 -5.46
N ARG D 117 -51.52 10.30 -4.13
CA ARG D 117 -50.99 11.42 -3.33
C ARG D 117 -49.48 11.65 -3.54
N ILE D 118 -48.70 10.57 -3.56
CA ILE D 118 -47.26 10.65 -3.88
C ILE D 118 -47.08 11.32 -5.26
N THR D 119 -47.90 10.89 -6.22
CA THR D 119 -47.87 11.43 -7.57
C THR D 119 -48.20 12.94 -7.60
N GLU D 120 -49.26 13.34 -6.91
CA GLU D 120 -49.61 14.76 -6.71
C GLU D 120 -48.44 15.60 -6.20
N ILE D 121 -47.82 15.13 -5.11
CA ILE D 121 -46.67 15.78 -4.48
C ILE D 121 -45.55 15.94 -5.50
N ALA D 122 -45.14 14.85 -6.15
CA ALA D 122 -44.13 14.91 -7.21
C ALA D 122 -44.52 15.90 -8.34
N ASP D 123 -45.77 15.86 -8.79
CA ASP D 123 -46.20 16.73 -9.89
C ASP D 123 -46.16 18.21 -9.48
N GLY D 124 -46.60 18.52 -8.27
CA GLY D 124 -46.49 19.87 -7.72
C GLY D 124 -45.06 20.39 -7.76
N LEU D 125 -44.12 19.58 -7.32
CA LEU D 125 -42.71 20.02 -7.26
C LEU D 125 -42.14 20.29 -8.65
N LEU D 126 -42.46 19.42 -9.62
CA LEU D 126 -42.03 19.57 -11.01
C LEU D 126 -42.69 20.77 -11.71
N ALA D 127 -43.90 21.10 -11.28
CA ALA D 127 -44.61 22.29 -11.78
C ALA D 127 -43.94 23.55 -11.24
N GLY D 128 -43.42 23.48 -10.02
CA GLY D 128 -42.84 24.63 -9.36
C GLY D 128 -41.35 24.82 -9.57
N LEU D 129 -40.73 23.95 -10.34
CA LEU D 129 -39.27 24.03 -10.56
C LEU D 129 -38.89 24.77 -11.84
N PRO D 130 -37.88 25.66 -11.77
CA PRO D 130 -37.51 26.48 -12.92
C PRO D 130 -36.98 25.70 -14.11
N THR D 131 -37.16 26.29 -15.29
CA THR D 131 -36.62 25.77 -16.53
C THR D 131 -35.15 26.19 -16.68
N ASP D 132 -34.82 27.37 -16.16
CA ASP D 132 -33.49 27.96 -16.29
C ASP D 132 -32.77 28.16 -14.97
N GLY D 133 -31.45 28.04 -15.03
CA GLY D 133 -30.59 28.35 -13.91
C GLY D 133 -30.24 27.14 -13.06
N PRO D 134 -29.79 27.39 -11.83
CA PRO D 134 -29.35 26.30 -10.95
C PRO D 134 -30.49 25.77 -10.07
N VAL D 135 -30.56 24.45 -9.97
CA VAL D 135 -31.47 23.80 -9.05
C VAL D 135 -30.67 22.76 -8.30
N ASP D 136 -30.79 22.76 -6.97
CA ASP D 136 -30.29 21.63 -6.20
C ASP D 136 -31.38 20.56 -6.14
N LEU D 137 -31.28 19.59 -7.05
CA LEU D 137 -32.26 18.51 -7.12
C LEU D 137 -32.43 17.73 -5.79
N MET D 138 -31.37 17.61 -4.99
CA MET D 138 -31.53 16.98 -3.66
C MET D 138 -32.53 17.76 -2.79
N ARG D 139 -32.16 18.97 -2.36
CA ARG D 139 -33.04 19.78 -1.50
C ARG D 139 -34.45 20.05 -2.07
N GLU D 140 -34.51 20.30 -3.38
CA GLU D 140 -35.73 20.78 -4.04
C GLU D 140 -36.69 19.68 -4.44
N TYR D 141 -36.19 18.46 -4.53
CA TYR D 141 -36.94 17.38 -5.12
C TYR D 141 -36.82 16.02 -4.42
N ALA D 142 -35.61 15.43 -4.47
CA ALA D 142 -35.36 14.10 -3.88
C ALA D 142 -35.67 14.08 -2.40
N PHE D 143 -35.31 15.17 -1.71
CA PHE D 143 -35.57 15.33 -0.27
C PHE D 143 -37.04 15.60 0.07
N GLN D 144 -37.67 16.48 -0.71
CA GLN D 144 -39.05 16.95 -0.46
C GLN D 144 -40.10 15.86 -0.49
N ILE D 145 -40.02 14.97 -1.48
CA ILE D 145 -41.03 13.92 -1.66
C ILE D 145 -41.17 12.97 -0.45
N PRO D 146 -40.07 12.28 -0.05
CA PRO D 146 -40.14 11.40 1.10
C PRO D 146 -40.52 12.13 2.38
N VAL D 147 -39.95 13.32 2.58
CA VAL D 147 -40.24 14.11 3.78
C VAL D 147 -41.72 14.53 3.88
N GLN D 148 -42.30 15.01 2.79
CA GLN D 148 -43.72 15.34 2.78
C GLN D 148 -44.62 14.11 3.01
N VAL D 149 -44.31 13.02 2.33
CA VAL D 149 -45.05 11.77 2.52
C VAL D 149 -45.01 11.31 3.99
N ILE D 150 -43.81 11.27 4.59
CA ILE D 150 -43.69 10.85 5.98
C ILE D 150 -44.39 11.80 6.97
N CYS D 151 -44.38 13.10 6.69
CA CYS D 151 -45.10 14.06 7.54
C CYS D 151 -46.60 13.79 7.48
N GLU D 152 -47.10 13.47 6.28
CA GLU D 152 -48.52 13.19 6.13
C GLU D 152 -48.91 11.86 6.76
N LEU D 153 -48.06 10.86 6.60
CA LEU D 153 -48.34 9.53 7.13
C LEU D 153 -48.36 9.52 8.67
N LEU D 154 -47.43 10.26 9.27
CA LEU D 154 -47.31 10.29 10.72
C LEU D 154 -48.15 11.35 11.40
N GLY D 155 -48.37 12.47 10.70
CA GLY D 155 -49.02 13.64 11.30
C GLY D 155 -48.05 14.62 11.91
N LEU D 156 -46.98 14.94 11.19
CA LEU D 156 -46.00 15.93 11.66
C LEU D 156 -46.34 17.29 11.09
N PRO D 157 -46.42 18.32 11.97
CA PRO D 157 -46.71 19.69 11.51
C PRO D 157 -45.66 20.19 10.55
N ALA D 158 -46.09 20.80 9.44
CA ALA D 158 -45.16 21.33 8.43
C ALA D 158 -44.31 22.52 8.91
N GLU D 159 -44.80 23.24 9.93
CA GLU D 159 -44.06 24.40 10.46
C GLU D 159 -42.79 23.97 11.21
N ASP D 160 -42.81 22.74 11.71
CA ASP D 160 -41.70 22.17 12.49
C ASP D 160 -40.69 21.41 11.62
N ARG D 161 -41.04 21.20 10.35
CA ARG D 161 -40.23 20.41 9.40
C ARG D 161 -38.75 20.75 9.41
N ASP D 162 -38.46 22.03 9.18
CA ASP D 162 -37.12 22.60 9.19
C ASP D 162 -36.30 22.21 10.43
N ASP D 163 -36.98 22.09 11.58
CA ASP D 163 -36.34 21.77 12.85
C ASP D 163 -35.92 20.29 12.96
N PHE D 164 -36.88 19.38 12.77
CA PHE D 164 -36.56 17.95 12.93
C PHE D 164 -35.74 17.37 11.78
N SER D 165 -35.81 18.02 10.63
CA SER D 165 -34.92 17.78 9.50
C SER D 165 -33.46 17.85 9.95
N ALA D 166 -33.14 18.88 10.74
CA ALA D 166 -31.76 19.17 11.14
C ALA D 166 -31.26 18.11 12.11
N TRP D 167 -32.14 17.69 13.03
CA TRP D 167 -31.80 16.68 14.05
C TRP D 167 -31.58 15.30 13.39
N SER D 168 -32.49 14.96 12.49
CA SER D 168 -32.45 13.72 11.73
C SER D 168 -31.14 13.58 10.95
N SER D 169 -30.72 14.64 10.25
CA SER D 169 -29.51 14.56 9.45
C SER D 169 -28.22 14.39 10.26
N VAL D 170 -28.17 14.97 11.46
CA VAL D 170 -27.02 14.82 12.34
C VAL D 170 -26.86 13.37 12.78
N LEU D 171 -27.99 12.71 13.02
CA LEU D 171 -28.03 11.33 13.52
C LEU D 171 -27.51 10.27 12.53
N VAL D 172 -27.60 10.56 11.23
CA VAL D 172 -27.16 9.59 10.21
C VAL D 172 -25.77 9.88 9.57
N ASP D 173 -25.28 11.10 9.72
CA ASP D 173 -23.96 11.49 9.20
C ASP D 173 -22.83 11.15 10.17
N ASP D 174 -21.59 11.42 9.77
CA ASP D 174 -20.39 11.21 10.60
C ASP D 174 -20.23 12.22 11.75
N SER D 175 -21.34 12.77 12.23
CA SER D 175 -21.33 13.78 13.32
C SER D 175 -20.64 13.30 14.59
N PRO D 176 -20.01 14.23 15.34
CA PRO D 176 -19.47 13.91 16.67
C PRO D 176 -20.53 13.31 17.59
N ALA D 177 -20.14 12.35 18.44
CA ALA D 177 -21.06 11.62 19.31
C ALA D 177 -21.84 12.53 20.25
N ASP D 178 -21.24 13.66 20.61
CA ASP D 178 -21.87 14.64 21.49
C ASP D 178 -22.95 15.43 20.75
N ASP D 179 -22.73 15.70 19.45
CA ASP D 179 -23.74 16.36 18.61
C ASP D 179 -24.95 15.45 18.36
N LYS D 180 -24.69 14.14 18.27
CA LYS D 180 -25.73 13.14 18.06
C LYS D 180 -26.58 12.94 19.31
N ASN D 181 -25.95 13.04 20.48
CA ASN D 181 -26.66 13.04 21.75
C ASN D 181 -27.59 14.24 21.89
N ALA D 182 -27.09 15.41 21.50
CA ALA D 182 -27.86 16.64 21.50
C ALA D 182 -29.04 16.65 20.52
N ALA D 183 -28.82 16.13 19.30
CA ALA D 183 -29.89 16.03 18.29
C ALA D 183 -30.98 15.05 18.72
N MET D 184 -30.55 13.97 19.36
CA MET D 184 -31.44 12.94 19.85
C MET D 184 -32.36 13.45 20.96
N GLY D 185 -31.79 14.22 21.90
CA GLY D 185 -32.55 14.75 23.00
C GLY D 185 -33.61 15.71 22.51
N LYS D 186 -33.23 16.55 21.54
CA LYS D 186 -34.15 17.50 20.92
C LYS D 186 -35.28 16.81 20.15
N LEU D 187 -34.94 15.79 19.36
CA LEU D 187 -35.95 14.99 18.64
C LEU D 187 -36.88 14.27 19.64
N HIS D 188 -36.31 13.64 20.66
CA HIS D 188 -37.13 12.96 21.67
C HIS D 188 -38.08 13.95 22.39
N GLY D 189 -37.57 15.14 22.71
CA GLY D 189 -38.35 16.16 23.40
C GLY D 189 -39.40 16.73 22.51
N TYR D 190 -39.00 17.06 21.27
CA TYR D 190 -39.92 17.49 20.25
C TYR D 190 -41.09 16.53 20.07
N LEU D 191 -40.77 15.24 19.93
CA LEU D 191 -41.83 14.22 19.74
C LEU D 191 -42.66 13.94 20.99
N SER D 192 -42.04 13.96 22.17
CA SER D 192 -42.82 13.86 23.42
C SER D 192 -43.87 14.96 23.53
N ASP D 193 -43.45 16.20 23.26
CA ASP D 193 -44.36 17.36 23.20
C ASP D 193 -45.49 17.18 22.18
N LEU D 194 -45.13 16.75 20.96
CA LEU D 194 -46.11 16.53 19.90
C LEU D 194 -47.16 15.52 20.30
N LEU D 195 -46.75 14.43 20.94
CA LEU D 195 -47.67 13.38 21.34
C LEU D 195 -48.61 13.82 22.46
N GLU D 196 -48.10 14.64 23.38
CA GLU D 196 -48.94 15.23 24.43
C GLU D 196 -49.98 16.15 23.80
N ARG D 197 -49.52 17.09 22.97
CA ARG D 197 -50.38 17.92 22.13
C ARG D 197 -51.46 17.10 21.38
N LYS D 198 -51.08 15.90 20.94
CA LYS D 198 -51.98 14.99 20.24
C LYS D 198 -53.05 14.33 21.11
N ARG D 199 -52.86 14.27 22.43
CA ARG D 199 -53.90 13.74 23.31
C ARG D 199 -55.16 14.62 23.24
N THR D 200 -54.94 15.93 23.34
CA THR D 200 -56.00 16.95 23.28
C THR D 200 -56.47 17.14 21.85
N GLU D 201 -55.54 17.07 20.91
CA GLU D 201 -55.89 17.25 19.51
C GLU D 201 -55.40 16.14 18.56
N PRO D 202 -56.09 14.99 18.56
CA PRO D 202 -55.75 13.88 17.65
C PRO D 202 -56.07 14.15 16.18
N ASP D 203 -55.56 13.27 15.33
CA ASP D 203 -55.84 13.27 13.91
C ASP D 203 -55.99 11.81 13.55
N ASP D 204 -56.14 11.51 12.27
CA ASP D 204 -56.34 10.13 11.84
C ASP D 204 -55.05 9.47 11.35
N ALA D 205 -53.90 10.13 11.56
CA ALA D 205 -52.60 9.62 11.10
C ALA D 205 -51.95 8.68 12.12
N LEU D 206 -50.77 8.15 11.81
CA LEU D 206 -50.23 7.01 12.55
C LEU D 206 -49.87 7.33 14.00
N LEU D 207 -49.20 8.45 14.25
CA LEU D 207 -48.82 8.78 15.64
C LEU D 207 -50.01 8.84 16.60
N SER D 208 -51.11 9.43 16.15
CA SER D 208 -52.35 9.47 16.95
C SER D 208 -52.87 8.07 17.20
N SER D 209 -52.84 7.22 16.17
CA SER D 209 -53.29 5.83 16.32
C SER D 209 -52.47 5.01 17.33
N LEU D 210 -51.13 5.14 17.28
CA LEU D 210 -50.26 4.44 18.23
C LEU D 210 -50.36 5.03 19.64
N LEU D 211 -50.59 6.34 19.71
CA LEU D 211 -50.80 7.01 21.00
C LEU D 211 -51.98 6.34 21.71
N ALA D 212 -53.07 6.14 20.97
CA ALA D 212 -54.28 5.53 21.50
C ALA D 212 -53.99 4.10 21.94
N VAL D 213 -53.30 3.33 21.09
CA VAL D 213 -52.81 2.00 21.49
C VAL D 213 -52.08 2.05 22.83
N SER D 214 -51.13 2.98 22.95
CA SER D 214 -50.31 3.11 24.17
C SER D 214 -51.16 3.46 25.42
N ASP D 215 -52.14 4.34 25.24
CA ASP D 215 -53.13 4.67 26.30
C ASP D 215 -53.95 3.49 26.78
N MET D 216 -54.37 2.66 25.82
CA MET D 216 -55.22 1.52 26.12
C MET D 216 -54.47 0.34 26.74
N ASP D 217 -53.20 0.16 26.34
CA ASP D 217 -52.38 -0.95 26.83
C ASP D 217 -50.89 -0.62 26.75
N GLY D 218 -50.34 -0.21 27.90
CA GLY D 218 -48.96 0.22 28.00
C GLY D 218 -47.96 -0.92 27.82
N ASP D 219 -48.45 -2.16 27.96
CA ASP D 219 -47.65 -3.35 27.69
C ASP D 219 -47.49 -3.63 26.19
N ARG D 220 -48.48 -3.22 25.41
CA ARG D 220 -48.42 -3.36 23.95
C ARG D 220 -47.43 -2.35 23.39
N LEU D 221 -47.46 -1.14 23.97
CA LEU D 221 -46.64 -0.03 23.54
C LEU D 221 -46.52 0.95 24.71
N SER D 222 -45.30 1.08 25.24
CA SER D 222 -45.00 2.01 26.32
C SER D 222 -44.80 3.41 25.76
N GLN D 223 -44.88 4.43 26.62
CA GLN D 223 -44.72 5.79 26.17
C GLN D 223 -43.35 5.99 25.55
N GLU D 224 -42.31 5.42 26.16
CA GLU D 224 -40.98 5.56 25.60
C GLU D 224 -40.82 4.77 24.26
N GLU D 225 -41.52 3.65 24.13
CA GLU D 225 -41.52 2.90 22.85
C GLU D 225 -42.28 3.66 21.77
N LEU D 226 -43.34 4.36 22.17
CA LEU D 226 -44.10 5.25 21.27
C LEU D 226 -43.22 6.36 20.69
N VAL D 227 -42.49 7.04 21.57
CA VAL D 227 -41.60 8.11 21.14
C VAL D 227 -40.46 7.60 20.22
N ALA D 228 -39.83 6.52 20.62
CA ALA D 228 -38.75 5.91 19.83
C ALA D 228 -39.23 5.46 18.44
N MET D 229 -40.47 4.97 18.36
CA MET D 229 -41.06 4.52 17.11
C MET D 229 -41.28 5.72 16.22
N ALA D 230 -41.79 6.80 16.80
CA ALA D 230 -41.98 8.05 16.08
C ALA D 230 -40.63 8.55 15.57
N MET D 231 -39.59 8.46 16.41
CA MET D 231 -38.27 8.91 16.01
C MET D 231 -37.75 8.04 14.85
N LEU D 232 -37.92 6.72 14.97
CA LEU D 232 -37.42 5.78 13.95
C LEU D 232 -38.05 6.04 12.60
N LEU D 233 -39.39 6.12 12.57
CA LEU D 233 -40.11 6.36 11.33
C LEU D 233 -39.82 7.73 10.74
N LEU D 234 -39.65 8.75 11.60
CA LEU D 234 -39.35 10.11 11.11
C LEU D 234 -38.00 10.08 10.41
N ILE D 235 -37.00 9.47 11.05
CA ILE D 235 -35.64 9.45 10.52
C ILE D 235 -35.58 8.66 9.20
N ALA D 236 -36.19 7.47 9.18
CA ALA D 236 -36.34 6.70 7.94
C ALA D 236 -36.99 7.51 6.83
N GLY D 237 -37.99 8.33 7.18
CA GLY D 237 -38.66 9.23 6.23
C GLY D 237 -37.82 10.36 5.63
N HIS D 238 -36.72 10.72 6.30
CA HIS D 238 -35.87 11.84 5.92
C HIS D 238 -34.57 11.46 5.24
N GLU D 239 -34.11 10.22 5.50
CA GLU D 239 -32.70 9.85 5.27
C GLU D 239 -32.44 8.61 4.42
N THR D 240 -33.46 8.04 3.81
CA THR D 240 -33.27 6.80 3.05
C THR D 240 -33.67 6.99 1.60
N THR D 241 -34.97 7.08 1.35
CA THR D 241 -35.54 7.27 0.00
C THR D 241 -34.94 8.45 -0.77
N VAL D 242 -34.68 9.56 -0.09
CA VAL D 242 -33.97 10.67 -0.71
C VAL D 242 -32.77 10.22 -1.58
N ASN D 243 -32.04 9.21 -1.11
CA ASN D 243 -30.84 8.75 -1.80
C ASN D 243 -31.06 7.69 -2.85
N LEU D 244 -32.20 7.02 -2.79
CA LEU D 244 -32.65 6.23 -3.92
C LEU D 244 -32.95 7.18 -5.10
N ILE D 245 -33.61 8.28 -4.81
CA ILE D 245 -33.94 9.24 -5.87
C ILE D 245 -32.64 9.88 -6.35
N GLY D 246 -31.86 10.42 -5.43
CA GLY D 246 -30.53 10.95 -5.77
C GLY D 246 -29.65 10.00 -6.60
N ASN D 247 -29.34 8.82 -6.05
CA ASN D 247 -28.44 7.88 -6.70
C ASN D 247 -29.00 7.32 -8.01
N GLY D 248 -30.32 7.15 -8.05
CA GLY D 248 -31.03 6.60 -9.20
C GLY D 248 -31.05 7.61 -10.33
N VAL D 249 -31.36 8.87 -10.01
CA VAL D 249 -31.27 9.98 -10.98
C VAL D 249 -29.83 10.08 -11.52
N LEU D 250 -28.84 10.05 -10.63
CA LEU D 250 -27.44 10.10 -11.05
C LEU D 250 -27.04 8.91 -11.94
N ALA D 251 -27.48 7.70 -11.59
CA ALA D 251 -27.18 6.51 -12.42
C ALA D 251 -27.63 6.71 -13.89
N LEU D 252 -28.87 7.16 -14.07
CA LEU D 252 -29.40 7.52 -15.39
C LEU D 252 -28.61 8.62 -16.11
N LEU D 253 -28.30 9.71 -15.41
CA LEU D 253 -27.52 10.81 -15.96
C LEU D 253 -26.12 10.39 -16.39
N THR D 254 -25.53 9.42 -15.68
CA THR D 254 -24.20 8.94 -16.02
C THR D 254 -24.22 7.73 -16.97
N HIS D 255 -25.42 7.29 -17.36
CA HIS D 255 -25.61 6.11 -18.23
C HIS D 255 -26.67 6.43 -19.27
N PRO D 256 -26.31 7.19 -20.34
CA PRO D 256 -27.25 7.56 -21.41
C PRO D 256 -28.00 6.36 -21.98
N ASP D 257 -27.29 5.23 -22.13
CA ASP D 257 -27.85 4.01 -22.70
C ASP D 257 -29.07 3.53 -21.90
N GLN D 258 -28.93 3.56 -20.58
CA GLN D 258 -30.02 3.11 -19.68
C GLN D 258 -31.12 4.13 -19.66
N ARG D 259 -30.73 5.40 -19.66
CA ARG D 259 -31.67 6.52 -19.77
C ARG D 259 -32.57 6.42 -21.03
N LYS D 260 -31.96 6.10 -22.18
CA LYS D 260 -32.68 5.91 -23.45
C LYS D 260 -33.74 4.78 -23.36
N LEU D 261 -33.31 3.64 -22.81
CA LEU D 261 -34.18 2.48 -22.57
C LEU D 261 -35.43 2.81 -21.74
N LEU D 262 -35.27 3.60 -20.67
CA LEU D 262 -36.43 4.05 -19.89
C LEU D 262 -37.30 5.02 -20.67
N ALA D 263 -36.69 5.96 -21.39
CA ALA D 263 -37.46 6.90 -22.20
C ALA D 263 -38.33 6.17 -23.24
N GLU D 264 -37.75 5.15 -23.89
CA GLU D 264 -38.45 4.35 -24.91
C GLU D 264 -39.44 3.33 -24.33
N ASP D 265 -39.24 2.90 -23.08
CA ASP D 265 -40.21 2.06 -22.36
C ASP D 265 -40.34 2.50 -20.88
N PRO D 266 -41.16 3.55 -20.61
CA PRO D 266 -41.37 4.01 -19.23
C PRO D 266 -41.82 2.94 -18.22
N SER D 267 -42.40 1.84 -18.70
CA SER D 267 -42.88 0.74 -17.83
C SER D 267 -41.71 0.00 -17.17
N LEU D 268 -40.50 0.27 -17.64
CA LEU D 268 -39.26 -0.19 -17.02
C LEU D 268 -38.95 0.44 -15.66
N ILE D 269 -39.73 1.43 -15.23
CA ILE D 269 -39.45 2.14 -13.98
C ILE D 269 -39.31 1.25 -12.71
N SER D 270 -40.24 0.31 -12.48
CA SER D 270 -40.14 -0.61 -11.33
C SER D 270 -38.86 -1.44 -11.40
N SER D 271 -38.60 -1.99 -12.57
CA SER D 271 -37.40 -2.77 -12.74
C SER D 271 -36.18 -1.86 -12.56
N ALA D 272 -36.26 -0.63 -13.07
CA ALA D 272 -35.19 0.34 -12.95
C ALA D 272 -34.89 0.69 -11.49
N VAL D 273 -35.93 0.90 -10.69
CA VAL D 273 -35.75 1.20 -9.24
C VAL D 273 -35.07 0.04 -8.49
N GLU D 274 -35.41 -1.20 -8.80
CA GLU D 274 -34.74 -2.36 -8.18
C GLU D 274 -33.23 -2.36 -8.47
N GLU D 275 -32.90 -2.02 -9.71
CA GLU D 275 -31.52 -1.94 -10.16
C GLU D 275 -30.74 -0.78 -9.53
N PHE D 276 -31.38 0.38 -9.39
CA PHE D 276 -30.78 1.54 -8.67
C PHE D 276 -30.51 1.20 -7.20
N LEU D 277 -31.48 0.55 -6.57
CA LEU D 277 -31.30 0.03 -5.20
C LEU D 277 -30.08 -0.90 -5.07
N ARG D 278 -29.90 -1.78 -6.05
CA ARG D 278 -28.75 -2.69 -6.07
C ARG D 278 -27.45 -1.97 -6.47
N PHE D 279 -27.50 -1.19 -7.54
CA PHE D 279 -26.29 -0.61 -8.19
C PHE D 279 -25.56 0.41 -7.29
N ASP D 280 -26.34 1.23 -6.57
CA ASP D 280 -25.76 2.24 -5.69
C ASP D 280 -26.58 2.37 -4.42
N SER D 281 -26.49 1.34 -3.57
CA SER D 281 -27.42 1.18 -2.45
C SER D 281 -27.41 2.39 -1.48
N PRO D 282 -28.59 3.02 -1.26
CA PRO D 282 -28.79 4.21 -0.37
C PRO D 282 -28.34 3.98 1.07
N VAL D 283 -28.69 2.83 1.64
CA VAL D 283 -28.17 2.43 2.92
C VAL D 283 -26.97 1.55 2.60
N SER D 284 -25.77 2.09 2.81
CA SER D 284 -24.53 1.46 2.33
C SER D 284 -24.08 0.37 3.28
N GLN D 285 -24.21 0.64 4.57
CA GLN D 285 -23.94 -0.36 5.60
C GLN D 285 -25.13 -0.39 6.56
N ALA D 286 -25.57 -1.59 6.90
CA ALA D 286 -26.69 -1.76 7.81
C ALA D 286 -26.25 -1.30 9.16
N PRO D 287 -27.21 -0.81 9.97
CA PRO D 287 -26.90 -0.50 11.37
C PRO D 287 -26.31 -1.74 12.06
N ILE D 288 -25.43 -1.47 13.01
CA ILE D 288 -24.57 -2.48 13.63
C ILE D 288 -25.32 -3.64 14.30
N ARG D 289 -24.71 -4.83 14.23
CA ARG D 289 -25.15 -6.01 14.92
C ARG D 289 -24.02 -6.38 15.88
N PHE D 290 -24.31 -7.19 16.88
CA PHE D 290 -23.33 -7.51 17.90
C PHE D 290 -23.23 -9.03 17.96
N THR D 291 -22.03 -9.59 17.85
CA THR D 291 -21.90 -11.06 18.00
C THR D 291 -22.19 -11.55 19.42
N ALA D 292 -23.14 -12.49 19.55
CA ALA D 292 -23.50 -13.06 20.83
C ALA D 292 -22.61 -14.26 21.14
N GLU D 293 -22.04 -14.84 20.08
CA GLU D 293 -21.19 -16.05 20.13
C GLU D 293 -20.17 -15.83 19.03
N ASP D 294 -19.05 -16.58 19.04
CA ASP D 294 -18.10 -16.57 17.90
C ASP D 294 -18.83 -17.03 16.67
N VAL D 295 -18.65 -16.34 15.56
CA VAL D 295 -19.25 -16.71 14.29
C VAL D 295 -18.17 -16.64 13.22
N THR D 296 -18.21 -17.55 12.25
CA THR D 296 -17.23 -17.60 11.14
C THR D 296 -17.83 -17.23 9.78
N TYR D 297 -17.16 -16.32 9.08
CA TYR D 297 -17.49 -16.00 7.70
C TYR D 297 -16.23 -16.12 6.88
N SER D 298 -16.29 -16.85 5.77
CA SER D 298 -15.13 -17.00 4.86
C SER D 298 -13.81 -17.34 5.60
N GLY D 299 -13.92 -18.25 6.58
CA GLY D 299 -12.80 -18.76 7.36
C GLY D 299 -12.44 -17.99 8.61
N VAL D 300 -12.87 -16.71 8.63
CA VAL D 300 -12.51 -15.76 9.66
C VAL D 300 -13.53 -15.77 10.78
N THR D 301 -13.07 -16.04 12.00
CA THR D 301 -13.93 -16.09 13.15
C THR D 301 -13.97 -14.72 13.81
N ILE D 302 -15.18 -14.19 13.95
CA ILE D 302 -15.41 -12.96 14.71
C ILE D 302 -15.77 -13.42 16.11
N PRO D 303 -14.97 -13.00 17.13
CA PRO D 303 -15.26 -13.41 18.50
C PRO D 303 -16.57 -12.84 19.00
N ALA D 304 -17.17 -13.47 20.01
CA ALA D 304 -18.34 -12.92 20.71
C ALA D 304 -18.00 -11.53 21.23
N GLY D 305 -18.98 -10.64 21.27
CA GLY D 305 -18.78 -9.31 21.81
C GLY D 305 -18.31 -8.21 20.87
N GLU D 306 -18.28 -8.51 19.58
CA GLU D 306 -17.83 -7.58 18.52
C GLU D 306 -18.96 -6.88 17.76
N MET D 307 -18.65 -5.75 17.16
CA MET D 307 -19.62 -4.95 16.38
C MET D 307 -19.38 -5.22 14.92
N VAL D 308 -20.49 -5.41 14.21
CA VAL D 308 -20.45 -5.90 12.83
C VAL D 308 -21.41 -5.10 11.96
N MET D 309 -20.87 -4.48 10.90
CA MET D 309 -21.64 -3.85 9.84
C MET D 309 -21.77 -4.82 8.68
N LEU D 310 -22.98 -4.91 8.15
CA LEU D 310 -23.24 -5.69 6.95
C LEU D 310 -23.11 -4.74 5.76
N GLY D 311 -22.18 -5.05 4.86
CA GLY D 311 -21.91 -4.19 3.72
C GLY D 311 -22.87 -4.35 2.58
N LEU D 312 -23.92 -3.52 2.56
CA LEU D 312 -25.01 -3.73 1.59
C LEU D 312 -24.64 -3.26 0.20
N ALA D 313 -24.10 -2.04 0.12
CA ALA D 313 -23.58 -1.52 -1.16
C ALA D 313 -22.54 -2.47 -1.77
N ALA D 314 -21.68 -3.04 -0.93
CA ALA D 314 -20.66 -4.00 -1.33
C ALA D 314 -21.23 -5.34 -1.81
N ALA D 315 -22.08 -5.96 -0.97
CA ALA D 315 -22.72 -7.22 -1.29
C ALA D 315 -23.54 -7.15 -2.57
N ASN D 316 -24.24 -6.03 -2.78
CA ASN D 316 -25.13 -5.87 -3.94
C ASN D 316 -24.40 -5.79 -5.29
N ARG D 317 -23.08 -5.63 -5.24
CA ARG D 317 -22.24 -5.73 -6.46
C ARG D 317 -21.34 -6.98 -6.46
N ASP D 318 -21.72 -8.00 -5.69
CA ASP D 318 -20.92 -9.22 -5.60
C ASP D 318 -21.11 -10.06 -6.86
N ALA D 319 -20.04 -10.29 -7.60
CA ALA D 319 -20.11 -11.09 -8.83
C ALA D 319 -20.46 -12.58 -8.58
N ASP D 320 -20.23 -13.07 -7.35
CA ASP D 320 -20.68 -14.42 -6.94
C ASP D 320 -22.21 -14.52 -6.90
N TRP D 321 -22.88 -13.37 -6.87
CA TRP D 321 -24.34 -13.30 -6.87
C TRP D 321 -24.93 -12.78 -8.18
N MET D 322 -24.46 -11.60 -8.60
CA MET D 322 -25.05 -10.88 -9.71
C MET D 322 -24.06 -10.85 -10.88
N PRO D 323 -24.42 -11.43 -12.04
CA PRO D 323 -23.53 -11.42 -13.22
C PRO D 323 -23.27 -10.01 -13.74
N GLU D 324 -22.01 -9.70 -14.08
CA GLU D 324 -21.62 -8.33 -14.47
C GLU D 324 -22.19 -7.28 -13.49
N PRO D 325 -21.76 -7.36 -12.22
CA PRO D 325 -22.36 -6.54 -11.16
C PRO D 325 -22.09 -5.03 -11.29
N ASP D 326 -20.97 -4.65 -11.91
CA ASP D 326 -20.64 -3.24 -12.11
C ASP D 326 -21.40 -2.61 -13.28
N ARG D 327 -22.10 -3.43 -14.06
CA ARG D 327 -22.89 -2.91 -15.17
C ARG D 327 -24.30 -2.51 -14.72
N LEU D 328 -24.73 -1.31 -15.09
CA LEU D 328 -26.08 -0.84 -14.80
C LEU D 328 -27.01 -1.37 -15.87
N ASP D 329 -27.97 -2.19 -15.46
CA ASP D 329 -28.94 -2.76 -16.38
C ASP D 329 -30.34 -2.76 -15.80
N ILE D 330 -31.14 -1.78 -16.19
CA ILE D 330 -32.49 -1.56 -15.63
C ILE D 330 -33.54 -2.59 -16.07
N THR D 331 -33.13 -3.56 -16.90
CA THR D 331 -34.04 -4.59 -17.41
C THR D 331 -33.92 -5.90 -16.65
N ARG D 332 -32.88 -6.01 -15.82
CA ARG D 332 -32.63 -7.20 -14.99
C ARG D 332 -33.91 -7.65 -14.31
N ASP D 333 -34.09 -8.96 -14.25
CA ASP D 333 -35.16 -9.58 -13.47
C ASP D 333 -34.47 -10.13 -12.22
N ALA D 334 -34.17 -9.29 -11.26
CA ALA D 334 -33.40 -9.76 -10.12
C ALA D 334 -34.27 -10.36 -9.00
N SER D 335 -33.65 -11.19 -8.19
CA SER D 335 -34.28 -11.72 -7.00
C SER D 335 -33.29 -11.50 -5.89
N GLY D 336 -33.76 -11.31 -4.68
CA GLY D 336 -32.86 -11.17 -3.56
C GLY D 336 -32.39 -9.75 -3.49
N GLY D 337 -31.10 -9.58 -3.21
CA GLY D 337 -30.54 -8.28 -2.85
C GLY D 337 -30.48 -8.09 -1.35
N VAL D 338 -29.72 -7.10 -0.92
CA VAL D 338 -29.68 -6.80 0.51
C VAL D 338 -29.94 -5.29 0.83
N PHE D 339 -30.37 -4.52 -0.19
CA PHE D 339 -30.62 -3.08 -0.05
C PHE D 339 -31.72 -2.73 0.96
N PHE D 340 -32.69 -3.62 1.16
CA PHE D 340 -33.70 -3.45 2.23
C PHE D 340 -33.46 -4.39 3.42
N GLY D 341 -32.25 -4.94 3.56
CA GLY D 341 -32.00 -5.95 4.55
C GLY D 341 -32.55 -7.31 4.12
N HIS D 342 -32.77 -8.16 5.12
CA HIS D 342 -33.16 -9.56 4.92
C HIS D 342 -33.54 -10.16 6.26
N GLY D 343 -34.65 -10.87 6.31
CA GLY D 343 -35.04 -11.50 7.58
C GLY D 343 -35.98 -10.66 8.44
N ILE D 344 -35.86 -10.79 9.76
CA ILE D 344 -36.93 -10.25 10.65
C ILE D 344 -36.95 -8.71 10.68
N HIS D 345 -35.82 -8.07 10.36
CA HIS D 345 -35.79 -6.59 10.34
C HIS D 345 -35.92 -6.02 8.94
N PHE D 346 -36.34 -6.86 7.98
CA PHE D 346 -36.46 -6.43 6.58
C PHE D 346 -37.28 -5.12 6.54
N CYS D 347 -36.76 -4.13 5.82
CA CYS D 347 -37.35 -2.80 5.73
C CYS D 347 -38.88 -2.76 5.80
N LEU D 348 -39.39 -2.12 6.84
CA LEU D 348 -40.83 -1.89 7.02
C LEU D 348 -41.38 -1.02 5.89
N GLY D 349 -40.53 -0.15 5.35
CA GLY D 349 -40.98 0.81 4.38
C GLY D 349 -40.72 0.42 2.97
N ALA D 350 -40.48 -0.88 2.71
CA ALA D 350 -39.98 -1.31 1.38
C ALA D 350 -40.91 -0.88 0.25
N GLN D 351 -42.20 -1.15 0.39
CA GLN D 351 -43.17 -0.77 -0.65
C GLN D 351 -43.27 0.76 -0.81
N LEU D 352 -43.33 1.46 0.32
CA LEU D 352 -43.29 2.93 0.35
C LEU D 352 -42.09 3.49 -0.38
N ALA D 353 -40.89 3.02 -0.02
CA ALA D 353 -39.67 3.42 -0.71
C ALA D 353 -39.72 3.16 -2.26
N ARG D 354 -40.17 1.95 -2.66
CA ARG D 354 -40.26 1.60 -4.10
C ARG D 354 -41.20 2.55 -4.86
N LEU D 355 -42.36 2.81 -4.25
CA LEU D 355 -43.38 3.66 -4.84
C LEU D 355 -42.87 5.10 -4.98
N GLU D 356 -42.34 5.65 -3.89
CA GLU D 356 -41.72 6.97 -3.87
C GLU D 356 -40.64 7.09 -4.94
N GLY D 357 -39.80 6.05 -5.05
CA GLY D 357 -38.71 6.04 -6.03
C GLY D 357 -39.17 5.94 -7.47
N ARG D 358 -40.19 5.11 -7.70
CA ARG D 358 -40.76 4.96 -9.03
C ARG D 358 -41.41 6.25 -9.48
N VAL D 359 -42.25 6.82 -8.63
CA VAL D 359 -42.89 8.10 -8.93
C VAL D 359 -41.87 9.24 -9.15
N ALA D 360 -41.05 9.49 -8.14
CA ALA D 360 -40.06 10.58 -8.20
C ALA D 360 -39.19 10.52 -9.45
N ILE D 361 -38.56 9.37 -9.69
CA ILE D 361 -37.63 9.23 -10.81
C ILE D 361 -38.37 9.17 -12.16
N GLY D 362 -39.42 8.36 -12.22
CA GLY D 362 -40.21 8.19 -13.44
C GLY D 362 -40.82 9.49 -13.92
N ARG D 363 -41.43 10.23 -13.01
CA ARG D 363 -42.06 11.52 -13.34
C ARG D 363 -41.05 12.62 -13.71
N LEU D 364 -39.96 12.72 -12.95
CA LEU D 364 -38.88 13.68 -13.26
C LEU D 364 -38.35 13.58 -14.72
N PHE D 365 -38.00 12.37 -15.15
CA PHE D 365 -37.46 12.14 -16.50
C PHE D 365 -38.51 12.29 -17.61
N ALA D 366 -39.76 11.95 -17.28
CA ALA D 366 -40.89 12.24 -18.15
C ALA D 366 -41.05 13.75 -18.37
N ASP D 367 -41.18 14.50 -17.28
CA ASP D 367 -41.40 15.93 -17.30
C ASP D 367 -40.20 16.70 -17.86
N ARG D 368 -38.98 16.23 -17.58
CA ARG D 368 -37.75 16.99 -17.90
C ARG D 368 -36.73 16.18 -18.71
N PRO D 369 -37.00 15.97 -20.02
CA PRO D 369 -36.16 15.11 -20.83
C PRO D 369 -34.77 15.69 -21.13
N GLU D 370 -34.55 16.96 -20.83
CA GLU D 370 -33.23 17.57 -21.00
C GLU D 370 -32.46 17.76 -19.67
N LEU D 371 -32.90 17.06 -18.62
CA LEU D 371 -32.21 17.10 -17.34
C LEU D 371 -30.70 16.78 -17.46
N ALA D 372 -29.87 17.61 -16.83
CA ALA D 372 -28.43 17.39 -16.85
C ALA D 372 -27.80 17.90 -15.58
N LEU D 373 -26.66 17.32 -15.22
CA LEU D 373 -25.80 17.84 -14.16
C LEU D 373 -25.31 19.26 -14.49
N ALA D 374 -25.23 20.10 -13.46
CA ALA D 374 -24.73 21.47 -13.59
C ALA D 374 -23.32 21.62 -13.02
N VAL D 375 -22.70 20.52 -12.62
CA VAL D 375 -21.26 20.48 -12.30
C VAL D 375 -20.67 19.23 -12.93
N GLY D 376 -19.35 19.10 -12.89
CA GLY D 376 -18.69 17.85 -13.29
C GLY D 376 -18.95 16.73 -12.29
N LEU D 377 -19.12 15.52 -12.81
CA LEU D 377 -19.32 14.30 -11.99
C LEU D 377 -18.35 14.28 -10.81
N ASP D 378 -17.11 14.63 -11.11
CA ASP D 378 -15.99 14.56 -10.17
C ASP D 378 -16.07 15.66 -9.09
N GLU D 379 -16.95 16.65 -9.26
CA GLU D 379 -17.10 17.73 -8.26
C GLU D 379 -18.31 17.57 -7.33
N LEU D 380 -19.11 16.52 -7.56
CA LEU D 380 -20.27 16.23 -6.69
C LEU D 380 -19.80 15.89 -5.28
N VAL D 381 -20.50 16.41 -4.29
CA VAL D 381 -20.09 16.26 -2.89
C VAL D 381 -21.01 15.21 -2.26
N TYR D 382 -20.40 14.16 -1.69
CA TYR D 382 -21.15 13.16 -0.90
C TYR D 382 -21.07 13.44 0.61
N ARG D 383 -22.10 12.97 1.31
CA ARG D 383 -22.11 12.94 2.76
C ARG D 383 -21.12 11.95 3.31
N ARG D 384 -20.52 12.33 4.46
CA ARG D 384 -19.66 11.43 5.20
C ARG D 384 -20.57 10.72 6.17
N SER D 385 -20.82 9.45 5.88
CA SER D 385 -21.76 8.63 6.62
C SER D 385 -21.40 7.16 6.42
N THR D 386 -21.31 6.44 7.53
CA THR D 386 -21.17 5.00 7.48
C THR D 386 -22.54 4.27 7.33
N LEU D 387 -23.61 5.05 7.21
CA LEU D 387 -24.93 4.46 7.04
C LEU D 387 -25.47 4.65 5.63
N VAL D 388 -25.32 5.86 5.09
CA VAL D 388 -25.91 6.19 3.80
C VAL D 388 -24.86 6.58 2.74
N ARG D 389 -25.17 6.26 1.49
CA ARG D 389 -24.43 6.68 0.31
C ARG D 389 -25.37 7.69 -0.30
N GLY D 390 -25.05 8.98 -0.09
CA GLY D 390 -25.95 10.05 -0.49
C GLY D 390 -25.25 11.35 -0.84
N LEU D 391 -25.79 12.05 -1.84
CA LEU D 391 -25.27 13.33 -2.26
C LEU D 391 -25.68 14.41 -1.26
N SER D 392 -24.74 15.31 -0.94
CA SER D 392 -25.07 16.49 -0.09
C SER D 392 -25.98 17.41 -0.89
N ARG D 393 -25.63 17.57 -2.18
CA ARG D 393 -26.33 18.42 -3.14
C ARG D 393 -26.20 17.80 -4.53
N MET D 394 -27.13 18.12 -5.43
CA MET D 394 -26.97 17.78 -6.84
C MET D 394 -27.35 18.96 -7.73
N PRO D 395 -26.36 19.79 -8.11
CA PRO D 395 -26.69 20.93 -8.98
C PRO D 395 -27.06 20.41 -10.36
N VAL D 396 -28.27 20.74 -10.81
CA VAL D 396 -28.77 20.29 -12.11
C VAL D 396 -29.29 21.45 -12.94
N THR D 397 -29.32 21.23 -14.26
CA THR D 397 -30.14 22.05 -15.15
C THR D 397 -31.36 21.23 -15.50
N MET D 398 -32.52 21.73 -15.10
CA MET D 398 -33.81 21.04 -15.32
C MET D 398 -34.17 20.93 -16.80
N GLY D 399 -34.00 22.04 -17.53
CA GLY D 399 -34.41 22.12 -18.93
C GLY D 399 -35.91 22.33 -19.10
N PRO D 400 -36.37 22.45 -20.37
CA PRO D 400 -37.78 22.67 -20.71
C PRO D 400 -38.69 21.52 -20.27
N ARG D 401 -39.88 21.87 -19.76
CA ARG D 401 -40.90 20.88 -19.46
C ARG D 401 -41.33 20.09 -20.70
N SER D 402 -41.99 18.96 -20.49
CA SER D 402 -42.40 18.08 -21.57
C SER D 402 -43.65 18.63 -22.28
N ALA E 2 -1.23 52.64 15.15
CA ALA E 2 -2.03 53.35 16.19
C ALA E 2 -3.04 52.44 16.93
N LEU E 3 -3.65 51.48 16.22
CA LEU E 3 -4.63 50.53 16.81
C LEU E 3 -3.97 49.21 17.22
N THR E 4 -4.48 48.60 18.28
CA THR E 4 -3.94 47.36 18.85
C THR E 4 -5.10 46.56 19.43
N THR E 5 -4.93 45.25 19.54
CA THR E 5 -5.95 44.40 20.16
C THR E 5 -6.03 44.65 21.66
N THR E 6 -7.21 44.41 22.23
CA THR E 6 -7.46 44.65 23.64
C THR E 6 -7.36 43.34 24.40
N GLY E 7 -7.19 43.44 25.72
CA GLY E 7 -7.08 42.26 26.56
C GLY E 7 -5.64 41.78 26.65
N THR E 8 -5.48 40.47 26.85
CA THR E 8 -4.20 39.89 27.27
C THR E 8 -3.06 40.00 26.26
N GLU E 9 -3.39 39.96 24.97
CA GLU E 9 -2.39 40.16 23.92
C GLU E 9 -2.62 41.46 23.20
N GLN E 10 -1.53 42.23 23.06
CA GLN E 10 -1.56 43.52 22.37
C GLN E 10 -0.88 43.39 21.01
N HIS E 11 -1.66 43.16 19.97
CA HIS E 11 -1.13 43.07 18.61
C HIS E 11 -1.56 44.28 17.78
N ASP E 12 -0.66 44.78 16.96
CA ASP E 12 -0.97 45.83 16.00
C ASP E 12 -2.15 45.43 15.11
N LEU E 13 -2.97 46.43 14.76
CA LEU E 13 -4.11 46.23 13.85
C LEU E 13 -4.06 47.23 12.72
N PHE E 14 -4.01 46.72 11.48
CA PHE E 14 -4.01 47.54 10.27
C PHE E 14 -2.91 48.60 10.26
N SER E 15 -1.81 48.22 10.91
CA SER E 15 -0.56 48.99 10.92
C SER E 15 0.52 48.10 11.49
N GLY E 16 1.77 48.55 11.36
CA GLY E 16 2.90 47.90 12.02
C GLY E 16 3.13 46.46 11.61
N THR E 17 3.03 45.56 12.59
CA THR E 17 3.29 44.14 12.41
C THR E 17 2.13 43.41 11.71
N PHE E 18 0.95 44.02 11.71
CA PHE E 18 -0.25 43.43 11.13
C PHE E 18 -0.05 43.04 9.69
N TRP E 19 0.61 43.89 8.92
CA TRP E 19 0.78 43.68 7.50
C TRP E 19 1.58 42.42 7.18
N GLN E 20 2.53 42.13 8.06
CA GLN E 20 3.46 41.01 7.87
C GLN E 20 2.78 39.70 8.22
N ASN E 21 2.01 39.69 9.32
CA ASN E 21 1.30 38.50 9.74
C ASN E 21 0.10 38.90 10.60
N PRO E 22 -1.11 38.91 10.02
CA PRO E 22 -2.29 39.33 10.78
C PRO E 22 -2.87 38.27 11.70
N HIS E 23 -2.41 37.02 11.57
CA HIS E 23 -3.08 35.88 12.19
C HIS E 23 -3.12 35.87 13.72
N PRO E 24 -1.99 36.17 14.38
CA PRO E 24 -2.08 36.31 15.86
C PRO E 24 -3.09 37.40 16.30
N ALA E 25 -3.04 38.57 15.65
CA ALA E 25 -4.03 39.63 15.91
C ALA E 25 -5.47 39.12 15.74
N TYR E 26 -5.76 38.47 14.61
CA TYR E 26 -7.05 37.81 14.36
C TYR E 26 -7.48 36.83 15.43
N ALA E 27 -6.52 36.00 15.89
CA ALA E 27 -6.79 35.03 16.95
C ALA E 27 -7.15 35.75 18.25
N ALA E 28 -6.43 36.82 18.57
CA ALA E 28 -6.75 37.67 19.76
C ALA E 28 -8.12 38.34 19.63
N LEU E 29 -8.45 38.86 18.45
CA LEU E 29 -9.83 39.34 18.20
C LEU E 29 -10.92 38.30 18.45
N ARG E 30 -10.81 37.13 17.81
CA ARG E 30 -11.76 36.05 18.01
C ARG E 30 -11.95 35.66 19.49
N ALA E 31 -10.83 35.64 20.22
CA ALA E 31 -10.80 35.24 21.61
C ALA E 31 -11.36 36.31 22.55
N GLU E 32 -10.83 37.53 22.45
CA GLU E 32 -11.15 38.59 23.43
C GLU E 32 -12.13 39.66 22.93
N ASP E 33 -12.19 39.87 21.62
CA ASP E 33 -12.92 41.01 21.06
C ASP E 33 -13.49 40.68 19.66
N PRO E 34 -14.49 39.78 19.60
CA PRO E 34 -14.99 39.23 18.34
C PRO E 34 -15.82 40.21 17.49
N VAL E 35 -16.29 41.29 18.11
CA VAL E 35 -17.03 42.37 17.41
C VAL E 35 -16.33 43.69 17.78
N ARG E 36 -15.28 44.03 17.03
CA ARG E 36 -14.40 45.11 17.40
C ARG E 36 -14.62 46.38 16.54
N LYS E 37 -14.83 47.52 17.20
CA LYS E 37 -14.96 48.79 16.52
C LYS E 37 -13.55 49.34 16.31
N LEU E 38 -13.20 49.54 15.05
CA LEU E 38 -11.87 50.03 14.72
C LEU E 38 -11.92 51.52 14.43
N ALA E 39 -11.16 52.30 15.19
CA ALA E 39 -11.14 53.74 15.04
C ALA E 39 -10.23 54.18 13.89
N LEU E 40 -10.68 53.91 12.67
CA LEU E 40 -9.90 54.23 11.48
C LEU E 40 -10.00 55.73 11.11
N PRO E 41 -8.98 56.27 10.43
CA PRO E 41 -8.94 57.69 10.03
C PRO E 41 -10.21 58.24 9.35
N ASP E 42 -10.81 57.46 8.46
CA ASP E 42 -11.99 57.88 7.70
C ASP E 42 -13.34 57.54 8.36
N GLY E 43 -13.28 57.14 9.62
CA GLY E 43 -14.46 56.77 10.37
C GLY E 43 -14.37 55.35 10.91
N PRO E 44 -15.20 55.02 11.91
CA PRO E 44 -15.16 53.70 12.50
C PRO E 44 -15.74 52.61 11.61
N VAL E 45 -15.13 51.44 11.71
CA VAL E 45 -15.58 50.24 11.03
C VAL E 45 -15.53 49.08 12.04
N TRP E 46 -16.61 48.33 12.15
CA TRP E 46 -16.67 47.15 13.01
C TRP E 46 -16.16 45.88 12.32
N LEU E 47 -15.43 45.05 13.07
CA LEU E 47 -14.87 43.83 12.50
C LEU E 47 -15.39 42.64 13.27
N LEU E 48 -16.08 41.76 12.53
CA LEU E 48 -16.52 40.45 13.03
C LEU E 48 -15.50 39.37 12.64
N THR E 49 -15.07 38.57 13.62
CA THR E 49 -13.97 37.61 13.39
C THR E 49 -14.30 36.15 13.67
N ARG E 50 -15.38 35.87 14.40
CA ARG E 50 -15.77 34.47 14.65
C ARG E 50 -16.55 33.91 13.47
N TYR E 51 -16.26 32.66 13.12
CA TYR E 51 -16.84 32.00 11.95
C TYR E 51 -18.38 31.99 11.96
N ALA E 52 -18.98 31.55 13.07
CA ALA E 52 -20.44 31.50 13.18
C ALA E 52 -21.12 32.86 13.01
N ASP E 53 -20.50 33.91 13.57
CA ASP E 53 -21.03 35.28 13.42
C ASP E 53 -20.91 35.74 11.96
N VAL E 54 -19.78 35.44 11.34
CA VAL E 54 -19.51 35.86 9.97
C VAL E 54 -20.47 35.20 8.98
N ARG E 55 -20.73 33.91 9.17
CA ARG E 55 -21.64 33.14 8.32
C ARG E 55 -23.05 33.65 8.44
N GLU E 56 -23.48 33.89 9.68
CA GLU E 56 -24.78 34.46 9.96
C GLU E 56 -24.91 35.87 9.36
N ALA E 57 -23.88 36.69 9.55
CA ALA E 57 -23.87 38.06 9.03
C ALA E 57 -24.05 38.14 7.51
N PHE E 58 -23.43 37.20 6.79
CA PHE E 58 -23.51 37.17 5.32
C PHE E 58 -24.95 37.03 4.81
N VAL E 59 -25.83 36.44 5.62
CA VAL E 59 -27.22 36.21 5.20
C VAL E 59 -28.21 37.02 6.04
N ASP E 60 -27.68 37.95 6.81
CA ASP E 60 -28.48 38.79 7.68
C ASP E 60 -28.98 39.96 6.81
N PRO E 61 -30.30 40.05 6.57
CA PRO E 61 -30.85 41.16 5.76
C PRO E 61 -30.65 42.56 6.37
N ARG E 62 -30.41 42.62 7.68
CA ARG E 62 -30.08 43.85 8.40
C ARG E 62 -28.68 44.40 8.06
N LEU E 63 -27.82 43.56 7.49
CA LEU E 63 -26.49 44.00 7.02
C LEU E 63 -26.52 44.16 5.49
N SER E 64 -26.75 45.41 5.11
CA SER E 64 -27.02 45.85 3.77
C SER E 64 -25.72 46.30 3.07
N LYS E 65 -25.73 46.33 1.74
CA LYS E 65 -24.66 46.92 0.93
C LYS E 65 -24.94 48.39 0.54
N ASP E 66 -26.10 48.90 0.95
CA ASP E 66 -26.54 50.26 0.60
C ASP E 66 -25.94 51.28 1.55
N TRP E 67 -24.98 52.05 1.06
CA TRP E 67 -24.28 53.03 1.88
C TRP E 67 -25.15 54.18 2.43
N ARG E 68 -26.38 54.32 1.93
CA ARG E 68 -27.29 55.36 2.43
C ARG E 68 -27.75 55.07 3.86
N HIS E 69 -27.52 53.84 4.35
CA HIS E 69 -27.80 53.54 5.77
C HIS E 69 -26.97 54.35 6.74
N ARG E 70 -25.84 54.87 6.28
CA ARG E 70 -25.00 55.78 7.09
C ARG E 70 -25.73 57.09 7.43
N LEU E 71 -26.64 57.46 6.52
CA LEU E 71 -27.43 58.71 6.60
C LEU E 71 -28.71 58.53 7.40
N PRO E 72 -29.17 59.63 8.05
CA PRO E 72 -30.50 59.54 8.68
C PRO E 72 -31.52 59.33 7.56
N GLU E 73 -32.63 58.66 7.88
CA GLU E 73 -33.65 58.34 6.88
C GLU E 73 -34.04 59.55 5.97
N ASP E 74 -34.22 60.73 6.57
CA ASP E 74 -34.69 61.92 5.82
C ASP E 74 -33.68 62.44 4.78
N GLN E 75 -32.43 62.00 4.86
CA GLN E 75 -31.44 62.41 3.87
C GLN E 75 -31.15 61.39 2.73
N ARG E 76 -31.85 60.24 2.74
CA ARG E 76 -31.55 59.13 1.80
C ARG E 76 -32.20 59.24 0.42
N ALA E 77 -33.42 59.76 0.36
CA ALA E 77 -34.21 59.78 -0.87
C ALA E 77 -33.49 60.37 -2.07
N ASP E 78 -32.72 61.45 -1.85
CA ASP E 78 -32.10 62.14 -2.99
C ASP E 78 -30.68 61.67 -3.34
N MET E 79 -30.23 60.63 -2.63
CA MET E 79 -28.85 60.17 -2.76
C MET E 79 -28.69 58.97 -3.70
N PRO E 80 -27.60 58.93 -4.47
CA PRO E 80 -27.36 57.75 -5.30
C PRO E 80 -27.19 56.50 -4.42
N ALA E 81 -27.62 55.35 -4.93
CA ALA E 81 -27.57 54.10 -4.18
C ALA E 81 -26.14 53.57 -3.98
N THR E 82 -25.20 54.08 -4.78
CA THR E 82 -23.83 53.59 -4.80
C THR E 82 -22.86 54.71 -5.24
N PRO E 83 -21.56 54.60 -4.89
CA PRO E 83 -20.55 55.48 -5.46
C PRO E 83 -20.24 55.11 -6.92
N THR E 84 -20.44 53.84 -7.26
CA THR E 84 -20.35 53.35 -8.64
C THR E 84 -21.32 52.17 -8.71
N PRO E 85 -22.17 52.12 -9.77
CA PRO E 85 -23.28 51.14 -9.76
C PRO E 85 -22.84 49.69 -10.07
N MET E 86 -21.90 49.19 -9.26
CA MET E 86 -21.52 47.76 -9.24
C MET E 86 -22.48 46.96 -8.37
N MET E 87 -22.78 45.72 -8.77
CA MET E 87 -23.75 44.90 -8.03
C MET E 87 -23.26 44.51 -6.65
N ILE E 88 -21.94 44.53 -6.44
CA ILE E 88 -21.37 44.18 -5.15
C ILE E 88 -21.68 45.27 -4.13
N LEU E 89 -22.08 46.44 -4.62
CA LEU E 89 -22.45 47.58 -3.80
C LEU E 89 -23.96 47.73 -3.65
N MET E 90 -24.70 46.68 -4.03
CA MET E 90 -26.16 46.78 -4.10
C MET E 90 -26.88 45.68 -3.33
N ASP E 91 -28.13 45.99 -2.94
CA ASP E 91 -29.10 45.03 -2.41
C ASP E 91 -30.08 44.66 -3.53
N PRO E 92 -30.85 43.57 -3.35
CA PRO E 92 -31.94 43.29 -4.28
C PRO E 92 -32.93 44.46 -4.25
N PRO E 93 -33.68 44.71 -5.35
CA PRO E 93 -33.74 43.98 -6.62
C PRO E 93 -32.66 44.30 -7.67
N ASP E 94 -31.99 45.44 -7.59
CA ASP E 94 -30.96 45.77 -8.57
C ASP E 94 -29.84 44.75 -8.59
N HIS E 95 -29.39 44.35 -7.38
CA HIS E 95 -28.37 43.32 -7.32
C HIS E 95 -28.84 42.07 -8.06
N THR E 96 -30.08 41.65 -7.81
CA THR E 96 -30.59 40.42 -8.42
C THR E 96 -30.55 40.47 -9.93
N ARG E 97 -31.05 41.58 -10.48
CA ARG E 97 -31.09 41.79 -11.93
C ARG E 97 -29.68 41.72 -12.53
N LEU E 98 -28.76 42.48 -11.98
CA LEU E 98 -27.38 42.57 -12.48
C LEU E 98 -26.56 41.28 -12.33
N ARG E 99 -26.74 40.58 -11.22
CA ARG E 99 -26.06 39.30 -10.96
C ARG E 99 -26.61 38.20 -11.89
N LYS E 100 -27.93 38.21 -12.11
CA LYS E 100 -28.58 37.21 -12.99
C LYS E 100 -28.11 37.33 -14.42
N LEU E 101 -27.92 38.57 -14.85
CA LEU E 101 -27.51 38.85 -16.20
C LEU E 101 -26.08 38.36 -16.50
N VAL E 102 -25.21 38.42 -15.51
CA VAL E 102 -23.83 38.02 -15.69
C VAL E 102 -23.56 36.57 -15.21
N GLY E 103 -24.46 36.03 -14.37
CA GLY E 103 -24.36 34.67 -13.83
C GLY E 103 -24.21 33.56 -14.88
N ARG E 104 -24.95 33.68 -15.98
CA ARG E 104 -24.90 32.70 -17.09
C ARG E 104 -23.47 32.48 -17.60
N SER E 105 -22.70 33.57 -17.64
CA SER E 105 -21.37 33.55 -18.24
C SER E 105 -20.32 32.95 -17.33
N PHE E 106 -20.66 32.76 -16.04
CA PHE E 106 -19.68 32.32 -15.07
C PHE E 106 -20.07 31.00 -14.38
N THR E 107 -21.04 30.30 -14.98
CA THR E 107 -21.42 28.98 -14.47
C THR E 107 -20.19 28.09 -14.39
N VAL E 108 -20.27 27.08 -13.54
CA VAL E 108 -19.19 26.16 -13.33
C VAL E 108 -18.83 25.42 -14.62
N ARG E 109 -19.84 25.01 -15.38
CA ARG E 109 -19.57 24.29 -16.64
C ARG E 109 -18.81 25.20 -17.64
N ARG E 110 -19.24 26.44 -17.73
CA ARG E 110 -18.58 27.47 -18.54
C ARG E 110 -17.12 27.78 -18.15
N MET E 111 -16.85 27.90 -16.85
CA MET E 111 -15.47 28.04 -16.34
C MET E 111 -14.59 26.80 -16.61
N ASN E 112 -15.14 25.61 -16.38
CA ASN E 112 -14.40 24.37 -16.65
C ASN E 112 -13.88 24.30 -18.11
N GLU E 113 -14.68 24.83 -19.03
CA GLU E 113 -14.30 24.89 -20.45
C GLU E 113 -13.07 25.76 -20.69
N LEU E 114 -12.76 26.65 -19.74
CA LEU E 114 -11.61 27.54 -19.85
C LEU E 114 -10.29 26.91 -19.39
N GLU E 115 -10.40 25.75 -18.74
CA GLU E 115 -9.22 25.09 -18.15
C GLU E 115 -8.10 24.81 -19.15
N PRO E 116 -8.43 24.32 -20.38
CA PRO E 116 -7.37 24.15 -21.38
C PRO E 116 -6.60 25.46 -21.69
N ARG E 117 -7.33 26.56 -21.86
CA ARG E 117 -6.68 27.84 -22.10
C ARG E 117 -5.92 28.35 -20.86
N ILE E 118 -6.50 28.22 -19.66
CA ILE E 118 -5.78 28.62 -18.41
C ILE E 118 -4.47 27.83 -18.32
N THR E 119 -4.55 26.54 -18.60
CA THR E 119 -3.38 25.65 -18.64
C THR E 119 -2.32 26.08 -19.66
N GLU E 120 -2.75 26.48 -20.86
CA GLU E 120 -1.81 26.98 -21.89
C GLU E 120 -1.09 28.27 -21.46
N ILE E 121 -1.83 29.15 -20.79
CA ILE E 121 -1.26 30.39 -20.29
C ILE E 121 -0.21 30.08 -19.22
N ALA E 122 -0.53 29.20 -18.29
CA ALA E 122 0.42 28.84 -17.23
C ALA E 122 1.66 28.17 -17.84
N ASP E 123 1.45 27.18 -18.71
CA ASP E 123 2.53 26.49 -19.41
C ASP E 123 3.44 27.41 -20.21
N GLY E 124 2.88 28.36 -20.93
CA GLY E 124 3.66 29.37 -21.63
C GLY E 124 4.53 30.24 -20.72
N LEU E 125 3.97 30.66 -19.59
CA LEU E 125 4.74 31.39 -18.60
C LEU E 125 5.83 30.51 -17.99
N LEU E 126 5.52 29.27 -17.65
CA LEU E 126 6.52 28.37 -17.07
C LEU E 126 7.70 28.17 -18.05
N ALA E 127 7.38 27.95 -19.32
CA ALA E 127 8.38 27.77 -20.39
C ALA E 127 9.26 28.99 -20.62
N GLY E 128 8.74 30.16 -20.28
CA GLY E 128 9.44 31.43 -20.50
C GLY E 128 10.20 31.97 -19.30
N LEU E 129 9.95 31.39 -18.13
CA LEU E 129 10.64 31.78 -16.91
C LEU E 129 12.05 31.16 -16.84
N PRO E 130 13.08 31.99 -16.52
CA PRO E 130 14.51 31.57 -16.61
C PRO E 130 14.97 30.40 -15.73
N THR E 131 16.10 29.83 -16.15
CA THR E 131 16.72 28.65 -15.52
C THR E 131 17.20 28.92 -14.10
N ASP E 132 17.81 30.08 -13.91
CA ASP E 132 18.45 30.44 -12.67
C ASP E 132 18.33 31.94 -12.44
N GLY E 133 18.73 32.39 -11.26
CA GLY E 133 18.69 33.81 -10.99
C GLY E 133 17.28 34.20 -10.54
N PRO E 134 17.18 35.31 -9.82
CA PRO E 134 15.90 35.59 -9.16
C PRO E 134 14.77 35.96 -10.13
N VAL E 135 13.58 35.45 -9.85
CA VAL E 135 12.40 35.97 -10.51
C VAL E 135 11.43 36.36 -9.39
N ASP E 136 10.71 37.44 -9.61
CA ASP E 136 9.60 37.80 -8.74
C ASP E 136 8.41 36.99 -9.24
N LEU E 137 8.05 35.96 -8.49
CA LEU E 137 6.99 35.03 -8.87
C LEU E 137 5.63 35.76 -8.93
N MET E 138 5.51 36.89 -8.24
CA MET E 138 4.23 37.63 -8.23
C MET E 138 4.02 38.31 -9.57
N ARG E 139 4.88 39.25 -9.92
CA ARG E 139 4.77 39.94 -11.21
C ARG E 139 4.83 39.01 -12.43
N GLU E 140 5.68 37.98 -12.36
CA GLU E 140 6.00 37.11 -13.49
C GLU E 140 5.11 35.90 -13.66
N TYR E 141 4.30 35.59 -12.66
CA TYR E 141 3.51 34.39 -12.73
C TYR E 141 2.14 34.47 -12.04
N ALA E 142 2.13 34.72 -10.74
CA ALA E 142 0.89 34.73 -9.96
C ALA E 142 -0.06 35.84 -10.47
N PHE E 143 0.52 36.97 -10.84
CA PHE E 143 -0.23 38.13 -11.34
C PHE E 143 -0.67 37.93 -12.78
N GLN E 144 0.21 37.35 -13.60
CA GLN E 144 -0.01 37.24 -15.05
C GLN E 144 -1.10 36.26 -15.48
N ILE E 145 -1.23 35.14 -14.77
CA ILE E 145 -2.28 34.16 -15.09
C ILE E 145 -3.69 34.78 -14.99
N PRO E 146 -4.11 35.27 -13.80
CA PRO E 146 -5.47 35.84 -13.70
C PRO E 146 -5.71 37.10 -14.52
N VAL E 147 -4.66 37.88 -14.77
CA VAL E 147 -4.78 39.09 -15.56
C VAL E 147 -4.97 38.77 -17.03
N GLN E 148 -4.20 37.79 -17.51
CA GLN E 148 -4.36 37.31 -18.90
C GLN E 148 -5.74 36.69 -19.15
N VAL E 149 -6.18 35.82 -18.25
CA VAL E 149 -7.54 35.23 -18.32
C VAL E 149 -8.63 36.32 -18.40
N ILE E 150 -8.60 37.28 -17.47
CA ILE E 150 -9.63 38.33 -17.41
C ILE E 150 -9.64 39.25 -18.63
N CYS E 151 -8.45 39.57 -19.17
CA CYS E 151 -8.35 40.42 -20.37
C CYS E 151 -8.96 39.70 -21.57
N GLU E 152 -8.78 38.38 -21.62
CA GLU E 152 -9.30 37.62 -22.75
C GLU E 152 -10.82 37.41 -22.61
N LEU E 153 -11.29 37.15 -21.39
CA LEU E 153 -12.73 36.96 -21.15
C LEU E 153 -13.49 38.26 -21.42
N LEU E 154 -12.97 39.38 -20.92
CA LEU E 154 -13.62 40.68 -21.07
C LEU E 154 -13.39 41.32 -22.45
N GLY E 155 -12.23 41.08 -23.06
CA GLY E 155 -11.80 41.83 -24.25
C GLY E 155 -11.08 43.13 -23.90
N LEU E 156 -10.09 43.07 -23.01
CA LEU E 156 -9.31 44.25 -22.65
C LEU E 156 -8.03 44.29 -23.50
N PRO E 157 -7.80 45.40 -24.24
CA PRO E 157 -6.59 45.51 -25.09
C PRO E 157 -5.28 45.31 -24.30
N ALA E 158 -4.41 44.46 -24.83
CA ALA E 158 -3.10 44.21 -24.23
C ALA E 158 -2.29 45.47 -23.96
N GLU E 159 -2.38 46.46 -24.83
CA GLU E 159 -1.58 47.68 -24.73
C GLU E 159 -1.94 48.61 -23.57
N ASP E 160 -3.15 48.48 -23.03
CA ASP E 160 -3.59 49.34 -21.90
C ASP E 160 -3.38 48.66 -20.56
N ARG E 161 -2.79 47.47 -20.56
CA ARG E 161 -2.70 46.65 -19.36
C ARG E 161 -1.97 47.31 -18.20
N ASP E 162 -0.90 48.04 -18.50
CA ASP E 162 -0.14 48.73 -17.47
C ASP E 162 -0.93 49.90 -16.91
N ASP E 163 -1.70 50.57 -17.77
CA ASP E 163 -2.61 51.61 -17.31
C ASP E 163 -3.61 51.08 -16.29
N PHE E 164 -4.47 50.15 -16.73
CA PHE E 164 -5.55 49.70 -15.83
C PHE E 164 -5.13 48.87 -14.63
N SER E 165 -3.98 48.18 -14.70
CA SER E 165 -3.46 47.54 -13.49
C SER E 165 -3.07 48.55 -12.40
N ALA E 166 -2.50 49.71 -12.79
CA ALA E 166 -2.12 50.73 -11.81
C ALA E 166 -3.33 51.30 -11.09
N TRP E 167 -4.41 51.60 -11.83
CA TRP E 167 -5.60 52.13 -11.19
C TRP E 167 -6.26 51.09 -10.29
N SER E 168 -6.24 49.84 -10.74
CA SER E 168 -6.86 48.77 -9.98
C SER E 168 -6.15 48.55 -8.63
N SER E 169 -4.81 48.52 -8.63
CA SER E 169 -4.08 48.36 -7.38
C SER E 169 -4.29 49.54 -6.41
N VAL E 170 -4.45 50.75 -6.95
CA VAL E 170 -4.76 51.92 -6.12
C VAL E 170 -6.05 51.71 -5.34
N LEU E 171 -7.07 51.16 -6.01
CA LEU E 171 -8.40 51.03 -5.41
C LEU E 171 -8.46 50.02 -4.27
N VAL E 172 -7.59 49.02 -4.37
CA VAL E 172 -7.62 47.89 -3.47
C VAL E 172 -6.62 48.04 -2.30
N ASP E 173 -5.54 48.78 -2.50
CA ASP E 173 -4.59 49.04 -1.42
C ASP E 173 -5.13 50.14 -0.51
N ASP E 174 -4.42 50.49 0.54
CA ASP E 174 -4.89 51.57 1.42
C ASP E 174 -4.33 52.96 1.03
N SER E 175 -4.58 53.34 -0.22
CA SER E 175 -4.27 54.67 -0.76
C SER E 175 -5.21 55.69 -0.12
N PRO E 176 -4.79 56.97 -0.05
CA PRO E 176 -5.73 58.04 0.36
C PRO E 176 -6.99 58.09 -0.52
N ALA E 177 -8.13 58.43 0.08
CA ALA E 177 -9.41 58.51 -0.65
C ALA E 177 -9.36 59.43 -1.89
N ASP E 178 -8.42 60.37 -1.85
CA ASP E 178 -8.08 61.25 -2.96
C ASP E 178 -7.48 60.50 -4.13
N ASP E 179 -6.60 59.54 -3.83
CA ASP E 179 -5.96 58.76 -4.88
C ASP E 179 -6.95 57.73 -5.41
N LYS E 180 -7.85 57.27 -4.56
CA LYS E 180 -8.85 56.28 -4.92
C LYS E 180 -9.90 56.89 -5.85
N ASN E 181 -10.34 58.10 -5.53
CA ASN E 181 -11.29 58.83 -6.38
C ASN E 181 -10.76 59.12 -7.78
N ALA E 182 -9.48 59.50 -7.85
CA ALA E 182 -8.82 59.74 -9.10
C ALA E 182 -8.64 58.46 -9.92
N ALA E 183 -8.35 57.36 -9.21
CA ALA E 183 -8.21 56.03 -9.83
C ALA E 183 -9.54 55.56 -10.42
N MET E 184 -10.63 55.68 -9.64
CA MET E 184 -11.96 55.29 -10.11
C MET E 184 -12.37 56.11 -11.35
N GLY E 185 -12.12 57.41 -11.32
CA GLY E 185 -12.45 58.31 -12.44
C GLY E 185 -11.68 57.98 -13.70
N LYS E 186 -10.39 57.67 -13.56
CA LYS E 186 -9.58 57.25 -14.70
C LYS E 186 -10.02 55.87 -15.26
N LEU E 187 -10.35 54.93 -14.37
CA LEU E 187 -10.76 53.59 -14.78
C LEU E 187 -12.10 53.68 -15.50
N HIS E 188 -13.02 54.43 -14.90
CA HIS E 188 -14.33 54.69 -15.48
C HIS E 188 -14.25 55.33 -16.89
N GLY E 189 -13.40 56.35 -17.02
CA GLY E 189 -13.18 57.03 -18.31
C GLY E 189 -12.58 56.13 -19.37
N TYR E 190 -11.55 55.37 -19.00
CA TYR E 190 -10.96 54.41 -19.89
C TYR E 190 -11.96 53.35 -20.40
N LEU E 191 -12.74 52.79 -19.48
CA LEU E 191 -13.69 51.72 -19.82
C LEU E 191 -14.87 52.29 -20.59
N SER E 192 -15.29 53.48 -20.23
CA SER E 192 -16.35 54.16 -20.93
C SER E 192 -15.98 54.39 -22.40
N ASP E 193 -14.78 54.94 -22.64
CA ASP E 193 -14.20 55.11 -23.97
C ASP E 193 -13.98 53.79 -24.72
N LEU E 194 -13.50 52.77 -24.01
CA LEU E 194 -13.36 51.43 -24.57
C LEU E 194 -14.69 50.90 -25.09
N LEU E 195 -15.75 51.08 -24.30
CA LEU E 195 -17.08 50.61 -24.72
C LEU E 195 -17.54 51.36 -25.97
N GLU E 196 -17.29 52.66 -26.02
CA GLU E 196 -17.60 53.46 -27.21
C GLU E 196 -16.90 52.93 -28.44
N ARG E 197 -15.66 52.48 -28.31
CA ARG E 197 -14.91 51.90 -29.42
C ARG E 197 -15.41 50.50 -29.78
N LYS E 198 -15.84 49.74 -28.77
CA LYS E 198 -16.38 48.39 -29.01
C LYS E 198 -17.68 48.42 -29.81
N ARG E 199 -18.50 49.47 -29.63
CA ARG E 199 -19.76 49.63 -30.38
C ARG E 199 -19.52 49.73 -31.89
N THR E 200 -18.48 50.47 -32.26
CA THR E 200 -18.03 50.62 -33.63
C THR E 200 -17.39 49.33 -34.14
N GLU E 201 -16.58 48.70 -33.28
CA GLU E 201 -15.88 47.48 -33.62
C GLU E 201 -16.09 46.37 -32.56
N PRO E 202 -17.25 45.69 -32.61
CA PRO E 202 -17.58 44.65 -31.65
C PRO E 202 -16.77 43.38 -31.78
N ASP E 203 -16.58 42.70 -30.67
CA ASP E 203 -15.92 41.41 -30.71
C ASP E 203 -16.83 40.39 -30.02
N ASP E 204 -16.29 39.22 -29.73
CA ASP E 204 -17.10 38.16 -29.18
C ASP E 204 -16.87 37.95 -27.69
N ALA E 205 -16.13 38.87 -27.06
CA ALA E 205 -15.88 38.75 -25.62
C ALA E 205 -16.97 39.44 -24.81
N LEU E 206 -16.87 39.35 -23.49
CA LEU E 206 -18.00 39.64 -22.61
C LEU E 206 -18.47 41.10 -22.63
N LEU E 207 -17.52 42.04 -22.66
CA LEU E 207 -17.89 43.46 -22.70
C LEU E 207 -18.72 43.80 -23.94
N SER E 208 -18.30 43.31 -25.11
CA SER E 208 -19.09 43.48 -26.34
C SER E 208 -20.48 42.84 -26.20
N SER E 209 -20.53 41.59 -25.73
CA SER E 209 -21.84 40.94 -25.51
C SER E 209 -22.80 41.78 -24.63
N LEU E 210 -22.32 42.25 -23.48
CA LEU E 210 -23.13 43.05 -22.55
C LEU E 210 -23.49 44.42 -23.10
N LEU E 211 -22.61 45.00 -23.91
CA LEU E 211 -22.89 46.26 -24.61
C LEU E 211 -24.11 46.11 -25.53
N ALA E 212 -24.15 45.02 -26.30
CA ALA E 212 -25.33 44.71 -27.13
C ALA E 212 -26.57 44.55 -26.28
N VAL E 213 -26.47 43.85 -25.15
CA VAL E 213 -27.62 43.72 -24.22
C VAL E 213 -28.11 45.12 -23.78
N SER E 214 -27.16 45.96 -23.39
CA SER E 214 -27.44 47.30 -22.90
C SER E 214 -28.07 48.16 -24.00
N ASP E 215 -27.55 48.05 -25.22
CA ASP E 215 -28.12 48.76 -26.38
C ASP E 215 -29.54 48.29 -26.73
N MET E 216 -29.81 47.01 -26.50
CA MET E 216 -31.10 46.44 -26.87
C MET E 216 -32.12 46.68 -25.78
N ASP E 217 -31.64 46.69 -24.53
CA ASP E 217 -32.52 46.72 -23.38
C ASP E 217 -31.91 47.52 -22.23
N GLY E 218 -31.96 48.84 -22.34
CA GLY E 218 -31.43 49.77 -21.35
C GLY E 218 -31.93 49.60 -19.92
N ASP E 219 -33.13 49.06 -19.79
CA ASP E 219 -33.71 48.80 -18.47
C ASP E 219 -33.13 47.56 -17.81
N ARG E 220 -32.68 46.59 -18.60
CA ARG E 220 -32.01 45.44 -18.00
C ARG E 220 -30.53 45.75 -17.63
N LEU E 221 -29.88 46.59 -18.42
CA LEU E 221 -28.50 47.01 -18.15
C LEU E 221 -28.27 48.38 -18.74
N SER E 222 -28.13 49.39 -17.87
CA SER E 222 -27.76 50.72 -18.33
C SER E 222 -26.29 50.78 -18.74
N GLN E 223 -25.94 51.79 -19.54
CA GLN E 223 -24.58 52.09 -19.93
C GLN E 223 -23.65 52.23 -18.72
N GLU E 224 -24.14 52.93 -17.70
CA GLU E 224 -23.39 53.20 -16.49
C GLU E 224 -23.18 51.94 -15.63
N GLU E 225 -24.20 51.07 -15.58
CA GLU E 225 -24.09 49.80 -14.91
C GLU E 225 -23.14 48.89 -15.66
N LEU E 226 -23.16 49.01 -16.99
CA LEU E 226 -22.20 48.30 -17.83
C LEU E 226 -20.74 48.70 -17.52
N VAL E 227 -20.48 50.01 -17.43
CA VAL E 227 -19.13 50.50 -17.07
C VAL E 227 -18.71 49.98 -15.69
N ALA E 228 -19.64 50.01 -14.73
CA ALA E 228 -19.34 49.55 -13.36
C ALA E 228 -19.12 48.04 -13.28
N MET E 229 -19.86 47.28 -14.10
CA MET E 229 -19.65 45.84 -14.18
C MET E 229 -18.26 45.54 -14.76
N ALA E 230 -17.91 46.17 -15.88
CA ALA E 230 -16.55 46.06 -16.40
C ALA E 230 -15.49 46.34 -15.33
N MET E 231 -15.68 47.42 -14.55
CA MET E 231 -14.70 47.82 -13.52
C MET E 231 -14.54 46.78 -12.42
N LEU E 232 -15.67 46.28 -11.92
CA LEU E 232 -15.70 45.24 -10.91
C LEU E 232 -14.98 43.96 -11.36
N LEU E 233 -15.31 43.47 -12.57
CA LEU E 233 -14.72 42.25 -13.11
C LEU E 233 -13.22 42.42 -13.42
N LEU E 234 -12.85 43.58 -13.99
CA LEU E 234 -11.44 43.92 -14.16
C LEU E 234 -10.65 43.87 -12.84
N ILE E 235 -11.15 44.54 -11.79
CA ILE E 235 -10.46 44.58 -10.50
C ILE E 235 -10.40 43.17 -9.83
N ALA E 236 -11.51 42.44 -9.86
CA ALA E 236 -11.54 41.05 -9.38
C ALA E 236 -10.49 40.17 -10.11
N GLY E 237 -10.36 40.38 -11.40
CA GLY E 237 -9.34 39.68 -12.21
C GLY E 237 -7.89 40.10 -11.96
N HIS E 238 -7.67 41.24 -11.29
CA HIS E 238 -6.31 41.74 -11.02
C HIS E 238 -5.89 41.55 -9.57
N GLU E 239 -6.86 41.49 -8.66
CA GLU E 239 -6.54 41.67 -7.24
C GLU E 239 -6.93 40.53 -6.27
N THR E 240 -7.32 39.38 -6.81
CA THR E 240 -7.81 38.30 -5.97
C THR E 240 -7.02 36.99 -6.15
N THR E 241 -7.24 36.29 -7.27
CA THR E 241 -6.57 35.02 -7.51
C THR E 241 -5.05 35.08 -7.39
N VAL E 242 -4.47 36.22 -7.79
CA VAL E 242 -3.04 36.50 -7.67
C VAL E 242 -2.52 36.14 -6.27
N ASN E 243 -3.35 36.42 -5.26
CA ASN E 243 -2.96 36.20 -3.89
C ASN E 243 -3.31 34.79 -3.41
N LEU E 244 -4.25 34.14 -4.08
CA LEU E 244 -4.42 32.71 -3.85
C LEU E 244 -3.13 32.01 -4.29
N ILE E 245 -2.67 32.34 -5.48
CA ILE E 245 -1.44 31.76 -6.02
C ILE E 245 -0.23 32.08 -5.09
N GLY E 246 0.00 33.38 -4.83
CA GLY E 246 1.09 33.82 -3.98
C GLY E 246 1.05 33.22 -2.59
N ASN E 247 -0.13 33.24 -1.94
CA ASN E 247 -0.26 32.72 -0.58
C ASN E 247 -0.17 31.20 -0.54
N GLY E 248 -0.76 30.52 -1.53
CA GLY E 248 -0.69 29.07 -1.66
C GLY E 248 0.72 28.55 -1.91
N VAL E 249 1.39 29.11 -2.90
CA VAL E 249 2.81 28.87 -3.13
C VAL E 249 3.60 29.04 -1.82
N LEU E 250 3.44 30.19 -1.15
CA LEU E 250 4.20 30.47 0.05
C LEU E 250 3.91 29.44 1.13
N ALA E 251 2.65 29.01 1.24
CA ALA E 251 2.26 28.04 2.24
C ALA E 251 3.00 26.69 2.04
N LEU E 252 3.18 26.32 0.76
CA LEU E 252 3.92 25.11 0.39
C LEU E 252 5.41 25.28 0.67
N LEU E 253 5.95 26.44 0.33
CA LEU E 253 7.38 26.71 0.46
C LEU E 253 7.82 26.69 1.91
N THR E 254 6.90 27.06 2.81
CA THR E 254 7.16 27.16 4.25
C THR E 254 6.72 25.91 5.03
N HIS E 255 6.04 24.98 4.33
CA HIS E 255 5.60 23.71 4.94
C HIS E 255 6.06 22.49 4.11
N PRO E 256 7.36 22.10 4.26
CA PRO E 256 7.96 20.94 3.55
C PRO E 256 7.11 19.67 3.62
N ASP E 257 6.52 19.38 4.77
CA ASP E 257 5.60 18.24 4.95
C ASP E 257 4.43 18.23 3.97
N GLN E 258 3.82 19.40 3.77
CA GLN E 258 2.67 19.51 2.86
C GLN E 258 3.10 19.49 1.40
N ARG E 259 4.24 20.13 1.14
CA ARG E 259 4.84 20.16 -0.17
C ARG E 259 5.17 18.73 -0.64
N LYS E 260 5.51 17.87 0.33
CA LYS E 260 5.88 16.46 0.07
C LYS E 260 4.62 15.66 -0.27
N LEU E 261 3.57 15.83 0.54
CA LEU E 261 2.28 15.24 0.23
C LEU E 261 1.83 15.53 -1.20
N LEU E 262 1.97 16.79 -1.63
CA LEU E 262 1.53 17.18 -2.99
C LEU E 262 2.42 16.58 -4.08
N ALA E 263 3.74 16.61 -3.85
CA ALA E 263 4.68 16.01 -4.79
C ALA E 263 4.38 14.51 -5.02
N GLU E 264 3.97 13.82 -3.95
CA GLU E 264 3.71 12.38 -3.96
C GLU E 264 2.30 12.00 -4.40
N ASP E 265 1.38 12.97 -4.38
CA ASP E 265 0.01 12.76 -4.85
C ASP E 265 -0.53 14.07 -5.43
N PRO E 266 -0.12 14.42 -6.67
CA PRO E 266 -0.55 15.67 -7.31
C PRO E 266 -2.06 15.84 -7.47
N SER E 267 -2.82 14.75 -7.39
CA SER E 267 -4.28 14.83 -7.40
C SER E 267 -4.83 15.53 -6.14
N LEU E 268 -3.94 15.79 -5.18
CA LEU E 268 -4.31 16.54 -3.99
C LEU E 268 -4.47 18.05 -4.24
N ILE E 269 -4.21 18.49 -5.48
CA ILE E 269 -4.24 19.94 -5.79
C ILE E 269 -5.59 20.64 -5.46
N SER E 270 -6.71 19.99 -5.78
CA SER E 270 -8.05 20.55 -5.47
C SER E 270 -8.24 20.77 -3.96
N SER E 271 -7.97 19.73 -3.18
CA SER E 271 -8.06 19.81 -1.72
C SER E 271 -7.10 20.87 -1.17
N ALA E 272 -5.90 20.96 -1.77
CA ALA E 272 -4.86 21.88 -1.35
C ALA E 272 -5.31 23.32 -1.53
N VAL E 273 -5.77 23.65 -2.73
CA VAL E 273 -6.33 24.98 -3.03
C VAL E 273 -7.41 25.38 -2.04
N GLU E 274 -8.33 24.48 -1.70
CA GLU E 274 -9.33 24.79 -0.65
C GLU E 274 -8.66 25.09 0.69
N GLU E 275 -7.60 24.35 1.00
CA GLU E 275 -6.85 24.61 2.25
C GLU E 275 -6.11 25.94 2.22
N PHE E 276 -5.50 26.29 1.08
CA PHE E 276 -4.79 27.58 0.95
C PHE E 276 -5.75 28.78 1.13
N LEU E 277 -6.94 28.68 0.51
CA LEU E 277 -7.99 29.69 0.61
C LEU E 277 -8.40 29.92 2.06
N ARG E 278 -8.45 28.82 2.83
CA ARG E 278 -8.79 28.86 4.26
C ARG E 278 -7.63 29.37 5.14
N PHE E 279 -6.45 28.81 4.91
CA PHE E 279 -5.24 29.05 5.71
C PHE E 279 -4.72 30.49 5.65
N ASP E 280 -4.80 31.14 4.48
CA ASP E 280 -4.27 32.50 4.31
C ASP E 280 -5.17 33.22 3.31
N SER E 281 -6.42 33.46 3.75
CA SER E 281 -7.49 33.88 2.81
C SER E 281 -7.05 35.13 2.06
N PRO E 282 -7.10 35.10 0.70
CA PRO E 282 -6.64 36.23 -0.13
C PRO E 282 -7.50 37.49 0.02
N VAL E 283 -8.81 37.33 0.15
CA VAL E 283 -9.66 38.46 0.51
C VAL E 283 -9.78 38.33 2.01
N SER E 284 -8.98 39.15 2.70
CA SER E 284 -8.88 39.12 4.17
C SER E 284 -10.14 39.60 4.89
N GLN E 285 -10.71 40.72 4.44
CA GLN E 285 -12.04 41.07 4.92
C GLN E 285 -12.99 41.45 3.78
N ALA E 286 -14.25 41.04 3.91
CA ALA E 286 -15.26 41.34 2.92
C ALA E 286 -15.36 42.86 2.84
N PRO E 287 -15.64 43.38 1.63
CA PRO E 287 -16.00 44.78 1.50
C PRO E 287 -17.16 45.12 2.44
N ILE E 288 -17.20 46.38 2.86
CA ILE E 288 -18.08 46.86 3.92
C ILE E 288 -19.59 46.61 3.69
N ARG E 289 -20.26 46.22 4.77
CA ARG E 289 -21.72 46.23 4.87
C ARG E 289 -22.15 47.35 5.82
N PHE E 290 -23.44 47.69 5.79
CA PHE E 290 -23.99 48.77 6.60
C PHE E 290 -25.15 48.23 7.42
N THR E 291 -25.21 48.59 8.70
CA THR E 291 -26.35 48.20 9.52
C THR E 291 -27.61 49.03 9.20
N ALA E 292 -28.62 48.35 8.67
CA ALA E 292 -29.95 48.93 8.43
C ALA E 292 -30.73 49.09 9.73
N GLU E 293 -30.44 48.23 10.70
CA GLU E 293 -30.92 48.39 12.06
C GLU E 293 -29.86 47.87 13.03
N ASP E 294 -30.13 48.03 14.33
CA ASP E 294 -29.26 47.49 15.37
C ASP E 294 -29.15 45.98 15.20
N VAL E 295 -27.92 45.49 15.26
CA VAL E 295 -27.68 44.05 15.22
C VAL E 295 -26.82 43.67 16.42
N THR E 296 -27.05 42.47 16.96
CA THR E 296 -26.24 41.95 18.06
C THR E 296 -25.53 40.67 17.65
N TYR E 297 -24.23 40.64 17.86
CA TYR E 297 -23.39 39.47 17.61
C TYR E 297 -22.48 39.31 18.81
N SER E 298 -22.46 38.09 19.35
CA SER E 298 -21.62 37.74 20.49
C SER E 298 -21.80 38.69 21.68
N GLY E 299 -23.06 39.08 21.91
CA GLY E 299 -23.44 40.03 22.96
C GLY E 299 -23.00 41.46 22.77
N VAL E 300 -22.58 41.80 21.54
CA VAL E 300 -22.18 43.16 21.21
C VAL E 300 -23.21 43.71 20.22
N THR E 301 -23.80 44.85 20.57
CA THR E 301 -24.76 45.50 19.70
C THR E 301 -24.06 46.53 18.84
N ILE E 302 -24.19 46.37 17.53
CA ILE E 302 -23.77 47.39 16.59
C ILE E 302 -25.00 48.24 16.23
N PRO E 303 -24.98 49.55 16.57
CA PRO E 303 -26.10 50.43 16.22
C PRO E 303 -26.37 50.49 14.71
N ALA E 304 -27.61 50.77 14.34
CA ALA E 304 -27.98 51.13 12.97
C ALA E 304 -27.03 52.21 12.41
N GLY E 305 -26.73 52.15 11.12
CA GLY E 305 -25.92 53.20 10.47
C GLY E 305 -24.40 53.05 10.49
N GLU E 306 -23.93 51.87 10.87
CA GLU E 306 -22.49 51.58 11.03
C GLU E 306 -21.92 50.76 9.88
N MET E 307 -20.61 50.92 9.64
CA MET E 307 -19.93 50.16 8.60
C MET E 307 -19.36 48.91 9.26
N VAL E 308 -19.49 47.77 8.56
CA VAL E 308 -19.10 46.49 9.13
C VAL E 308 -18.33 45.65 8.12
N MET E 309 -17.14 45.19 8.53
CA MET E 309 -16.32 44.26 7.73
C MET E 309 -16.46 42.86 8.29
N LEU E 310 -16.61 41.88 7.41
CA LEU E 310 -16.63 40.48 7.80
C LEU E 310 -15.20 39.94 7.66
N GLY E 311 -14.65 39.45 8.77
CA GLY E 311 -13.23 39.07 8.82
C GLY E 311 -13.05 37.66 8.31
N LEU E 312 -12.80 37.53 7.01
CA LEU E 312 -12.77 36.19 6.39
C LEU E 312 -11.52 35.38 6.80
N ALA E 313 -10.36 36.02 6.74
CA ALA E 313 -9.10 35.37 7.12
C ALA E 313 -9.13 34.97 8.60
N ALA E 314 -9.78 35.78 9.46
CA ALA E 314 -9.95 35.43 10.89
C ALA E 314 -10.88 34.25 11.08
N ALA E 315 -12.03 34.30 10.43
CA ALA E 315 -13.06 33.29 10.60
C ALA E 315 -12.61 31.94 10.11
N ASN E 316 -11.80 31.93 9.05
CA ASN E 316 -11.30 30.70 8.42
C ASN E 316 -10.24 29.98 9.26
N ARG E 317 -9.78 30.62 10.33
CA ARG E 317 -8.95 29.92 11.32
C ARG E 317 -9.63 29.77 12.69
N ASP E 318 -10.95 29.85 12.70
CA ASP E 318 -11.72 29.71 13.92
C ASP E 318 -11.78 28.24 14.33
N ALA E 319 -11.12 27.90 15.44
CA ALA E 319 -11.09 26.54 16.00
C ALA E 319 -12.48 25.97 16.36
N ASP E 320 -13.49 26.85 16.47
CA ASP E 320 -14.86 26.41 16.72
C ASP E 320 -15.48 25.78 15.47
N TRP E 321 -14.92 26.11 14.31
CA TRP E 321 -15.36 25.51 13.04
C TRP E 321 -14.36 24.44 12.57
N MET E 322 -13.07 24.74 12.69
CA MET E 322 -12.02 23.93 12.07
C MET E 322 -11.03 23.43 13.13
N PRO E 323 -10.97 22.10 13.36
CA PRO E 323 -9.98 21.53 14.32
C PRO E 323 -8.53 21.82 13.90
N GLU E 324 -7.70 22.25 14.86
CA GLU E 324 -6.30 22.64 14.59
C GLU E 324 -6.14 23.64 13.42
N PRO E 325 -6.81 24.81 13.50
CA PRO E 325 -6.92 25.73 12.34
C PRO E 325 -5.61 26.40 11.92
N ASP E 326 -4.63 26.45 12.82
CA ASP E 326 -3.31 26.99 12.47
C ASP E 326 -2.40 25.97 11.75
N ARG E 327 -2.83 24.71 11.71
CA ARG E 327 -2.13 23.64 10.99
C ARG E 327 -2.53 23.69 9.51
N LEU E 328 -1.54 23.79 8.63
CA LEU E 328 -1.74 23.62 7.18
C LEU E 328 -1.87 22.12 6.92
N ASP E 329 -3.06 21.70 6.48
CA ASP E 329 -3.29 20.30 6.11
C ASP E 329 -4.03 20.22 4.77
N ILE E 330 -3.26 20.03 3.71
CA ILE E 330 -3.82 19.98 2.35
C ILE E 330 -4.75 18.77 2.09
N THR E 331 -4.84 17.85 3.05
CA THR E 331 -5.70 16.67 2.86
C THR E 331 -7.07 16.85 3.50
N ARG E 332 -7.26 17.93 4.26
CA ARG E 332 -8.53 18.17 4.97
C ARG E 332 -9.76 17.94 4.10
N ASP E 333 -10.72 17.21 4.63
CA ASP E 333 -12.04 17.10 4.00
C ASP E 333 -12.84 18.24 4.59
N ALA E 334 -12.82 19.38 3.90
CA ALA E 334 -13.37 20.61 4.47
C ALA E 334 -14.59 21.12 3.73
N SER E 335 -15.49 21.74 4.48
CA SER E 335 -16.67 22.37 3.92
C SER E 335 -16.97 23.66 4.64
N GLY E 336 -17.49 24.63 3.90
CA GLY E 336 -18.07 25.83 4.50
C GLY E 336 -17.15 27.00 4.80
N GLY E 337 -15.97 27.04 4.20
CA GLY E 337 -15.11 28.20 4.33
C GLY E 337 -15.83 29.44 3.80
N VAL E 338 -15.51 30.60 4.38
CA VAL E 338 -16.11 31.91 4.01
C VAL E 338 -15.20 32.76 3.14
N PHE E 339 -14.17 32.14 2.55
CA PHE E 339 -13.19 32.86 1.74
C PHE E 339 -13.75 33.43 0.41
N PHE E 340 -14.89 32.91 -0.04
CA PHE E 340 -15.58 33.38 -1.28
C PHE E 340 -16.90 34.05 -0.91
N GLY E 341 -17.10 34.30 0.38
CA GLY E 341 -18.33 34.84 0.88
C GLY E 341 -19.34 33.75 1.16
N HIS E 342 -20.60 34.15 1.15
CA HIS E 342 -21.69 33.27 1.51
C HIS E 342 -22.96 34.07 1.29
N GLY E 343 -23.92 33.47 0.59
CA GLY E 343 -25.21 34.12 0.38
C GLY E 343 -25.34 34.69 -1.02
N ILE E 344 -26.10 35.78 -1.15
CA ILE E 344 -26.44 36.34 -2.47
C ILE E 344 -25.23 36.97 -3.20
N HIS E 345 -24.20 37.38 -2.43
CA HIS E 345 -23.01 38.01 -3.04
C HIS E 345 -21.85 37.02 -3.20
N PHE E 346 -22.16 35.72 -2.98
CA PHE E 346 -21.15 34.67 -3.06
C PHE E 346 -20.38 34.82 -4.37
N CYS E 347 -19.06 34.76 -4.24
CA CYS E 347 -18.15 35.07 -5.33
C CYS E 347 -18.61 34.54 -6.70
N LEU E 348 -18.81 35.46 -7.65
CA LEU E 348 -19.16 35.08 -9.01
C LEU E 348 -18.06 34.27 -9.69
N GLY E 349 -16.81 34.54 -9.33
CA GLY E 349 -15.66 33.93 -9.98
C GLY E 349 -15.13 32.71 -9.25
N ALA E 350 -15.93 32.14 -8.34
CA ALA E 350 -15.47 31.04 -7.46
C ALA E 350 -14.84 29.89 -8.22
N GLN E 351 -15.54 29.35 -9.23
CA GLN E 351 -14.95 28.26 -10.02
C GLN E 351 -13.73 28.72 -10.83
N LEU E 352 -13.82 29.90 -11.44
CA LEU E 352 -12.67 30.44 -12.19
C LEU E 352 -11.42 30.57 -11.32
N ALA E 353 -11.58 31.11 -10.11
CA ALA E 353 -10.48 31.26 -9.14
C ALA E 353 -9.91 29.89 -8.77
N ARG E 354 -10.77 28.94 -8.41
CA ARG E 354 -10.32 27.58 -8.06
C ARG E 354 -9.51 26.95 -9.21
N LEU E 355 -9.96 27.13 -10.45
CA LEU E 355 -9.29 26.56 -11.64
C LEU E 355 -7.92 27.20 -11.87
N GLU E 356 -7.89 28.53 -11.92
CA GLU E 356 -6.66 29.31 -12.00
C GLU E 356 -5.64 28.95 -10.88
N GLY E 357 -6.12 28.78 -9.64
CA GLY E 357 -5.26 28.37 -8.51
C GLY E 357 -4.70 26.95 -8.66
N ARG E 358 -5.59 25.99 -8.86
CA ARG E 358 -5.20 24.59 -9.09
C ARG E 358 -4.19 24.44 -10.25
N VAL E 359 -4.48 25.06 -11.40
CA VAL E 359 -3.57 25.04 -12.54
C VAL E 359 -2.25 25.75 -12.24
N ALA E 360 -2.33 26.98 -11.72
CA ALA E 360 -1.12 27.80 -11.50
C ALA E 360 -0.18 27.16 -10.47
N ILE E 361 -0.72 26.77 -9.32
CA ILE E 361 0.06 26.15 -8.23
C ILE E 361 0.56 24.75 -8.65
N GLY E 362 -0.37 23.87 -9.05
CA GLY E 362 -0.06 22.48 -9.44
C GLY E 362 1.04 22.40 -10.48
N ARG E 363 0.89 23.20 -11.55
CA ARG E 363 1.83 23.10 -12.67
C ARG E 363 3.18 23.73 -12.35
N LEU E 364 3.18 24.72 -11.45
CA LEU E 364 4.43 25.34 -11.02
C LEU E 364 5.30 24.32 -10.27
N PHE E 365 4.73 23.66 -9.27
CA PHE E 365 5.50 22.69 -8.48
C PHE E 365 5.86 21.38 -9.24
N ALA E 366 4.99 20.93 -10.14
CA ALA E 366 5.34 19.84 -11.06
C ALA E 366 6.49 20.25 -11.98
N ASP E 367 6.48 21.49 -12.46
CA ASP E 367 7.50 21.94 -13.41
C ASP E 367 8.83 22.41 -12.81
N ARG E 368 8.77 22.99 -11.61
CA ARG E 368 10.00 23.40 -10.91
C ARG E 368 10.02 22.75 -9.53
N PRO E 369 10.44 21.47 -9.46
CA PRO E 369 10.48 20.70 -8.22
C PRO E 369 11.34 21.34 -7.11
N GLU E 370 12.31 22.16 -7.51
CA GLU E 370 13.27 22.72 -6.57
C GLU E 370 13.05 24.21 -6.27
N LEU E 371 11.90 24.72 -6.67
CA LEU E 371 11.48 26.08 -6.34
C LEU E 371 11.75 26.38 -4.87
N ALA E 372 12.40 27.52 -4.63
CA ALA E 372 12.66 28.00 -3.28
C ALA E 372 12.57 29.53 -3.21
N LEU E 373 12.28 30.07 -2.01
CA LEU E 373 12.41 31.52 -1.78
C LEU E 373 13.86 31.92 -2.00
N ALA E 374 14.05 33.13 -2.52
CA ALA E 374 15.39 33.67 -2.78
C ALA E 374 15.80 34.68 -1.70
N VAL E 375 14.85 35.03 -0.83
CA VAL E 375 15.10 35.90 0.34
C VAL E 375 14.63 35.14 1.56
N GLY E 376 14.95 35.65 2.76
CA GLY E 376 14.39 35.10 4.01
C GLY E 376 12.90 35.46 4.16
N LEU E 377 12.16 34.62 4.87
CA LEU E 377 10.72 34.80 5.08
C LEU E 377 10.37 36.16 5.67
N ASP E 378 11.19 36.64 6.61
CA ASP E 378 11.00 37.93 7.25
C ASP E 378 11.26 39.11 6.31
N GLU E 379 11.90 38.86 5.16
CA GLU E 379 12.22 39.92 4.20
C GLU E 379 11.09 40.20 3.20
N LEU E 380 10.07 39.35 3.21
CA LEU E 380 8.95 39.49 2.30
C LEU E 380 8.09 40.72 2.67
N VAL E 381 7.70 41.47 1.64
CA VAL E 381 6.94 42.71 1.77
C VAL E 381 5.47 42.46 1.39
N TYR E 382 4.56 42.68 2.34
CA TYR E 382 3.13 42.57 2.07
C TYR E 382 2.51 43.92 1.73
N ARG E 383 1.41 43.85 0.98
CA ARG E 383 0.66 45.03 0.60
C ARG E 383 -0.16 45.57 1.76
N ARG E 384 -0.31 46.89 1.85
CA ARG E 384 -1.15 47.43 2.92
C ARG E 384 -2.56 47.60 2.38
N SER E 385 -3.47 46.79 2.88
CA SER E 385 -4.84 46.76 2.35
C SER E 385 -5.78 46.19 3.35
N THR E 386 -6.95 46.80 3.50
CA THR E 386 -7.99 46.25 4.37
C THR E 386 -8.87 45.25 3.61
N LEU E 387 -8.51 44.98 2.36
CA LEU E 387 -9.30 44.07 1.55
C LEU E 387 -8.57 42.77 1.27
N VAL E 388 -7.26 42.89 1.04
CA VAL E 388 -6.45 41.87 0.44
C VAL E 388 -5.31 41.48 1.41
N ARG E 389 -5.01 40.18 1.52
CA ARG E 389 -3.80 39.69 2.20
C ARG E 389 -2.91 39.16 1.06
N GLY E 390 -1.89 39.93 0.70
CA GLY E 390 -1.06 39.60 -0.45
C GLY E 390 0.32 40.24 -0.49
N LEU E 391 1.28 39.47 -0.99
CA LEU E 391 2.65 39.92 -1.22
C LEU E 391 2.80 40.95 -2.32
N SER E 392 3.70 41.91 -2.12
CA SER E 392 4.03 42.87 -3.16
C SER E 392 4.88 42.21 -4.22
N ARG E 393 5.81 41.36 -3.77
CA ARG E 393 6.80 40.70 -4.63
C ARG E 393 7.12 39.38 -3.94
N MET E 394 7.61 38.40 -4.70
CA MET E 394 8.10 37.16 -4.09
C MET E 394 9.35 36.74 -4.81
N PRO E 395 10.52 37.19 -4.30
CA PRO E 395 11.78 36.76 -4.91
C PRO E 395 11.96 35.27 -4.73
N VAL E 396 12.07 34.57 -5.86
CA VAL E 396 12.27 33.12 -5.84
C VAL E 396 13.47 32.73 -6.71
N THR E 397 13.94 31.50 -6.47
CA THR E 397 14.84 30.79 -7.39
C THR E 397 14.03 29.61 -7.91
N MET E 398 13.85 29.58 -9.23
CA MET E 398 12.95 28.61 -9.86
C MET E 398 13.51 27.19 -9.81
N GLY E 399 14.81 27.08 -10.08
CA GLY E 399 15.46 25.79 -10.14
C GLY E 399 15.26 25.14 -11.49
N PRO E 400 15.85 23.95 -11.70
CA PRO E 400 15.77 23.29 -13.01
C PRO E 400 14.37 22.76 -13.30
N ARG E 401 14.05 22.63 -14.58
CA ARG E 401 12.77 22.12 -15.04
C ARG E 401 12.67 20.63 -14.88
N SER E 402 11.44 20.12 -14.75
CA SER E 402 11.19 18.70 -14.53
C SER E 402 11.31 17.91 -15.84
CHA HEM F . -23.56 -32.75 14.51
CHB HEM F . -21.85 -34.76 10.39
CHC HEM F . -18.51 -37.35 12.90
CHD HEM F . -20.62 -35.82 17.01
C1A HEM F . -23.35 -33.02 13.17
C2A HEM F . -24.03 -32.40 12.03
C3A HEM F . -23.58 -32.96 10.89
C4A HEM F . -22.56 -33.95 11.26
CMA HEM F . -24.02 -32.59 9.44
CAA HEM F . -25.09 -31.29 12.16
CBA HEM F . -26.46 -31.94 12.06
CGA HEM F . -27.53 -30.86 12.04
O1A HEM F . -27.24 -29.65 12.19
O2A HEM F . -28.70 -31.26 11.92
C1B HEM F . -20.76 -35.58 10.68
C2B HEM F . -19.89 -36.25 9.74
C3B HEM F . -18.97 -36.95 10.44
C4B HEM F . -19.24 -36.78 11.85
CMB HEM F . -20.01 -36.14 8.19
CAB HEM F . -17.84 -37.87 9.91
CBB HEM F . -17.24 -37.68 8.72
C1C HEM F . -18.76 -37.17 14.24
C2C HEM F . -18.01 -37.74 15.36
C3C HEM F . -18.59 -37.32 16.49
C4C HEM F . -19.72 -36.46 16.14
CMC HEM F . -16.75 -38.64 15.26
CAC HEM F . -18.11 -37.71 17.91
CBC HEM F . -17.98 -36.76 18.86
C1D HEM F . -21.62 -34.91 16.74
C2D HEM F . -22.47 -34.31 17.73
C3D HEM F . -23.37 -33.35 16.96
C4D HEM F . -23.01 -33.47 15.57
CMD HEM F . -22.49 -34.58 19.27
CAD HEM F . -24.47 -32.47 17.57
CBD HEM F . -23.81 -31.09 17.78
CGD HEM F . -24.80 -30.10 18.37
O1D HEM F . -26.01 -30.38 18.32
O2D HEM F . -24.38 -29.04 18.90
NA HEM F . -22.47 -33.94 12.65
NB HEM F . -20.35 -35.95 11.96
NC HEM F . -19.77 -36.40 14.77
ND HEM F . -21.95 -34.37 15.49
FE HEM F . -20.92 -34.94 13.71
O VD3 G . -38.51 -38.61 16.63
C1 VD3 G . -38.52 -41.94 18.50
C2 VD3 G . -39.08 -40.73 17.74
C3 VD3 G . -37.97 -39.78 17.24
C4 VD3 G . -37.10 -40.52 16.23
C5 VD3 G . -36.47 -41.69 16.97
C7 VD3 G . -35.15 -41.90 16.87
C8 VD3 G . -34.26 -41.05 16.07
C9 VD3 G . -33.48 -40.20 16.77
C10 VD3 G . -33.50 -40.22 18.28
C6 VD3 G . -37.31 -42.56 17.80
C11 VD3 G . -32.12 -40.69 18.74
C12 VD3 G . -30.96 -39.96 18.04
C13 VD3 G . -31.08 -39.84 16.52
C14 VD3 G . -32.46 -39.24 16.22
C15 VD3 G . -32.40 -38.81 14.76
C16 VD3 G . -30.95 -38.33 14.61
C17 VD3 G . -30.17 -38.82 15.85
C18 VD3 G . -30.90 -41.25 15.90
C19 VD3 G . -37.01 -43.83 17.99
C20 VD3 G . -28.76 -39.36 15.52
C21 VD3 G . -27.89 -39.40 16.78
C22 VD3 G . -28.10 -38.59 14.37
C23 VD3 G . -26.58 -38.73 14.30
C24 VD3 G . -26.01 -37.33 14.19
C25 VD3 G . -24.86 -37.27 13.20
C26 VD3 G . -25.12 -36.26 12.10
C27 VD3 G . -23.61 -36.95 14.00
C ACT H . -19.63 -23.32 11.14
O ACT H . -20.01 -23.70 10.00
OXT ACT H . -20.49 -22.74 11.87
CH3 ACT H . -18.22 -23.55 11.61
CA CA I . -10.03 -40.00 37.62
CA CA J . -6.64 -61.51 9.94
CA CA K . -21.86 -18.27 -7.05
C1 GOL L . -31.68 -17.98 1.05
O1 GOL L . -32.86 -17.29 0.71
C2 GOL L . -30.46 -17.26 0.45
O2 GOL L . -30.25 -16.03 1.10
C3 GOL L . -30.55 -17.03 -1.06
O3 GOL L . -29.41 -16.28 -1.47
C1 GOL M . -8.98 -36.98 36.81
O1 GOL M . -8.39 -38.12 37.41
C2 GOL M . -9.64 -37.54 35.57
O2 GOL M . -10.94 -38.07 35.72
C3 GOL M . -9.10 -37.07 34.22
O3 GOL M . -10.01 -37.45 33.22
CHA HEM N . 25.09 -16.26 0.44
CHB HEM N . 22.45 -19.11 3.40
CHC HEM N . 18.89 -15.79 3.23
CHD HEM N . 21.29 -13.19 -0.07
C1A HEM N . 24.72 -17.31 1.27
C2A HEM N . 25.55 -18.44 1.68
C3A HEM N . 24.82 -19.22 2.48
C4A HEM N . 23.50 -18.62 2.64
CMA HEM N . 25.26 -20.54 3.16
CAA HEM N . 27.02 -18.68 1.22
CBA HEM N . 27.07 -19.64 0.03
CGA HEM N . 28.47 -20.03 -0.33
O1A HEM N . 29.40 -19.44 0.27
O2A HEM N . 28.68 -20.95 -1.18
C1B HEM N . 21.25 -18.46 3.64
C2B HEM N . 20.18 -18.89 4.52
C3B HEM N . 19.20 -17.97 4.46
C4B HEM N . 19.61 -16.93 3.54
CMB HEM N . 20.22 -20.20 5.35
CAB HEM N . 17.81 -17.89 5.17
CBB HEM N . 17.60 -18.37 6.40
C1C HEM N . 19.18 -14.77 2.35
C2C HEM N . 18.36 -13.63 1.99
C3C HEM N . 19.03 -12.91 1.07
C4C HEM N . 20.30 -13.58 0.81
CMC HEM N . 16.96 -13.28 2.57
CAC HEM N . 18.52 -11.63 0.39
CBC HEM N . 19.33 -10.62 0.13
C1D HEM N . 22.54 -13.78 -0.29
C2D HEM N . 23.54 -13.32 -1.26
C3D HEM N . 24.72 -14.29 -1.10
C4D HEM N . 24.32 -15.22 -0.05
CMD HEM N . 23.42 -12.13 -2.23
CAD HEM N . 26.05 -14.25 -1.87
CBD HEM N . 27.02 -13.46 -1.01
CGD HEM N . 28.35 -13.36 -1.72
O1D HEM N . 28.60 -14.13 -2.66
O2D HEM N . 29.16 -12.48 -1.34
NA HEM N . 23.49 -17.45 1.90
NB HEM N . 20.86 -17.28 3.06
NC HEM N . 20.35 -14.70 1.60
ND HEM N . 23.05 -14.88 0.38
FE HEM N . 22.01 -15.95 1.92
O VD3 O . 22.32 -26.67 -13.97
C1 VD3 O . 23.37 -23.76 -16.21
C2 VD3 O . 22.89 -25.16 -15.79
C3 VD3 O . 22.99 -25.42 -14.24
C4 VD3 O . 22.34 -24.34 -13.36
C5 VD3 O . 22.70 -22.95 -13.88
C7 VD3 O . 23.11 -21.94 -13.09
C8 VD3 O . 23.27 -21.99 -11.63
C9 VD3 O . 23.02 -20.88 -10.91
C10 VD3 O . 22.59 -19.61 -11.63
C6 VD3 O . 22.61 -22.75 -15.33
C11 VD3 O . 21.36 -18.99 -10.93
C12 VD3 O . 21.59 -18.82 -9.41
C13 VD3 O . 21.92 -20.16 -8.74
C14 VD3 O . 23.16 -20.78 -9.39
C15 VD3 O . 23.56 -22.02 -8.49
C16 VD3 O . 23.05 -21.50 -7.09
C17 VD3 O . 22.42 -20.08 -7.30
C18 VD3 O . 20.70 -21.08 -8.84
C19 VD3 O . 21.89 -21.79 -15.85
C20 VD3 O . 21.40 -19.61 -6.23
C21 VD3 O . 20.99 -18.15 -6.49
C22 VD3 O . 21.97 -19.66 -4.82
C23 VD3 O . 20.92 -19.14 -3.79
C24 VD3 O . 21.70 -18.35 -2.71
C25 VD3 O . 21.80 -19.18 -1.42
C26 VD3 O . 23.17 -19.78 -1.21
C27 VD3 O . 21.46 -18.27 -0.23
CHA HEM P . 40.29 15.60 -17.65
CHB HEM P . 41.59 15.17 -12.96
CHC HEM P . 44.78 11.71 -14.12
CHD HEM P . 43.89 12.47 -18.86
C1A HEM P . 40.33 15.73 -16.27
C2A HEM P . 39.48 16.58 -15.49
C3A HEM P . 39.85 16.46 -14.21
C4A HEM P . 40.95 15.54 -14.13
CMA HEM P . 39.23 17.19 -13.00
CAA HEM P . 38.32 17.46 -16.03
CBA HEM P . 38.76 18.92 -16.06
CGA HEM P . 37.70 19.84 -16.60
O1A HEM P . 36.54 19.43 -16.93
O2A HEM P . 38.03 21.03 -16.73
C1B HEM P . 42.55 14.20 -12.85
C2B HEM P . 43.16 13.72 -11.61
C3B HEM P . 44.04 12.77 -11.92
C4B HEM P . 44.04 12.60 -13.38
CMB HEM P . 42.87 14.19 -10.18
CAB HEM P . 44.89 12.03 -10.86
CBB HEM P . 45.56 10.95 -11.16
C1C HEM P . 44.82 11.61 -15.49
C2C HEM P . 45.67 10.73 -16.26
C3C HEM P . 45.44 10.93 -17.57
C4C HEM P . 44.42 11.97 -17.68
CMC HEM P . 46.67 9.70 -15.64
CAC HEM P . 46.14 10.22 -18.75
CBC HEM P . 45.47 9.72 -19.76
C1D HEM P . 42.88 13.43 -18.99
C2D HEM P . 42.42 14.00 -20.24
C3D HEM P . 41.31 14.96 -19.87
C4D HEM P . 41.19 14.89 -18.43
CMD HEM P . 42.96 13.72 -21.66
CAD HEM P . 40.49 15.85 -20.83
CBD HEM P . 39.22 15.05 -21.06
CGD HEM P . 38.32 15.75 -22.03
O1D HEM P . 38.45 16.98 -22.17
O2D HEM P . 37.45 15.06 -22.64
NA HEM P . 41.21 15.11 -15.41
NB HEM P . 43.11 13.51 -13.89
NC HEM P . 44.06 12.35 -16.38
ND HEM P . 42.15 13.99 -17.96
FE HEM P . 42.48 13.57 -15.90
O VD3 Q . 48.74 31.23 -19.29
C1 VD3 Q . 49.77 30.71 -22.88
C2 VD3 Q . 49.68 31.33 -21.49
C3 VD3 Q . 48.64 30.64 -20.58
C4 VD3 Q . 48.86 29.10 -20.46
C5 VD3 Q . 49.15 28.50 -21.83
C7 VD3 Q . 48.60 27.35 -22.29
C8 VD3 Q . 47.66 26.50 -21.55
C9 VD3 Q . 47.66 25.17 -21.75
C10 VD3 Q . 48.63 24.54 -22.75
C6 VD3 Q . 50.07 29.25 -22.68
C11 VD3 Q . 49.28 23.25 -22.16
C12 VD3 Q . 48.27 22.30 -21.44
C13 VD3 Q . 47.46 23.04 -20.37
C14 VD3 Q . 46.73 24.21 -21.04
C15 VD3 Q . 45.61 24.74 -20.07
C16 VD3 Q . 45.40 23.43 -19.17
C17 VD3 Q . 46.24 22.29 -19.80
C18 VD3 Q . 48.45 23.49 -19.26
C19 VD3 Q . 51.15 28.68 -23.21
C20 VD3 Q . 46.57 21.11 -18.86
C21 VD3 Q . 47.20 19.93 -19.61
C22 VD3 Q . 45.35 20.62 -18.08
C23 VD3 Q . 45.71 19.46 -17.12
C24 VD3 Q . 44.76 18.29 -17.36
C25 VD3 Q . 44.35 17.63 -16.05
C26 VD3 Q . 43.03 18.17 -15.47
C27 VD3 Q . 44.32 16.13 -16.29
C ACT R . 49.63 -2.27 -34.44
O ACT R . 50.08 -1.16 -34.79
OXT ACT R . 49.79 -3.22 -35.27
CH3 ACT R . 48.97 -2.45 -33.11
C ACT S . 30.66 11.53 -14.53
O ACT S . 30.56 12.25 -15.56
OXT ACT S . 30.49 12.12 -13.42
CH3 ACT S . 30.96 10.06 -14.63
CA CA T . 52.48 -2.12 -35.75
CHA HEM U . -35.21 -1.37 8.21
CHB HEM U . -33.17 0.24 4.07
CHC HEM U . -36.92 3.28 3.40
CHD HEM U . -38.63 2.14 7.81
C1A HEM U . -34.36 -1.24 7.12
C2A HEM U . -33.20 -2.06 6.86
C3A HEM U . -32.63 -1.59 5.72
C4A HEM U . -33.43 -0.50 5.21
CMA HEM U . -31.33 -2.11 5.03
CAA HEM U . -32.73 -3.21 7.77
CBA HEM U . -31.62 -2.73 8.69
CGA HEM U . -31.00 -3.86 9.44
O1A HEM U . -31.49 -5.02 9.44
O2A HEM U . -30.00 -3.58 10.12
C1B HEM U . -34.01 1.18 3.51
C2B HEM U . -33.83 1.84 2.24
C3B HEM U . -34.87 2.66 2.05
C4B HEM U . -35.73 2.58 3.20
CMB HEM U . -32.67 1.60 1.25
CAB HEM U . -35.11 3.60 0.85
CBB HEM U . -34.85 3.26 -0.41
C1C HEM U . -37.73 3.25 4.50
C2C HEM U . -38.92 4.02 4.73
C3C HEM U . -39.38 3.72 5.95
C4C HEM U . -38.51 2.72 6.55
CMC HEM U . -39.53 5.05 3.74
CAC HEM U . -40.62 4.33 6.63
CBC HEM U . -41.66 3.56 6.95
C1D HEM U . -37.85 1.12 8.35
C2D HEM U . -38.00 0.59 9.67
C3D HEM U . -36.94 -0.50 9.78
C4D HEM U . -36.24 -0.52 8.52
CMD HEM U . -39.03 1.02 10.77
CAD HEM U . -36.67 -1.39 11.00
CBD HEM U . -37.53 -2.63 10.81
CGD HEM U . -37.33 -3.63 11.91
O1D HEM U . -36.38 -3.49 12.74
O2D HEM U . -38.13 -4.59 11.98
NA HEM U . -34.47 -0.31 6.10
NB HEM U . -35.19 1.65 4.08
NC HEM U . -37.52 2.46 5.64
ND HEM U . -36.81 0.45 7.71
FE HEM U . -36.15 0.90 5.76
O VD3 V . -26.19 8.45 21.99
C1 VD3 V . -26.40 8.69 18.76
C2 VD3 V . -27.30 9.14 19.94
C3 VD3 V . -27.31 8.15 21.13
C4 VD3 V . -27.18 6.67 20.72
C5 VD3 V . -27.52 6.43 19.26
C7 VD3 V . -28.42 5.44 19.05
C8 VD3 V . -28.97 4.91 17.80
C9 VD3 V . -29.69 5.58 16.87
C10 VD3 V . -30.07 7.04 17.03
C6 VD3 V . -26.85 7.28 18.25
C11 VD3 V . -31.10 7.62 16.03
C12 VD3 V . -31.64 6.63 14.99
C13 VD3 V . -30.59 5.66 14.49
C14 VD3 V . -30.18 4.79 15.68
C15 VD3 V . -29.30 3.69 15.06
C16 VD3 V . -30.01 3.42 13.73
C17 VD3 V . -31.09 4.51 13.59
C18 VD3 V . -29.43 6.41 13.81
C19 VD3 V . -26.61 6.87 16.94
C20 VD3 V . -31.47 4.88 12.17
C21 VD3 V . -32.92 5.37 12.14
C22 VD3 V . -31.33 3.67 11.25
C23 VD3 V . -31.86 4.00 9.86
C24 VD3 V . -32.88 2.94 9.53
C25 VD3 V . -32.88 2.74 8.04
C26 VD3 V . -32.09 1.49 7.69
C27 VD3 V . -34.34 2.68 7.62
C ACT W . -36.65 -10.73 2.86
O ACT W . -36.69 -10.98 4.09
OXT ACT W . -35.52 -10.82 2.33
CH3 ACT W . -37.83 -10.31 2.04
CA CA X . -59.81 9.08 14.44
CHA HEM Y . -17.67 38.53 -4.64
CHB HEM Y . -13.50 36.58 -2.93
CHC HEM Y . -11.90 35.74 -7.42
CHD HEM Y . -15.72 38.21 -9.13
C1A HEM Y . -16.71 38.03 -3.76
C2A HEM Y . -16.79 37.95 -2.31
C3A HEM Y . -15.64 37.41 -1.85
C4A HEM Y . -14.78 37.14 -2.98
CMA HEM Y . -15.25 37.15 -0.38
CAA HEM Y . -18.01 38.43 -1.50
CBA HEM Y . -17.85 39.89 -1.08
CGA HEM Y . -18.97 40.28 -0.13
O1A HEM Y . -19.98 39.54 -0.03
O2A HEM Y . -18.87 41.34 0.54
C1B HEM Y . -12.69 36.16 -3.97
C2B HEM Y . -11.45 35.42 -3.88
C3B HEM Y . -10.99 35.19 -5.12
C4B HEM Y . -11.95 35.76 -6.05
CMB HEM Y . -10.79 34.98 -2.55
CAB HEM Y . -9.71 34.45 -5.58
CBB HEM Y . -9.14 33.47 -4.87
C1C HEM Y . -12.81 36.33 -8.27
C2C HEM Y . -12.71 36.37 -9.70
C3C HEM Y . -13.74 37.05 -10.17
C4C HEM Y . -14.56 37.47 -9.05
CMC HEM Y . -11.59 35.74 -10.57
CAC HEM Y . -13.99 37.32 -11.68
CBC HEM Y . -15.19 37.09 -12.19
C1D HEM Y . -16.58 38.54 -8.10
C2D HEM Y . -17.74 39.37 -8.27
C3D HEM Y . -18.36 39.48 -6.88
C4D HEM Y . -17.51 38.72 -5.99
CMD HEM Y . -18.26 40.01 -9.60
CAD HEM Y . -19.64 40.23 -6.56
CBD HEM Y . -20.79 39.20 -6.51
CGD HEM Y . -22.09 39.83 -6.09
O1D HEM Y . -22.13 40.91 -5.43
O2D HEM Y . -23.15 39.26 -6.43
NA HEM Y . -15.47 37.52 -4.12
NB HEM Y . -12.97 36.34 -5.31
NC HEM Y . -13.96 37.03 -7.89
ND HEM Y . -16.48 38.20 -6.76
FE HEM Y . -14.86 37.05 -6.09
O VD3 Z . -13.58 57.07 -4.01
C1 VD3 Z . -12.35 54.21 -3.70
C2 VD3 Z . -12.89 54.93 -4.98
C3 VD3 Z . -14.05 55.92 -4.73
C4 VD3 Z . -15.21 55.28 -3.97
C5 VD3 Z . -14.88 53.84 -3.59
C7 VD3 Z . -15.81 52.91 -3.84
C8 VD3 Z . -15.68 51.47 -3.54
C9 VD3 Z . -15.36 50.62 -4.53
C10 VD3 Z . -15.18 51.12 -5.94
C6 VD3 Z . -13.56 53.58 -2.99
C11 VD3 Z . -14.15 50.31 -6.74
C12 VD3 Z . -14.30 48.77 -6.54
C13 VD3 Z . -14.19 48.40 -5.08
C14 VD3 Z . -15.26 49.13 -4.26
C15 VD3 Z . -15.20 48.57 -2.82
C16 VD3 Z . -14.66 47.11 -3.10
C17 VD3 Z . -14.76 47.05 -4.63
C18 VD3 Z . -12.76 48.64 -4.57
C19 VD3 Z . -13.39 52.86 -1.88
C20 VD3 Z . -14.46 45.75 -5.40
C21 VD3 Z . -15.55 44.74 -5.01
C22 VD3 Z . -13.06 45.14 -5.31
C23 VD3 Z . -13.04 43.79 -4.58
C24 VD3 Z . -13.34 42.57 -5.47
C25 VD3 Z . -13.34 41.26 -4.66
C26 VD3 Z . -14.22 41.28 -3.41
C27 VD3 Z . -13.78 40.12 -5.58
C ACT AA . -21.58 36.81 -30.90
O ACT AA . -21.38 37.97 -30.42
OXT ACT AA . -22.17 36.76 -32.03
CH3 ACT AA . -21.12 35.60 -30.16
C ACT BA . -22.77 29.80 -0.58
O ACT BA . -23.64 30.70 -0.61
OXT ACT BA . -22.20 29.63 0.52
CH3 ACT BA . -22.42 28.99 -1.79
CA CA CA . -20.30 39.08 -32.96
#